data_6X6V
#
_entry.id   6X6V
#
_cell.length_a   82.770
_cell.length_b   101.100
_cell.length_c   104.330
_cell.angle_alpha   98.800
_cell.angle_beta   112.360
_cell.angle_gamma   106.720
#
_symmetry.space_group_name_H-M   'P 1'
#
loop_
_entity.id
_entity.type
_entity.pdbx_description
1 polymer CdtA
2 non-polymer 'NADPH DIHYDRO-NICOTINAMIDE-ADENINE-DINUCLEOTIDE PHOSPHATE'
3 water water
#
_entity_poly.entity_id   1
_entity_poly.type   'polypeptide(L)'
_entity_poly.pdbx_seq_one_letter_code
;MVANTTYKAPIERPEDFLKDKEKAKEWERKEAERIEQKLERSEKEALESYKKDSVEISKYSQTRNYFYDYQIEANSREKE
YKELRNAISKNKIDKPMYVYYFESPEKFAFNKVIRTENQNEISLEKFNEFKETIQNKLFKQDGFKDISLYEPGKGDEKPT
PLLMHLKLPRNTGMLPYTNTNNVSTLIEQGYSIKIDKIVRIVIDGKHYIKAEASVVSSLDFKDDVSKGDSWGKANYNDWS
NKLTPNELADVNDYMRGGYTAINNYLISNGPVNNPNPELDSKITNIENALKREPIPTNLTVYRRSGPQEFGLTLTSPEYD
FNKLENIDAFKSKWEGQALSYPNFIFTSIGSVNMSAFAKRKIVLRITIPKGSPGAYLSAIPGYAGQYQVLLNHGSKFKIN
KIDSYKDGTITKLIVDATLIPLEHHHHHH
;
_entity_poly.pdbx_strand_id   A,B,C,D
#
loop_
_chem_comp.id
_chem_comp.type
_chem_comp.name
_chem_comp.formula
NDP non-polymer 'NADPH DIHYDRO-NICOTINAMIDE-ADENINE-DINUCLEOTIDE PHOSPHATE' 'C21 H30 N7 O17 P3'
#
# COMPACT_ATOMS: atom_id res chain seq x y z
N THR A 6 -19.99 20.26 -20.95
CA THR A 6 -20.72 20.55 -19.70
C THR A 6 -21.64 19.36 -19.27
N TYR A 7 -21.54 18.96 -17.98
CA TYR A 7 -22.28 17.84 -17.39
C TYR A 7 -23.75 18.18 -17.16
N LYS A 8 -24.64 17.29 -17.65
CA LYS A 8 -26.09 17.38 -17.48
C LYS A 8 -26.45 16.66 -16.18
N ALA A 9 -26.96 17.41 -15.20
CA ALA A 9 -27.39 16.87 -13.90
C ALA A 9 -28.57 15.91 -14.06
N PRO A 10 -28.66 14.86 -13.20
CA PRO A 10 -29.85 13.97 -13.27
C PRO A 10 -31.17 14.71 -12.98
N ILE A 11 -31.13 15.70 -12.06
CA ILE A 11 -32.26 16.55 -11.69
C ILE A 11 -31.78 17.99 -11.72
N GLU A 12 -32.18 18.73 -12.79
CA GLU A 12 -31.83 20.14 -13.06
C GLU A 12 -32.26 21.11 -11.96
N ARG A 13 -31.40 22.11 -11.69
CA ARG A 13 -31.59 23.18 -10.71
C ARG A 13 -30.69 24.40 -11.03
N PRO A 14 -30.98 25.63 -10.52
CA PRO A 14 -30.01 26.71 -10.74
C PRO A 14 -28.91 26.64 -9.68
N GLU A 15 -27.93 27.56 -9.73
CA GLU A 15 -26.90 27.58 -8.68
C GLU A 15 -27.52 28.13 -7.41
N ASP A 16 -28.54 28.97 -7.56
CA ASP A 16 -29.24 29.63 -6.47
C ASP A 16 -30.76 29.64 -6.72
N PHE A 17 -31.53 29.10 -5.75
CA PHE A 17 -33.00 29.11 -5.84
C PHE A 17 -33.56 30.45 -5.39
N LEU A 18 -32.71 31.29 -4.76
CA LEU A 18 -33.04 32.63 -4.26
C LEU A 18 -34.17 32.55 -3.23
N LYS A 19 -35.29 33.27 -3.43
CA LYS A 19 -36.43 33.26 -2.50
C LYS A 19 -37.47 32.16 -2.78
N ASP A 20 -37.35 31.47 -3.94
CA ASP A 20 -38.26 30.41 -4.40
C ASP A 20 -38.21 29.11 -3.53
N LYS A 21 -38.87 29.18 -2.35
CA LYS A 21 -39.00 28.07 -1.40
C LYS A 21 -39.64 26.87 -2.06
N GLU A 22 -40.70 27.09 -2.87
CA GLU A 22 -41.46 26.06 -3.59
C GLU A 22 -40.56 25.19 -4.48
N LYS A 23 -39.84 25.82 -5.43
CA LYS A 23 -38.97 25.11 -6.35
C LYS A 23 -37.79 24.48 -5.68
N ALA A 24 -37.26 25.14 -4.62
CA ALA A 24 -36.16 24.65 -3.80
C ALA A 24 -36.53 23.33 -3.08
N LYS A 25 -37.68 23.33 -2.35
CA LYS A 25 -38.18 22.18 -1.60
C LYS A 25 -38.57 21.05 -2.53
N GLU A 26 -39.15 21.40 -3.68
CA GLU A 26 -39.52 20.50 -4.78
C GLU A 26 -38.25 19.78 -5.30
N TRP A 27 -37.15 20.52 -5.52
CA TRP A 27 -35.89 19.93 -5.99
C TRP A 27 -35.21 19.08 -4.89
N GLU A 28 -35.25 19.60 -3.66
CA GLU A 28 -34.65 18.98 -2.48
C GLU A 28 -35.29 17.63 -2.18
N ARG A 29 -36.63 17.49 -2.40
CA ARG A 29 -37.41 16.27 -2.22
C ARG A 29 -37.06 15.24 -3.30
N LYS A 30 -36.95 15.68 -4.57
CA LYS A 30 -36.55 14.85 -5.71
C LYS A 30 -35.11 14.34 -5.56
N GLU A 31 -34.21 15.18 -5.05
CA GLU A 31 -32.80 14.82 -4.88
C GLU A 31 -32.56 13.97 -3.61
N ALA A 32 -33.45 14.05 -2.61
CA ALA A 32 -33.40 13.24 -1.38
C ALA A 32 -33.79 11.84 -1.75
N GLU A 33 -34.78 11.71 -2.65
CA GLU A 33 -35.32 10.46 -3.18
C GLU A 33 -34.27 9.81 -4.06
N ARG A 34 -33.59 10.60 -4.94
CA ARG A 34 -32.55 10.12 -5.85
C ARG A 34 -31.33 9.57 -5.12
N ILE A 35 -30.83 10.32 -4.13
CA ILE A 35 -29.64 9.95 -3.38
C ILE A 35 -29.94 8.76 -2.46
N GLU A 36 -31.17 8.67 -1.90
CA GLU A 36 -31.61 7.55 -1.06
C GLU A 36 -31.27 6.20 -1.75
N GLN A 37 -31.49 6.11 -3.08
CA GLN A 37 -31.24 4.95 -3.92
C GLN A 37 -29.74 4.60 -4.02
N LYS A 38 -28.88 5.63 -4.04
CA LYS A 38 -27.43 5.48 -4.12
C LYS A 38 -26.79 5.06 -2.76
N LEU A 39 -27.55 5.23 -1.64
CA LEU A 39 -27.06 4.97 -0.27
C LEU A 39 -27.00 3.52 0.15
N GLU A 40 -26.02 3.22 1.01
CA GLU A 40 -25.78 1.92 1.63
C GLU A 40 -26.67 1.80 2.85
N ARG A 41 -26.94 0.54 3.31
CA ARG A 41 -27.77 0.23 4.49
C ARG A 41 -27.14 0.89 5.73
N SER A 42 -25.81 0.77 5.88
CA SER A 42 -25.03 1.33 6.99
C SER A 42 -25.15 2.86 7.02
N GLU A 43 -25.17 3.48 5.83
CA GLU A 43 -25.30 4.91 5.59
C GLU A 43 -26.71 5.38 5.88
N LYS A 44 -27.72 4.64 5.36
CA LYS A 44 -29.14 4.94 5.57
C LYS A 44 -29.46 4.88 7.08
N GLU A 45 -28.92 3.85 7.76
CA GLU A 45 -29.09 3.64 9.21
C GLU A 45 -28.48 4.78 10.03
N ALA A 46 -27.31 5.27 9.59
CA ALA A 46 -26.58 6.40 10.19
C ALA A 46 -27.41 7.69 10.03
N LEU A 47 -28.01 7.91 8.85
CA LEU A 47 -28.89 9.05 8.59
C LEU A 47 -30.11 9.05 9.52
N GLU A 48 -30.53 7.85 9.97
CA GLU A 48 -31.63 7.70 10.94
C GLU A 48 -31.16 8.07 12.35
N SER A 49 -29.89 7.73 12.67
CA SER A 49 -29.22 8.04 13.93
C SER A 49 -29.02 9.55 14.06
N TYR A 50 -28.74 10.24 12.93
CA TYR A 50 -28.55 11.70 12.86
C TYR A 50 -29.84 12.43 13.20
N LYS A 51 -30.97 12.01 12.61
CA LYS A 51 -32.29 12.60 12.84
C LYS A 51 -32.58 12.80 14.32
N LYS A 52 -32.37 11.75 15.13
CA LYS A 52 -32.61 11.71 16.57
C LYS A 52 -31.61 12.51 17.41
N ASP A 53 -30.30 12.34 17.16
CA ASP A 53 -29.20 12.94 17.94
C ASP A 53 -28.29 13.90 17.15
N SER A 54 -28.89 14.78 16.32
CA SER A 54 -28.16 15.74 15.49
C SER A 54 -27.10 16.58 16.22
N VAL A 55 -27.40 17.13 17.39
CA VAL A 55 -26.50 18.02 18.15
C VAL A 55 -25.17 17.34 18.56
N GLU A 56 -25.22 16.16 19.23
CA GLU A 56 -24.06 15.42 19.73
C GLU A 56 -23.18 14.82 18.64
N ILE A 57 -23.83 14.39 17.55
CA ILE A 57 -23.23 13.83 16.33
C ILE A 57 -22.46 14.93 15.57
N SER A 58 -23.04 16.15 15.54
CA SER A 58 -22.42 17.29 14.89
C SER A 58 -21.27 17.89 15.71
N LYS A 59 -21.41 17.95 17.06
CA LYS A 59 -20.41 18.45 18.02
C LYS A 59 -19.16 17.57 17.94
N TYR A 60 -19.40 16.24 17.72
CA TYR A 60 -18.36 15.23 17.58
C TYR A 60 -17.59 15.47 16.28
N SER A 61 -18.29 15.61 15.15
CA SER A 61 -17.68 15.82 13.82
C SER A 61 -16.79 17.09 13.71
N GLN A 62 -16.88 18.01 14.67
CA GLN A 62 -16.13 19.26 14.72
C GLN A 62 -14.74 19.09 15.32
N THR A 63 -14.68 18.39 16.47
CA THR A 63 -13.48 18.22 17.28
C THR A 63 -12.95 16.78 17.35
N ARG A 64 -13.46 15.87 16.51
CA ARG A 64 -13.03 14.47 16.52
C ARG A 64 -11.56 14.25 16.12
N ASN A 65 -11.04 15.10 15.25
CA ASN A 65 -9.70 14.96 14.68
C ASN A 65 -8.57 15.47 15.57
N TYR A 66 -8.90 16.03 16.75
CA TYR A 66 -7.93 16.58 17.71
C TYR A 66 -7.50 15.58 18.79
N PHE A 67 -8.13 14.43 18.81
CA PHE A 67 -7.79 13.37 19.77
C PHE A 67 -6.72 12.48 19.13
N TYR A 68 -6.17 11.53 19.92
CA TYR A 68 -5.17 10.57 19.45
C TYR A 68 -5.78 9.69 18.39
N ASP A 69 -4.95 9.18 17.48
CA ASP A 69 -5.35 8.25 16.42
C ASP A 69 -6.17 7.05 16.97
N TYR A 70 -5.72 6.50 18.11
CA TYR A 70 -6.34 5.38 18.81
C TYR A 70 -7.64 5.77 19.49
N GLN A 71 -7.74 6.99 20.03
CA GLN A 71 -8.95 7.52 20.68
C GLN A 71 -10.04 7.69 19.62
N ILE A 72 -9.65 8.00 18.36
CA ILE A 72 -10.57 8.13 17.21
C ILE A 72 -11.15 6.74 16.89
N GLU A 73 -10.30 5.71 16.71
CA GLU A 73 -10.74 4.35 16.41
C GLU A 73 -11.58 3.71 17.55
N ALA A 74 -11.33 4.12 18.82
CA ALA A 74 -12.01 3.61 20.01
C ALA A 74 -13.36 4.27 20.31
N ASN A 75 -13.56 5.52 19.83
CA ASN A 75 -14.80 6.25 20.09
C ASN A 75 -16.04 5.56 19.52
N SER A 76 -17.09 5.47 20.35
CA SER A 76 -18.38 4.87 20.00
C SER A 76 -19.18 5.69 18.98
N ARG A 77 -18.81 6.96 18.83
CA ARG A 77 -19.43 7.90 17.89
C ARG A 77 -18.75 7.90 16.50
N GLU A 78 -17.60 7.24 16.39
CA GLU A 78 -16.76 7.25 15.20
C GLU A 78 -17.40 6.58 13.98
N LYS A 79 -17.96 5.35 14.13
CA LYS A 79 -18.59 4.63 13.00
C LYS A 79 -19.74 5.42 12.42
N GLU A 80 -20.51 6.06 13.31
CA GLU A 80 -21.64 6.92 12.94
C GLU A 80 -21.12 8.15 12.17
N TYR A 81 -20.00 8.72 12.64
CA TYR A 81 -19.38 9.83 11.94
C TYR A 81 -18.95 9.38 10.54
N LYS A 82 -18.22 8.26 10.46
CA LYS A 82 -17.67 7.73 9.22
C LYS A 82 -18.72 7.47 8.20
N GLU A 83 -19.85 6.85 8.60
CA GLU A 83 -20.97 6.50 7.73
C GLU A 83 -21.70 7.70 7.18
N LEU A 84 -21.95 8.69 8.06
CA LEU A 84 -22.61 9.94 7.71
C LEU A 84 -21.75 10.72 6.76
N ARG A 85 -20.43 10.79 7.06
CA ARG A 85 -19.38 11.39 6.22
C ARG A 85 -19.43 10.74 4.83
N ASN A 86 -19.50 9.41 4.77
CA ASN A 86 -19.56 8.63 3.55
C ASN A 86 -20.80 8.94 2.73
N ALA A 87 -21.99 9.00 3.39
CA ALA A 87 -23.26 9.30 2.73
C ALA A 87 -23.27 10.67 2.03
N ILE A 88 -22.75 11.73 2.72
CA ILE A 88 -22.65 13.09 2.17
C ILE A 88 -21.60 13.13 1.02
N SER A 89 -20.40 12.54 1.23
CA SER A 89 -19.29 12.41 0.26
C SER A 89 -19.65 11.58 -0.98
N LYS A 90 -20.74 10.77 -0.88
CA LYS A 90 -21.24 9.94 -1.96
C LYS A 90 -21.92 10.84 -2.98
N ASN A 91 -22.54 11.96 -2.55
CA ASN A 91 -23.15 12.91 -3.48
C ASN A 91 -22.46 14.27 -3.50
N LYS A 92 -21.37 14.37 -4.30
CA LYS A 92 -20.63 15.61 -4.51
C LYS A 92 -21.34 16.36 -5.66
N ILE A 93 -21.66 17.65 -5.45
CA ILE A 93 -22.41 18.46 -6.42
C ILE A 93 -21.60 18.73 -7.71
N ASP A 94 -22.27 18.58 -8.85
CA ASP A 94 -21.72 18.75 -10.19
C ASP A 94 -21.47 20.20 -10.59
N LYS A 95 -22.07 21.13 -9.85
CA LYS A 95 -21.93 22.57 -10.05
C LYS A 95 -22.14 23.26 -8.71
N PRO A 96 -21.72 24.54 -8.52
CA PRO A 96 -21.94 25.20 -7.20
C PRO A 96 -23.39 25.38 -6.79
N MET A 97 -23.58 25.54 -5.47
CA MET A 97 -24.90 25.75 -4.90
C MET A 97 -24.80 26.76 -3.77
N TYR A 98 -25.60 27.82 -3.86
CA TYR A 98 -25.67 28.82 -2.80
C TYR A 98 -26.64 28.28 -1.76
N VAL A 99 -26.18 28.24 -0.51
CA VAL A 99 -26.94 27.72 0.60
C VAL A 99 -27.17 28.83 1.62
N TYR A 100 -28.23 28.68 2.40
CA TYR A 100 -28.64 29.68 3.38
C TYR A 100 -28.79 29.04 4.74
N TYR A 101 -28.29 29.73 5.77
CA TYR A 101 -28.39 29.32 7.16
C TYR A 101 -28.17 30.49 8.10
N PHE A 102 -28.87 30.46 9.24
CA PHE A 102 -28.72 31.46 10.28
C PHE A 102 -27.50 31.16 11.10
N GLU A 103 -26.71 32.20 11.37
CA GLU A 103 -25.49 32.13 12.15
C GLU A 103 -25.57 33.13 13.29
N SER A 104 -24.82 32.87 14.37
CA SER A 104 -24.68 33.75 15.50
C SER A 104 -23.53 34.68 15.08
N PRO A 105 -23.59 35.99 15.36
CA PRO A 105 -22.47 36.87 14.98
C PRO A 105 -21.20 36.50 15.74
N GLU A 106 -21.37 35.81 16.92
CA GLU A 106 -20.32 35.30 17.83
C GLU A 106 -19.43 34.26 17.14
N LYS A 107 -19.91 33.65 16.05
CA LYS A 107 -19.19 32.68 15.25
C LYS A 107 -17.98 33.34 14.54
N PHE A 108 -18.05 34.68 14.36
CA PHE A 108 -17.03 35.49 13.72
C PHE A 108 -16.31 36.46 14.71
N ALA A 109 -16.48 36.18 16.02
CA ALA A 109 -15.95 36.92 17.15
C ALA A 109 -16.59 38.34 17.31
N PHE A 110 -17.88 38.48 16.88
CA PHE A 110 -18.67 39.69 17.06
C PHE A 110 -19.44 39.55 18.36
N ASN A 111 -18.86 40.11 19.41
CA ASN A 111 -19.31 40.03 20.79
C ASN A 111 -20.46 41.00 21.16
N LYS A 112 -20.88 41.87 20.21
CA LYS A 112 -21.96 42.84 20.41
C LYS A 112 -23.29 42.33 19.84
N VAL A 113 -24.40 42.84 20.38
CA VAL A 113 -25.75 42.47 19.95
C VAL A 113 -26.13 43.29 18.71
N ILE A 114 -26.31 42.63 17.55
CA ILE A 114 -26.71 43.27 16.28
C ILE A 114 -28.06 43.97 16.46
N ARG A 115 -29.06 43.19 16.91
CA ARG A 115 -30.41 43.63 17.28
C ARG A 115 -31.07 42.57 18.15
N THR A 116 -31.94 43.00 19.10
CA THR A 116 -32.68 42.11 20.00
C THR A 116 -33.83 41.46 19.21
N GLU A 117 -34.48 40.42 19.79
CA GLU A 117 -35.62 39.76 19.16
C GLU A 117 -36.75 40.75 18.90
N ASN A 118 -37.07 41.59 19.92
CA ASN A 118 -38.11 42.61 19.91
C ASN A 118 -37.88 43.66 18.84
N GLN A 119 -36.61 44.04 18.62
CA GLN A 119 -36.16 45.03 17.64
C GLN A 119 -36.37 44.59 16.18
N ASN A 120 -36.78 45.56 15.33
CA ASN A 120 -36.95 45.31 13.89
C ASN A 120 -35.76 45.88 13.15
N GLU A 121 -35.25 47.01 13.61
CA GLU A 121 -34.13 47.70 12.98
C GLU A 121 -32.80 47.25 13.54
N ILE A 122 -31.77 47.32 12.67
CA ILE A 122 -30.35 47.17 12.97
C ILE A 122 -29.81 48.56 12.67
N SER A 123 -29.00 49.12 13.57
CA SER A 123 -28.41 50.44 13.34
C SER A 123 -27.25 50.35 12.34
N LEU A 124 -26.96 51.48 11.67
CA LEU A 124 -25.83 51.62 10.76
C LEU A 124 -24.56 51.32 11.55
N GLU A 125 -24.51 51.83 12.82
CA GLU A 125 -23.41 51.61 13.76
C GLU A 125 -23.13 50.13 13.97
N LYS A 126 -24.14 49.33 14.31
CA LYS A 126 -23.98 47.89 14.51
C LYS A 126 -23.63 47.18 13.19
N PHE A 127 -24.26 47.60 12.06
CA PHE A 127 -24.02 47.06 10.72
C PHE A 127 -22.52 47.24 10.35
N ASN A 128 -22.01 48.46 10.50
CA ASN A 128 -20.62 48.82 10.18
C ASN A 128 -19.60 48.17 11.10
N GLU A 129 -19.93 48.04 12.41
CA GLU A 129 -19.08 47.39 13.43
C GLU A 129 -18.87 45.93 13.06
N PHE A 130 -19.96 45.24 12.64
CA PHE A 130 -19.92 43.83 12.23
C PHE A 130 -19.06 43.68 10.96
N LYS A 131 -19.28 44.56 9.95
CA LYS A 131 -18.53 44.58 8.69
C LYS A 131 -17.05 44.72 8.97
N GLU A 132 -16.70 45.59 9.95
CA GLU A 132 -15.32 45.84 10.38
C GLU A 132 -14.71 44.59 11.05
N THR A 133 -15.55 43.82 11.76
CA THR A 133 -15.14 42.62 12.46
C THR A 133 -14.85 41.49 11.45
N ILE A 134 -15.77 41.23 10.50
CA ILE A 134 -15.65 40.11 9.55
C ILE A 134 -14.71 40.39 8.32
N GLN A 135 -14.47 41.67 7.95
CA GLN A 135 -13.67 42.05 6.78
C GLN A 135 -12.22 41.57 6.81
N ASN A 136 -11.71 41.18 5.63
CA ASN A 136 -10.35 40.71 5.32
C ASN A 136 -9.89 39.49 6.15
N LYS A 137 -10.86 38.76 6.75
CA LYS A 137 -10.60 37.60 7.60
C LYS A 137 -11.08 36.31 6.98
N LEU A 138 -10.49 35.18 7.41
CA LEU A 138 -10.90 33.84 6.98
C LEU A 138 -11.30 33.05 8.21
N PHE A 139 -12.50 32.46 8.19
CA PHE A 139 -12.98 31.68 9.33
C PHE A 139 -13.26 30.24 8.94
N LYS A 140 -12.69 29.29 9.70
CA LYS A 140 -12.88 27.86 9.48
C LYS A 140 -14.26 27.39 9.97
N GLN A 141 -15.00 26.67 9.10
CA GLN A 141 -16.34 26.14 9.37
C GLN A 141 -16.32 24.60 9.32
N ASP A 142 -16.52 23.92 10.46
CA ASP A 142 -16.40 22.47 10.53
C ASP A 142 -17.61 21.75 11.14
N GLY A 143 -17.68 20.46 10.88
CA GLY A 143 -18.72 19.60 11.42
C GLY A 143 -20.01 19.60 10.65
N PHE A 144 -20.82 18.56 10.87
CA PHE A 144 -22.13 18.35 10.26
C PHE A 144 -23.08 19.52 10.50
N LYS A 145 -23.69 20.03 9.41
CA LYS A 145 -24.63 21.13 9.48
C LYS A 145 -25.77 20.96 8.52
N ASP A 146 -26.97 21.30 8.98
CA ASP A 146 -28.17 21.36 8.19
C ASP A 146 -28.21 22.73 7.53
N ILE A 147 -28.48 22.76 6.23
CA ILE A 147 -28.53 24.04 5.49
C ILE A 147 -29.82 24.14 4.68
N SER A 148 -30.20 25.36 4.27
CA SER A 148 -31.38 25.62 3.46
C SER A 148 -30.93 25.95 2.03
N LEU A 149 -31.80 25.66 1.07
CA LEU A 149 -31.54 25.85 -0.36
C LEU A 149 -32.19 27.10 -0.95
N TYR A 150 -32.83 27.90 -0.11
CA TYR A 150 -33.55 29.12 -0.50
C TYR A 150 -33.41 30.14 0.64
N GLU A 151 -33.67 31.41 0.34
CA GLU A 151 -33.65 32.49 1.32
C GLU A 151 -34.92 32.42 2.18
N PRO A 152 -34.77 32.33 3.51
CA PRO A 152 -35.95 32.27 4.40
C PRO A 152 -36.89 33.46 4.22
N GLY A 153 -38.18 33.21 4.41
CA GLY A 153 -39.24 34.19 4.23
C GLY A 153 -40.09 34.36 5.46
N LYS A 154 -41.26 35.02 5.28
CA LYS A 154 -42.22 35.33 6.35
C LYS A 154 -42.59 34.10 7.22
N GLY A 155 -42.81 32.96 6.56
CA GLY A 155 -43.21 31.72 7.21
C GLY A 155 -42.10 30.89 7.83
N ASP A 156 -40.87 31.03 7.33
CA ASP A 156 -39.72 30.26 7.79
C ASP A 156 -39.16 30.70 9.16
N GLU A 157 -38.45 29.77 9.85
CA GLU A 157 -37.82 30.02 11.15
C GLU A 157 -36.50 30.81 10.97
N LYS A 158 -36.42 32.01 11.60
CA LYS A 158 -35.28 32.94 11.52
C LYS A 158 -34.68 33.20 12.94
N PRO A 159 -33.92 32.23 13.49
CA PRO A 159 -33.44 32.34 14.90
C PRO A 159 -32.44 33.43 15.25
N THR A 160 -31.71 33.99 14.27
CA THR A 160 -30.71 35.04 14.52
C THR A 160 -30.91 36.22 13.55
N PRO A 161 -30.38 37.44 13.84
CA PRO A 161 -30.49 38.53 12.85
C PRO A 161 -29.44 38.43 11.72
N LEU A 162 -28.63 37.35 11.71
CA LEU A 162 -27.58 37.11 10.71
C LEU A 162 -27.87 35.90 9.83
N LEU A 163 -27.96 36.14 8.52
CA LEU A 163 -28.20 35.10 7.54
C LEU A 163 -26.95 34.93 6.69
N MET A 164 -26.43 33.72 6.66
CA MET A 164 -25.28 33.34 5.85
C MET A 164 -25.81 32.91 4.47
N HIS A 165 -25.23 33.48 3.42
CA HIS A 165 -25.53 33.17 2.04
C HIS A 165 -24.20 32.74 1.45
N LEU A 166 -23.95 31.42 1.56
CA LEU A 166 -22.71 30.74 1.20
C LEU A 166 -22.72 30.06 -0.17
N LYS A 167 -21.68 30.29 -0.98
CA LYS A 167 -21.54 29.59 -2.26
C LYS A 167 -20.70 28.34 -1.98
N LEU A 168 -21.32 27.17 -2.03
CA LEU A 168 -20.60 25.92 -1.86
C LEU A 168 -20.06 25.57 -3.23
N PRO A 169 -18.74 25.37 -3.36
CA PRO A 169 -18.19 25.12 -4.70
C PRO A 169 -18.59 23.78 -5.30
N ARG A 170 -18.16 23.55 -6.55
CA ARG A 170 -18.38 22.30 -7.23
C ARG A 170 -17.62 21.18 -6.47
N ASN A 171 -18.20 19.97 -6.44
CA ASN A 171 -17.74 18.72 -5.80
C ASN A 171 -17.90 18.73 -4.27
N THR A 172 -18.66 19.71 -3.74
CA THR A 172 -18.97 19.74 -2.32
C THR A 172 -19.99 18.63 -2.05
N GLY A 173 -19.70 17.81 -1.03
CA GLY A 173 -20.60 16.78 -0.57
C GLY A 173 -21.86 17.42 -0.03
N MET A 174 -23.00 16.95 -0.51
CA MET A 174 -24.28 17.51 -0.13
C MET A 174 -25.32 16.42 -0.05
N LEU A 175 -25.96 16.28 1.11
CA LEU A 175 -26.94 15.21 1.32
C LEU A 175 -28.39 15.70 1.70
N PRO A 176 -29.26 15.87 0.68
CA PRO A 176 -30.67 16.16 0.97
C PRO A 176 -31.38 14.89 1.45
N TYR A 177 -32.27 15.02 2.47
CA TYR A 177 -32.99 13.92 3.12
C TYR A 177 -34.32 14.34 3.76
N THR A 178 -35.23 13.39 3.90
CA THR A 178 -36.54 13.59 4.52
C THR A 178 -36.48 13.25 6.01
N ASN A 179 -37.08 14.12 6.84
CA ASN A 179 -37.15 14.02 8.29
C ASN A 179 -38.63 14.26 8.61
N THR A 180 -39.38 13.16 8.79
CA THR A 180 -40.84 13.13 8.99
C THR A 180 -41.50 13.79 7.74
N ASN A 181 -42.32 14.85 7.93
CA ASN A 181 -42.95 15.57 6.83
C ASN A 181 -41.98 16.49 6.10
N ASN A 182 -40.95 16.97 6.79
CA ASN A 182 -39.96 17.90 6.27
C ASN A 182 -38.88 17.25 5.44
N VAL A 183 -38.13 18.10 4.71
CA VAL A 183 -36.95 17.76 3.89
C VAL A 183 -35.83 18.75 4.27
N SER A 184 -34.58 18.25 4.49
CA SER A 184 -33.40 19.05 4.86
C SER A 184 -32.13 18.58 4.11
N THR A 185 -31.06 19.40 4.08
CA THR A 185 -29.81 19.09 3.39
C THR A 185 -28.65 19.20 4.37
N LEU A 186 -27.91 18.10 4.51
CA LEU A 186 -26.77 17.99 5.39
C LEU A 186 -25.48 18.15 4.62
N ILE A 187 -24.56 18.92 5.20
CA ILE A 187 -23.18 19.15 4.74
C ILE A 187 -22.24 18.86 5.90
N GLU A 188 -21.00 18.47 5.57
CA GLU A 188 -20.01 18.13 6.58
C GLU A 188 -19.15 19.34 6.92
N GLN A 189 -19.21 20.39 6.09
CA GLN A 189 -18.39 21.60 6.19
C GLN A 189 -16.87 21.22 5.96
N GLY A 190 -15.96 21.73 6.80
CA GLY A 190 -14.54 21.46 6.69
C GLY A 190 -13.87 22.33 5.65
N TYR A 191 -14.03 23.67 5.78
CA TYR A 191 -13.48 24.68 4.87
C TYR A 191 -13.36 26.07 5.50
N SER A 192 -12.59 26.95 4.81
CA SER A 192 -12.34 28.35 5.12
C SER A 192 -13.39 29.17 4.36
N ILE A 193 -14.06 30.09 5.06
CA ILE A 193 -15.00 30.99 4.41
C ILE A 193 -14.55 32.44 4.59
N LYS A 194 -14.86 33.28 3.61
CA LYS A 194 -14.62 34.73 3.70
C LYS A 194 -15.96 35.38 3.41
N ILE A 195 -16.27 36.46 4.13
CA ILE A 195 -17.52 37.19 3.91
C ILE A 195 -17.09 38.42 3.12
N ASP A 196 -17.45 38.44 1.83
CA ASP A 196 -17.09 39.51 0.90
C ASP A 196 -17.91 40.77 1.07
N LYS A 197 -19.23 40.65 1.22
CA LYS A 197 -20.14 41.79 1.35
C LYS A 197 -21.24 41.48 2.31
N ILE A 198 -21.69 42.47 3.08
CA ILE A 198 -22.85 42.33 3.97
C ILE A 198 -23.89 43.33 3.51
N VAL A 199 -25.16 42.90 3.52
CA VAL A 199 -26.32 43.68 3.10
C VAL A 199 -27.36 43.63 4.20
N ARG A 200 -28.01 44.76 4.47
CA ARG A 200 -29.08 44.85 5.45
C ARG A 200 -30.39 44.61 4.67
N ILE A 201 -30.92 43.39 4.79
CA ILE A 201 -32.14 42.98 4.11
C ILE A 201 -33.32 42.96 5.07
N VAL A 202 -34.55 42.96 4.52
CA VAL A 202 -35.75 42.93 5.33
C VAL A 202 -36.57 41.66 5.04
N ILE A 203 -36.87 40.89 6.10
CA ILE A 203 -37.68 39.67 6.08
C ILE A 203 -38.80 39.87 7.12
N ASP A 204 -40.06 40.02 6.65
CA ASP A 204 -41.26 40.26 7.45
C ASP A 204 -41.07 41.44 8.42
N GLY A 205 -40.87 42.63 7.84
CA GLY A 205 -40.68 43.89 8.57
C GLY A 205 -39.60 43.91 9.62
N LYS A 206 -38.58 43.05 9.48
CA LYS A 206 -37.46 42.91 10.41
C LYS A 206 -36.15 42.97 9.60
N HIS A 207 -35.11 43.65 10.12
CA HIS A 207 -33.78 43.75 9.50
C HIS A 207 -32.93 42.51 9.78
N TYR A 208 -32.20 42.08 8.76
CA TYR A 208 -31.29 40.95 8.84
C TYR A 208 -30.04 41.29 8.06
N ILE A 209 -28.86 40.90 8.59
CA ILE A 209 -27.60 41.08 7.89
C ILE A 209 -27.40 39.81 7.06
N LYS A 210 -27.46 39.95 5.72
CA LYS A 210 -27.25 38.86 4.78
C LYS A 210 -25.79 38.90 4.42
N ALA A 211 -25.02 37.95 4.94
CA ALA A 211 -23.58 37.83 4.73
C ALA A 211 -23.32 37.02 3.46
N GLU A 212 -22.60 37.62 2.51
CA GLU A 212 -22.25 36.99 1.24
C GLU A 212 -20.94 36.25 1.45
N ALA A 213 -21.03 34.93 1.64
CA ALA A 213 -19.85 34.14 1.91
C ALA A 213 -19.42 33.24 0.76
N SER A 214 -18.11 33.01 0.70
CA SER A 214 -17.52 32.16 -0.32
C SER A 214 -16.51 31.24 0.32
N VAL A 215 -16.32 30.06 -0.27
CA VAL A 215 -15.35 29.11 0.24
C VAL A 215 -13.98 29.38 -0.41
N VAL A 216 -12.94 29.56 0.43
CA VAL A 216 -11.55 29.74 0.01
C VAL A 216 -10.91 28.38 0.22
N SER A 217 -10.76 27.62 -0.88
CA SER A 217 -10.25 26.25 -0.89
C SER A 217 -8.88 26.08 -0.29
N SER A 218 -8.73 25.06 0.53
CA SER A 218 -7.44 24.76 1.14
C SER A 218 -7.35 23.26 1.38
N LEU A 219 -6.17 22.75 1.61
CA LEU A 219 -5.98 21.35 1.96
C LEU A 219 -6.08 21.29 3.47
N ASP A 220 -6.85 20.34 3.98
CA ASP A 220 -7.02 20.09 5.40
C ASP A 220 -7.19 18.58 5.58
N PHE A 221 -6.09 17.92 5.92
CA PHE A 221 -6.01 16.47 6.11
C PHE A 221 -6.54 16.01 7.46
N LYS A 222 -6.54 16.91 8.46
CA LYS A 222 -7.01 16.67 9.84
C LYS A 222 -6.31 15.42 10.44
N ASP A 223 -7.02 14.31 10.62
CA ASP A 223 -6.48 13.04 11.14
C ASP A 223 -5.92 12.12 10.03
N ASP A 224 -6.25 12.41 8.74
CA ASP A 224 -5.77 11.61 7.61
C ASP A 224 -4.33 12.03 7.28
N VAL A 225 -3.41 11.61 8.17
CA VAL A 225 -1.96 11.91 8.12
C VAL A 225 -1.28 11.21 6.94
N SER A 226 -1.87 10.08 6.48
CA SER A 226 -1.44 9.27 5.33
C SER A 226 -1.62 10.03 4.00
N LYS A 227 -2.80 10.68 3.81
CA LYS A 227 -3.17 11.47 2.62
C LYS A 227 -2.32 12.70 2.53
N GLY A 228 -2.00 13.29 3.68
CA GLY A 228 -1.15 14.47 3.81
C GLY A 228 0.30 14.15 3.56
N ASP A 229 0.76 12.99 4.06
CA ASP A 229 2.12 12.49 3.84
C ASP A 229 2.33 12.23 2.34
N SER A 230 1.29 11.74 1.65
CA SER A 230 1.33 11.53 0.21
C SER A 230 1.47 12.90 -0.47
N TRP A 231 0.69 13.91 -0.04
CA TRP A 231 0.77 15.28 -0.58
C TRP A 231 2.16 15.91 -0.38
N GLY A 232 2.64 15.91 0.86
CA GLY A 232 3.91 16.52 1.23
C GLY A 232 5.10 15.93 0.53
N LYS A 233 5.11 14.59 0.37
CA LYS A 233 6.18 13.86 -0.32
C LYS A 233 6.09 14.07 -1.84
N ALA A 234 4.86 14.18 -2.38
CA ALA A 234 4.60 14.46 -3.80
C ALA A 234 5.23 15.80 -4.22
N ASN A 235 5.21 16.79 -3.31
CA ASN A 235 5.70 18.16 -3.49
C ASN A 235 7.12 18.40 -2.96
N TYR A 236 7.56 17.64 -1.93
CA TYR A 236 8.83 17.86 -1.28
C TYR A 236 9.81 16.66 -1.28
N ASN A 237 9.53 15.58 -2.04
CA ASN A 237 10.51 14.48 -2.12
C ASN A 237 11.83 14.89 -2.80
N ASP A 238 11.77 15.96 -3.61
CA ASP A 238 12.90 16.51 -4.36
C ASP A 238 13.49 17.77 -3.72
N TRP A 239 12.88 18.26 -2.63
CA TRP A 239 13.31 19.49 -1.92
C TRP A 239 14.77 19.46 -1.42
N SER A 240 15.25 18.29 -0.99
CA SER A 240 16.62 18.13 -0.50
C SER A 240 17.64 18.48 -1.56
N ASN A 241 17.42 18.01 -2.82
CA ASN A 241 18.32 18.27 -3.95
C ASN A 241 18.21 19.68 -4.50
N LYS A 242 17.27 20.48 -3.98
CA LYS A 242 17.10 21.86 -4.42
C LYS A 242 17.96 22.79 -3.57
N LEU A 243 18.50 22.24 -2.46
CA LEU A 243 19.32 22.98 -1.49
C LEU A 243 20.81 22.75 -1.66
N THR A 244 21.61 23.76 -1.26
CA THR A 244 23.08 23.71 -1.27
C THR A 244 23.47 22.74 -0.14
N PRO A 245 24.64 22.06 -0.21
CA PRO A 245 25.02 21.14 0.88
C PRO A 245 24.92 21.71 2.31
N ASN A 246 25.24 23.01 2.47
CA ASN A 246 25.18 23.73 3.74
C ASN A 246 23.76 23.99 4.20
N GLU A 247 22.84 24.35 3.27
CA GLU A 247 21.43 24.58 3.56
C GLU A 247 20.82 23.30 4.09
N LEU A 248 21.07 22.16 3.42
CA LEU A 248 20.59 20.86 3.86
C LEU A 248 21.19 20.47 5.20
N ALA A 249 22.52 20.65 5.39
CA ALA A 249 23.21 20.36 6.64
C ALA A 249 22.60 21.08 7.83
N ASP A 250 22.34 22.40 7.69
CA ASP A 250 21.72 23.25 8.74
C ASP A 250 20.24 22.91 8.99
N VAL A 251 19.50 22.50 7.94
CA VAL A 251 18.13 22.05 8.02
C VAL A 251 18.12 20.71 8.82
N ASN A 252 18.96 19.75 8.43
CA ASN A 252 19.10 18.45 9.11
C ASN A 252 19.48 18.63 10.57
N ASP A 253 20.49 19.47 10.87
CA ASP A 253 20.97 19.78 12.22
C ASP A 253 19.86 20.35 13.09
N TYR A 254 19.07 21.30 12.55
CA TYR A 254 17.94 21.95 13.22
C TYR A 254 16.87 20.90 13.58
N MET A 255 16.52 20.05 12.61
CA MET A 255 15.53 18.98 12.78
C MET A 255 16.00 17.88 13.74
N ARG A 256 17.30 17.59 13.75
CA ARG A 256 17.90 16.57 14.58
C ARG A 256 18.30 17.05 16.02
N GLY A 257 17.73 18.16 16.46
CA GLY A 257 17.96 18.66 17.80
C GLY A 257 18.53 20.06 17.95
N GLY A 258 18.97 20.64 16.84
CA GLY A 258 19.55 21.98 16.81
C GLY A 258 18.52 23.07 17.05
N TYR A 259 17.25 22.71 16.88
CA TYR A 259 16.11 23.61 17.03
C TYR A 259 16.05 24.32 18.37
N THR A 260 16.44 23.64 19.47
CA THR A 260 16.41 24.19 20.83
C THR A 260 17.25 25.47 20.94
N ALA A 261 18.57 25.37 20.64
CA ALA A 261 19.52 26.48 20.71
C ALA A 261 19.14 27.63 19.79
N ILE A 262 18.71 27.29 18.55
CA ILE A 262 18.27 28.24 17.50
C ILE A 262 16.99 29.01 17.89
N ASN A 263 15.91 28.30 18.25
CA ASN A 263 14.63 28.90 18.63
C ASN A 263 14.71 29.70 19.91
N ASN A 264 15.46 29.20 20.92
CA ASN A 264 15.66 29.91 22.20
C ASN A 264 16.36 31.23 21.97
N TYR A 265 17.39 31.21 21.09
CA TYR A 265 18.20 32.35 20.65
C TYR A 265 17.31 33.38 19.95
N LEU A 266 16.42 32.91 19.07
CA LEU A 266 15.49 33.77 18.34
C LEU A 266 14.42 34.37 19.27
N ILE A 267 13.85 33.57 20.20
CA ILE A 267 12.82 34.04 21.15
C ILE A 267 13.40 35.09 22.11
N SER A 268 14.67 34.88 22.56
CA SER A 268 15.34 35.78 23.49
C SER A 268 15.89 37.04 22.84
N ASN A 269 15.71 37.18 21.51
CA ASN A 269 16.21 38.31 20.68
C ASN A 269 17.75 38.34 20.69
N GLY A 270 18.34 37.16 20.75
CA GLY A 270 19.79 36.92 20.73
C GLY A 270 20.51 37.56 19.55
N PRO A 271 19.97 37.52 18.29
CA PRO A 271 20.70 38.18 17.17
C PRO A 271 21.06 39.65 17.39
N VAL A 272 20.36 40.29 18.34
CA VAL A 272 20.51 41.69 18.75
C VAL A 272 21.25 41.75 20.10
N ASN A 273 20.69 41.13 21.15
CA ASN A 273 21.21 41.12 22.51
C ASN A 273 22.57 40.43 22.66
N ASN A 274 22.69 39.16 22.24
CA ASN A 274 23.95 38.40 22.31
C ASN A 274 24.21 37.69 20.98
N PRO A 275 24.70 38.41 19.94
CA PRO A 275 24.83 37.79 18.61
C PRO A 275 25.72 36.59 18.56
N ASN A 276 25.24 35.53 17.91
CA ASN A 276 25.99 34.30 17.69
C ASN A 276 26.09 34.13 16.18
N PRO A 277 27.23 34.52 15.57
CA PRO A 277 27.36 34.40 14.11
C PRO A 277 27.20 33.00 13.53
N GLU A 278 27.59 31.93 14.30
CA GLU A 278 27.45 30.53 13.91
C GLU A 278 25.98 30.14 13.78
N LEU A 279 25.14 30.60 14.73
CA LEU A 279 23.70 30.39 14.77
C LEU A 279 22.99 31.26 13.70
N ASP A 280 23.47 32.50 13.50
CA ASP A 280 22.95 33.44 12.50
C ASP A 280 23.08 32.89 11.07
N SER A 281 24.19 32.16 10.78
CA SER A 281 24.41 31.53 9.47
C SER A 281 23.41 30.39 9.27
N LYS A 282 23.19 29.59 10.34
CA LYS A 282 22.25 28.47 10.38
C LYS A 282 20.84 28.97 10.09
N ILE A 283 20.41 30.05 10.77
CA ILE A 283 19.12 30.69 10.59
C ILE A 283 18.93 31.19 9.14
N THR A 284 19.94 31.90 8.57
CA THR A 284 19.96 32.42 7.19
C THR A 284 19.72 31.26 6.19
N ASN A 285 20.36 30.11 6.44
CA ASN A 285 20.30 28.92 5.59
C ASN A 285 19.00 28.17 5.65
N ILE A 286 18.38 28.06 6.84
CA ILE A 286 17.11 27.38 7.01
C ILE A 286 16.01 28.25 6.37
N GLU A 287 16.06 29.57 6.62
CA GLU A 287 15.10 30.51 6.05
C GLU A 287 15.11 30.46 4.54
N ASN A 288 16.31 30.45 3.92
CA ASN A 288 16.47 30.40 2.47
C ASN A 288 15.95 29.11 1.90
N ALA A 289 16.25 27.97 2.57
CA ALA A 289 15.77 26.63 2.25
C ALA A 289 14.22 26.57 2.21
N LEU A 290 13.54 27.26 3.17
CA LEU A 290 12.06 27.35 3.25
C LEU A 290 11.46 28.25 2.13
N LYS A 291 12.29 29.07 1.50
CA LYS A 291 11.91 29.98 0.42
C LYS A 291 12.14 29.37 -0.99
N ARG A 292 12.86 28.20 -1.07
CA ARG A 292 13.21 27.51 -2.32
C ARG A 292 12.01 26.97 -3.04
N GLU A 293 11.13 26.31 -2.28
CA GLU A 293 9.90 25.75 -2.78
C GLU A 293 8.76 26.16 -1.85
N PRO A 294 8.12 27.31 -2.10
CA PRO A 294 7.06 27.76 -1.19
C PRO A 294 5.83 26.86 -1.19
N ILE A 295 4.99 26.93 -0.12
CA ILE A 295 3.76 26.12 0.02
C ILE A 295 2.90 26.32 -1.25
N PRO A 296 2.69 25.26 -2.05
CA PRO A 296 2.11 25.47 -3.38
C PRO A 296 0.63 25.76 -3.45
N THR A 297 -0.08 25.37 -2.40
CA THR A 297 -1.53 25.50 -2.31
C THR A 297 -1.91 25.95 -0.90
N ASN A 298 -3.14 26.48 -0.73
CA ASN A 298 -3.58 26.88 0.60
C ASN A 298 -3.64 25.61 1.42
N LEU A 299 -2.89 25.60 2.52
CA LEU A 299 -2.66 24.44 3.38
C LEU A 299 -2.93 24.72 4.84
N THR A 300 -3.74 23.88 5.45
CA THR A 300 -4.07 23.98 6.87
C THR A 300 -3.12 23.09 7.66
N VAL A 301 -2.38 23.69 8.59
CA VAL A 301 -1.46 22.99 9.47
C VAL A 301 -1.90 23.14 10.91
N TYR A 302 -1.46 22.21 11.76
CA TYR A 302 -1.80 22.18 13.17
C TYR A 302 -0.56 22.19 14.04
N ARG A 303 -0.63 22.96 15.13
CA ARG A 303 0.43 23.09 16.10
C ARG A 303 -0.11 22.94 17.51
N ARG A 304 0.50 22.06 18.29
CA ARG A 304 0.19 21.92 19.69
C ARG A 304 1.04 23.00 20.38
N SER A 305 0.39 24.10 20.76
CA SER A 305 1.03 25.22 21.44
C SER A 305 0.94 25.06 22.96
N GLY A 306 1.94 25.61 23.65
CA GLY A 306 2.06 25.65 25.10
C GLY A 306 1.79 27.06 25.63
N PRO A 307 1.86 27.26 26.98
CA PRO A 307 1.48 28.56 27.55
C PRO A 307 2.37 29.76 27.19
N GLN A 308 3.72 29.62 27.20
CA GLN A 308 4.67 30.71 26.91
C GLN A 308 4.46 31.43 25.57
N GLU A 309 3.90 30.71 24.58
CA GLU A 309 3.58 31.22 23.23
C GLU A 309 2.49 32.28 23.27
N PHE A 310 1.67 32.27 24.35
CA PHE A 310 0.54 33.19 24.60
C PHE A 310 0.74 34.01 25.88
N GLY A 311 2.00 34.21 26.26
CA GLY A 311 2.41 34.97 27.43
C GLY A 311 1.94 34.41 28.77
N LEU A 312 1.94 33.07 28.91
CA LEU A 312 1.50 32.39 30.12
C LEU A 312 2.54 31.35 30.57
N THR A 313 2.26 30.64 31.67
CA THR A 313 3.09 29.58 32.24
C THR A 313 2.16 28.40 32.57
N LEU A 314 2.72 27.23 32.95
CA LEU A 314 1.91 26.07 33.32
C LEU A 314 1.19 26.30 34.64
N THR A 315 1.84 27.06 35.55
CA THR A 315 1.36 27.45 36.88
C THR A 315 0.38 28.65 36.82
N SER A 316 0.28 29.34 35.65
CA SER A 316 -0.60 30.50 35.43
C SER A 316 -2.08 30.11 35.54
N PRO A 317 -2.87 30.84 36.38
CA PRO A 317 -4.29 30.48 36.56
C PRO A 317 -5.16 30.69 35.31
N GLU A 318 -4.72 31.55 34.39
CA GLU A 318 -5.37 31.89 33.13
C GLU A 318 -5.27 30.74 32.10
N TYR A 319 -4.34 29.78 32.33
CA TYR A 319 -4.11 28.60 31.48
C TYR A 319 -5.09 27.48 31.86
N ASP A 320 -5.86 27.65 32.97
CA ASP A 320 -6.87 26.67 33.38
C ASP A 320 -8.17 26.95 32.64
N PHE A 321 -8.28 26.37 31.44
CA PHE A 321 -9.43 26.56 30.56
C PHE A 321 -10.68 25.78 31.02
N ASN A 322 -10.61 25.13 32.21
CA ASN A 322 -11.75 24.43 32.77
C ASN A 322 -12.71 25.39 33.45
N LYS A 323 -12.20 26.61 33.76
CA LYS A 323 -12.98 27.71 34.30
C LYS A 323 -13.31 28.58 33.09
N LEU A 324 -14.62 28.76 32.80
CA LEU A 324 -15.12 29.51 31.64
C LEU A 324 -14.56 30.92 31.53
N GLU A 325 -14.45 31.64 32.67
CA GLU A 325 -13.92 32.99 32.78
C GLU A 325 -12.54 33.16 32.11
N ASN A 326 -11.71 32.09 32.13
CA ASN A 326 -10.37 32.04 31.54
C ASN A 326 -10.40 31.93 30.02
N ILE A 327 -11.42 31.20 29.47
CA ILE A 327 -11.67 31.02 28.03
C ILE A 327 -12.10 32.39 27.45
N ASP A 328 -13.03 33.08 28.15
CA ASP A 328 -13.53 34.41 27.79
C ASP A 328 -12.39 35.41 27.79
N ALA A 329 -11.54 35.40 28.85
CA ALA A 329 -10.38 36.29 29.02
C ALA A 329 -9.34 36.07 27.92
N PHE A 330 -9.08 34.77 27.56
CA PHE A 330 -8.14 34.37 26.51
C PHE A 330 -8.67 34.86 25.16
N LYS A 331 -9.98 34.64 24.89
CA LYS A 331 -10.67 35.04 23.66
C LYS A 331 -10.63 36.54 23.47
N SER A 332 -10.93 37.29 24.55
CA SER A 332 -10.93 38.75 24.57
C SER A 332 -9.55 39.29 24.17
N LYS A 333 -8.48 38.76 24.81
CA LYS A 333 -7.09 39.14 24.59
C LYS A 333 -6.53 38.72 23.23
N TRP A 334 -6.82 37.49 22.76
CA TRP A 334 -6.22 36.95 21.54
C TRP A 334 -7.05 36.98 20.24
N GLU A 335 -8.38 37.12 20.29
CA GLU A 335 -9.17 37.18 19.04
C GLU A 335 -9.01 38.51 18.30
N GLY A 336 -8.66 38.43 17.01
CA GLY A 336 -8.46 39.60 16.16
C GLY A 336 -7.04 40.10 16.23
N GLN A 337 -6.21 39.44 17.04
CA GLN A 337 -4.82 39.79 17.27
C GLN A 337 -3.85 39.03 16.39
N ALA A 338 -2.71 39.69 16.09
CA ALA A 338 -1.60 39.14 15.33
C ALA A 338 -0.57 38.63 16.30
N LEU A 339 -0.25 37.33 16.14
CA LEU A 339 0.65 36.55 16.97
C LEU A 339 1.98 36.36 16.20
N SER A 340 3.08 36.98 16.69
CA SER A 340 4.38 36.89 16.03
C SER A 340 5.26 35.81 16.65
N TYR A 341 5.94 35.03 15.79
CA TYR A 341 6.83 33.98 16.24
C TYR A 341 8.28 34.32 15.84
N PRO A 342 9.16 34.73 16.78
CA PRO A 342 10.56 35.06 16.39
C PRO A 342 11.38 33.87 15.92
N ASN A 343 11.00 32.67 16.39
CA ASN A 343 11.57 31.37 16.10
C ASN A 343 10.88 30.71 14.88
N PHE A 344 11.51 29.67 14.31
CA PHE A 344 10.89 28.90 13.23
C PHE A 344 9.78 28.11 13.88
N ILE A 345 8.66 27.91 13.17
CA ILE A 345 7.48 27.24 13.72
C ILE A 345 7.30 25.81 13.21
N PHE A 346 7.25 24.85 14.17
CA PHE A 346 6.97 23.42 13.96
C PHE A 346 5.44 23.20 13.93
N THR A 347 4.92 22.73 12.80
CA THR A 347 3.50 22.45 12.58
C THR A 347 3.40 21.04 11.98
N SER A 348 2.19 20.46 11.95
CA SER A 348 1.94 19.14 11.39
C SER A 348 0.80 19.23 10.41
N ILE A 349 0.74 18.32 9.44
CA ILE A 349 -0.39 18.30 8.52
C ILE A 349 -1.57 17.62 9.21
N GLY A 350 -1.28 16.96 10.33
CA GLY A 350 -2.24 16.23 11.14
C GLY A 350 -2.65 16.92 12.44
N SER A 351 -3.96 16.95 12.68
CA SER A 351 -4.56 17.57 13.85
C SER A 351 -4.52 16.69 15.10
N VAL A 352 -4.29 15.37 14.93
CA VAL A 352 -4.26 14.38 16.02
C VAL A 352 -3.31 14.76 17.17
N ASN A 353 -3.68 14.36 18.40
CA ASN A 353 -2.85 14.60 19.57
C ASN A 353 -1.60 13.73 19.49
N MET A 354 -0.51 14.22 20.08
CA MET A 354 0.77 13.52 20.08
C MET A 354 1.29 13.40 21.52
N SER A 355 1.91 12.25 21.82
CA SER A 355 2.46 11.89 23.14
C SER A 355 3.26 13.01 23.81
N ALA A 356 4.17 13.67 23.08
CA ALA A 356 5.04 14.76 23.56
C ALA A 356 4.32 16.07 23.89
N PHE A 357 3.09 16.26 23.36
CA PHE A 357 2.31 17.47 23.56
C PHE A 357 0.94 17.20 24.16
N ALA A 358 0.82 16.04 24.83
CA ALA A 358 -0.38 15.52 25.48
C ALA A 358 -1.07 16.52 26.38
N LYS A 359 -0.29 17.32 27.13
CA LYS A 359 -0.80 18.29 28.09
C LYS A 359 -1.06 19.66 27.48
N ARG A 360 -0.50 19.95 26.26
CA ARG A 360 -0.63 21.25 25.59
C ARG A 360 -2.08 21.58 25.30
N LYS A 361 -2.61 22.58 26.05
CA LYS A 361 -4.02 23.05 26.06
C LYS A 361 -4.41 23.97 24.88
N ILE A 362 -3.47 24.29 23.97
CA ILE A 362 -3.78 25.16 22.83
C ILE A 362 -3.43 24.46 21.53
N VAL A 363 -4.40 24.38 20.61
CA VAL A 363 -4.20 23.84 19.27
C VAL A 363 -4.26 25.04 18.31
N LEU A 364 -3.12 25.34 17.71
CA LEU A 364 -2.96 26.42 16.76
C LEU A 364 -3.20 25.84 15.37
N ARG A 365 -4.36 26.17 14.81
CA ARG A 365 -4.79 25.74 13.49
C ARG A 365 -4.46 26.88 12.54
N ILE A 366 -3.43 26.69 11.70
CA ILE A 366 -2.92 27.71 10.81
C ILE A 366 -3.28 27.45 9.35
N THR A 367 -3.77 28.48 8.66
CA THR A 367 -4.07 28.41 7.24
C THR A 367 -2.95 29.14 6.51
N ILE A 368 -2.04 28.34 5.94
CA ILE A 368 -0.90 28.81 5.17
C ILE A 368 -1.43 29.15 3.77
N PRO A 369 -1.42 30.42 3.33
CA PRO A 369 -1.81 30.69 1.93
C PRO A 369 -0.73 30.21 0.92
N LYS A 370 -1.17 29.97 -0.33
CA LYS A 370 -0.34 29.59 -1.46
C LYS A 370 0.80 30.61 -1.61
N GLY A 371 2.04 30.13 -1.76
CA GLY A 371 3.24 30.94 -1.95
C GLY A 371 4.03 31.35 -0.73
N SER A 372 3.60 30.87 0.44
CA SER A 372 4.23 31.16 1.73
C SER A 372 5.53 30.38 1.88
N PRO A 373 6.55 30.90 2.59
CA PRO A 373 7.75 30.09 2.83
C PRO A 373 7.34 28.94 3.75
N GLY A 374 7.86 27.78 3.41
CA GLY A 374 7.61 26.58 4.15
C GLY A 374 7.98 25.37 3.34
N ALA A 375 8.07 24.23 4.02
CA ALA A 375 8.41 22.97 3.38
C ALA A 375 7.96 21.83 4.23
N TYR A 376 7.49 20.75 3.56
CA TYR A 376 7.15 19.49 4.20
C TYR A 376 8.48 18.76 4.45
N LEU A 377 8.98 18.86 5.70
CA LEU A 377 10.25 18.28 6.10
C LEU A 377 10.25 16.80 6.30
N SER A 378 9.06 16.19 6.52
CA SER A 378 8.91 14.74 6.69
C SER A 378 9.20 13.95 5.39
N ALA A 379 9.37 14.68 4.26
CA ALA A 379 9.79 14.11 2.97
C ALA A 379 11.32 13.81 3.04
N ILE A 380 12.00 14.29 4.13
CA ILE A 380 13.41 13.98 4.51
C ILE A 380 13.39 13.01 5.75
N PRO A 381 13.83 11.74 5.57
CA PRO A 381 13.87 10.79 6.72
C PRO A 381 14.78 11.23 7.87
N GLY A 382 14.54 10.69 9.05
CA GLY A 382 15.41 10.93 10.19
C GLY A 382 15.01 12.00 11.18
N TYR A 383 13.75 12.44 11.16
CA TYR A 383 13.32 13.49 12.07
C TYR A 383 12.27 12.99 13.05
N ALA A 384 12.41 13.38 14.33
CA ALA A 384 11.53 13.02 15.46
C ALA A 384 10.07 13.42 15.23
N GLY A 385 9.90 14.55 14.57
CA GLY A 385 8.61 15.14 14.26
C GLY A 385 7.73 14.40 13.27
N GLN A 386 6.41 14.49 13.50
CA GLN A 386 5.39 13.85 12.71
C GLN A 386 4.75 14.76 11.70
N TYR A 387 4.87 14.39 10.40
CA TYR A 387 4.19 15.01 9.23
C TYR A 387 4.33 16.52 9.26
N GLN A 388 5.56 16.96 9.56
CA GLN A 388 5.97 18.33 9.75
C GLN A 388 6.02 19.17 8.53
N VAL A 389 5.65 20.42 8.72
CA VAL A 389 5.75 21.52 7.77
C VAL A 389 6.39 22.56 8.66
N LEU A 390 7.57 23.08 8.26
CA LEU A 390 8.27 24.10 9.04
C LEU A 390 8.02 25.42 8.39
N LEU A 391 7.59 26.38 9.21
CA LEU A 391 7.29 27.74 8.81
C LEU A 391 8.43 28.64 9.19
N ASN A 392 8.68 29.64 8.37
CA ASN A 392 9.77 30.58 8.56
C ASN A 392 9.72 31.33 9.88
N HIS A 393 10.92 31.71 10.39
CA HIS A 393 11.05 32.49 11.62
C HIS A 393 10.53 33.90 11.31
N GLY A 394 9.92 34.52 12.31
CA GLY A 394 9.36 35.86 12.18
C GLY A 394 7.99 35.92 11.53
N SER A 395 7.29 34.77 11.46
CA SER A 395 5.95 34.65 10.90
C SER A 395 4.89 35.25 11.83
N LYS A 396 3.86 35.88 11.22
CA LYS A 396 2.75 36.51 11.94
C LYS A 396 1.47 35.76 11.63
N PHE A 397 0.70 35.42 12.67
CA PHE A 397 -0.56 34.69 12.53
C PHE A 397 -1.70 35.53 13.05
N LYS A 398 -2.66 35.87 12.18
CA LYS A 398 -3.83 36.63 12.62
C LYS A 398 -4.84 35.65 13.14
N ILE A 399 -5.13 35.69 14.45
CA ILE A 399 -6.12 34.84 15.12
C ILE A 399 -7.48 35.42 14.76
N ASN A 400 -8.33 34.63 14.09
CA ASN A 400 -9.65 35.05 13.61
C ASN A 400 -10.79 34.65 14.55
N LYS A 401 -10.72 33.42 15.10
CA LYS A 401 -11.68 32.82 16.03
C LYS A 401 -10.97 31.78 16.97
N ILE A 402 -11.43 31.70 18.23
CA ILE A 402 -10.99 30.74 19.25
C ILE A 402 -12.21 29.91 19.72
N ASP A 403 -12.10 28.57 19.71
CA ASP A 403 -13.14 27.65 20.15
C ASP A 403 -12.62 26.66 21.19
N SER A 404 -13.47 26.22 22.11
CA SER A 404 -13.04 25.24 23.13
C SER A 404 -13.59 23.87 22.79
N TYR A 405 -13.06 22.85 23.47
CA TYR A 405 -13.44 21.44 23.41
C TYR A 405 -12.88 20.71 24.62
N LYS A 406 -13.47 19.56 24.96
CA LYS A 406 -13.01 18.78 26.09
C LYS A 406 -12.23 17.58 25.62
N ASP A 407 -10.93 17.57 25.94
CA ASP A 407 -10.03 16.45 25.69
C ASP A 407 -10.02 15.70 27.01
N GLY A 408 -11.10 14.95 27.22
CA GLY A 408 -11.36 14.22 28.44
C GLY A 408 -11.76 15.19 29.52
N THR A 409 -10.98 15.24 30.61
CA THR A 409 -11.21 16.12 31.75
C THR A 409 -10.72 17.54 31.47
N ILE A 410 -9.71 17.68 30.59
CA ILE A 410 -9.08 18.94 30.24
C ILE A 410 -9.78 19.66 29.06
N THR A 411 -10.19 20.93 29.27
CA THR A 411 -10.76 21.78 28.23
C THR A 411 -9.60 22.47 27.50
N LYS A 412 -9.54 22.26 26.17
CA LYS A 412 -8.49 22.78 25.30
C LYS A 412 -9.04 23.75 24.26
N LEU A 413 -8.18 24.63 23.73
CA LEU A 413 -8.63 25.62 22.76
C LEU A 413 -8.12 25.37 21.35
N ILE A 414 -8.94 25.75 20.37
CA ILE A 414 -8.61 25.69 18.94
C ILE A 414 -8.55 27.14 18.51
N VAL A 415 -7.37 27.59 18.08
CA VAL A 415 -7.11 28.95 17.63
C VAL A 415 -7.02 28.93 16.09
N ASP A 416 -8.04 29.51 15.43
CA ASP A 416 -8.11 29.61 13.97
C ASP A 416 -7.33 30.83 13.51
N ALA A 417 -6.08 30.60 13.09
CA ALA A 417 -5.16 31.65 12.64
C ALA A 417 -4.78 31.50 11.20
N THR A 418 -4.53 32.62 10.54
CA THR A 418 -4.11 32.72 9.15
C THR A 418 -2.68 33.23 9.18
N LEU A 419 -1.79 32.62 8.37
CA LEU A 419 -0.44 33.11 8.24
C LEU A 419 -0.54 34.42 7.42
N ILE A 420 -0.03 35.52 7.99
CA ILE A 420 -0.08 36.84 7.36
C ILE A 420 1.13 37.02 6.43
N PRO A 421 0.91 37.27 5.12
CA PRO A 421 2.05 37.48 4.21
C PRO A 421 2.63 38.89 4.30
N THR B 6 13.09 -31.88 -6.40
CA THR B 6 14.36 -31.48 -5.78
C THR B 6 15.18 -30.52 -6.70
N TYR B 7 15.61 -29.36 -6.10
CA TYR B 7 16.36 -28.32 -6.78
C TYR B 7 17.82 -28.68 -6.96
N LYS B 8 18.32 -28.55 -8.20
CA LYS B 8 19.73 -28.75 -8.56
C LYS B 8 20.44 -27.40 -8.40
N ALA B 9 21.41 -27.32 -7.47
CA ALA B 9 22.21 -26.11 -7.23
C ALA B 9 23.06 -25.76 -8.45
N PRO B 10 23.30 -24.45 -8.72
CA PRO B 10 24.19 -24.10 -9.85
C PRO B 10 25.62 -24.63 -9.70
N ILE B 11 26.12 -24.68 -8.44
CA ILE B 11 27.43 -25.20 -8.07
C ILE B 11 27.20 -26.17 -6.89
N GLU B 12 27.30 -27.49 -7.16
CA GLU B 12 27.10 -28.61 -6.21
C GLU B 12 28.01 -28.56 -5.00
N ARG B 13 27.50 -28.98 -3.82
CA ARG B 13 28.22 -29.06 -2.54
C ARG B 13 27.48 -29.98 -1.54
N PRO B 14 28.13 -30.55 -0.50
CA PRO B 14 27.36 -31.27 0.51
C PRO B 14 26.75 -30.28 1.53
N GLU B 15 26.00 -30.78 2.51
CA GLU B 15 25.47 -29.89 3.54
C GLU B 15 26.63 -29.49 4.46
N ASP B 16 27.64 -30.36 4.57
CA ASP B 16 28.81 -30.19 5.41
C ASP B 16 30.09 -30.62 4.68
N PHE B 17 31.07 -29.72 4.58
CA PHE B 17 32.36 -30.05 3.96
C PHE B 17 33.27 -30.78 4.95
N LEU B 18 32.91 -30.74 6.24
CA LEU B 18 33.61 -31.38 7.36
C LEU B 18 35.02 -30.82 7.48
N LYS B 19 36.08 -31.66 7.42
CA LYS B 19 37.47 -31.20 7.54
C LYS B 19 38.10 -30.81 6.20
N ASP B 20 37.42 -31.14 5.07
CA ASP B 20 37.91 -30.90 3.70
C ASP B 20 38.00 -29.41 3.32
N LYS B 21 39.07 -28.75 3.80
CA LYS B 21 39.35 -27.33 3.56
C LYS B 21 39.45 -27.04 2.07
N GLU B 22 40.15 -27.94 1.33
CA GLU B 22 40.38 -27.85 -0.11
C GLU B 22 39.09 -27.74 -0.90
N LYS B 23 38.18 -28.74 -0.75
CA LYS B 23 36.90 -28.76 -1.45
C LYS B 23 35.99 -27.65 -1.02
N ALA B 24 36.02 -27.30 0.30
CA ALA B 24 35.24 -26.20 0.90
C ALA B 24 35.54 -24.84 0.25
N LYS B 25 36.86 -24.47 0.23
CA LYS B 25 37.37 -23.22 -0.28
C LYS B 25 37.20 -23.11 -1.79
N GLU B 26 37.28 -24.26 -2.51
CA GLU B 26 37.09 -24.34 -3.97
C GLU B 26 35.65 -23.97 -4.31
N TRP B 27 34.69 -24.48 -3.53
CA TRP B 27 33.26 -24.18 -3.73
C TRP B 27 32.97 -22.71 -3.39
N GLU B 28 33.57 -22.23 -2.27
CA GLU B 28 33.49 -20.87 -1.72
C GLU B 28 33.94 -19.82 -2.75
N ARG B 29 34.99 -20.14 -3.54
CA ARG B 29 35.56 -19.27 -4.56
C ARG B 29 34.63 -19.20 -5.77
N LYS B 30 34.15 -20.38 -6.25
CA LYS B 30 33.23 -20.48 -7.38
C LYS B 30 31.87 -19.79 -7.07
N GLU B 31 31.36 -19.93 -5.81
CA GLU B 31 30.11 -19.32 -5.36
C GLU B 31 30.19 -17.82 -5.18
N ALA B 32 31.38 -17.31 -4.81
CA ALA B 32 31.60 -15.89 -4.63
C ALA B 32 31.56 -15.26 -6.02
N GLU B 33 32.24 -15.90 -7.00
CA GLU B 33 32.30 -15.48 -8.39
C GLU B 33 30.89 -15.44 -8.99
N ARG B 34 30.10 -16.49 -8.74
CA ARG B 34 28.72 -16.61 -9.21
C ARG B 34 27.79 -15.54 -8.67
N ILE B 35 27.83 -15.34 -7.34
CA ILE B 35 26.97 -14.36 -6.69
C ILE B 35 27.39 -12.93 -7.08
N GLU B 36 28.71 -12.66 -7.23
CA GLU B 36 29.25 -11.36 -7.65
C GLU B 36 28.44 -10.83 -8.86
N GLN B 37 28.10 -11.71 -9.82
CA GLN B 37 27.34 -11.40 -11.02
C GLN B 37 25.90 -11.00 -10.74
N LYS B 38 25.28 -11.63 -9.72
CA LYS B 38 23.91 -11.35 -9.28
C LYS B 38 23.80 -10.01 -8.47
N LEU B 39 24.94 -9.47 -7.97
CA LEU B 39 24.98 -8.28 -7.11
C LEU B 39 24.82 -6.96 -7.81
N GLU B 40 24.23 -5.98 -7.10
CA GLU B 40 24.04 -4.61 -7.54
C GLU B 40 25.32 -3.83 -7.29
N ARG B 41 25.52 -2.70 -8.01
CA ARG B 41 26.72 -1.84 -7.85
C ARG B 41 26.83 -1.31 -6.42
N SER B 42 25.67 -0.89 -5.83
CA SER B 42 25.53 -0.39 -4.47
C SER B 42 25.86 -1.49 -3.43
N GLU B 43 25.52 -2.75 -3.78
CA GLU B 43 25.77 -3.96 -2.98
C GLU B 43 27.23 -4.32 -3.03
N LYS B 44 27.85 -4.32 -4.23
CA LYS B 44 29.27 -4.58 -4.43
C LYS B 44 30.07 -3.52 -3.62
N GLU B 45 29.66 -2.25 -3.70
CA GLU B 45 30.28 -1.14 -2.98
C GLU B 45 30.25 -1.36 -1.46
N ALA B 46 29.10 -1.80 -0.94
CA ALA B 46 28.91 -2.10 0.48
C ALA B 46 29.80 -3.27 0.93
N LEU B 47 30.11 -4.16 -0.02
CA LEU B 47 30.97 -5.31 0.20
C LEU B 47 32.42 -4.82 0.31
N GLU B 48 32.79 -3.78 -0.45
CA GLU B 48 34.11 -3.15 -0.37
C GLU B 48 34.22 -2.34 0.93
N SER B 49 33.11 -1.67 1.33
CA SER B 49 32.96 -0.90 2.57
C SER B 49 33.09 -1.80 3.78
N TYR B 50 32.49 -3.02 3.73
CA TYR B 50 32.55 -4.02 4.81
C TYR B 50 33.99 -4.48 5.04
N LYS B 51 34.71 -4.83 3.97
CA LYS B 51 36.09 -5.28 4.04
C LYS B 51 36.96 -4.38 4.95
N LYS B 52 36.90 -3.04 4.76
CA LYS B 52 37.66 -2.02 5.50
C LYS B 52 37.21 -1.80 6.95
N ASP B 53 35.90 -1.70 7.20
CA ASP B 53 35.32 -1.42 8.52
C ASP B 53 34.40 -2.54 9.06
N SER B 54 34.79 -3.81 8.90
CA SER B 54 34.04 -4.98 9.34
C SER B 54 33.45 -4.89 10.77
N VAL B 55 34.25 -4.48 11.80
CA VAL B 55 33.86 -4.45 13.22
C VAL B 55 32.68 -3.49 13.53
N GLU B 56 32.80 -2.22 13.12
CA GLU B 56 31.80 -1.16 13.37
C GLU B 56 30.47 -1.35 12.63
N ILE B 57 30.56 -1.89 11.41
CA ILE B 57 29.42 -2.22 10.55
C ILE B 57 28.65 -3.38 11.21
N SER B 58 29.39 -4.40 11.68
CA SER B 58 28.83 -5.56 12.38
C SER B 58 28.21 -5.21 13.75
N LYS B 59 28.86 -4.30 14.54
CA LYS B 59 28.36 -3.84 15.85
C LYS B 59 27.04 -3.10 15.68
N TYR B 60 26.92 -2.36 14.56
CA TYR B 60 25.74 -1.57 14.19
C TYR B 60 24.61 -2.49 13.78
N SER B 61 24.93 -3.57 13.02
CA SER B 61 23.88 -4.48 12.58
C SER B 61 23.23 -5.31 13.75
N GLN B 62 23.89 -5.33 14.88
CA GLN B 62 23.43 -6.01 16.08
C GLN B 62 22.37 -5.21 16.83
N THR B 63 22.59 -3.90 17.00
CA THR B 63 21.74 -3.03 17.82
C THR B 63 20.94 -1.94 17.06
N ARG B 64 21.10 -1.84 15.73
CA ARG B 64 20.39 -0.82 14.94
C ARG B 64 18.90 -0.69 15.26
N ASN B 65 18.20 -1.82 15.33
CA ASN B 65 16.75 -1.92 15.52
C ASN B 65 16.22 -1.52 16.91
N TYR B 66 17.08 -1.10 17.87
CA TYR B 66 16.69 -0.75 19.23
C TYR B 66 16.52 0.77 19.43
N PHE B 67 16.83 1.55 18.40
CA PHE B 67 16.71 3.01 18.43
C PHE B 67 15.35 3.39 17.87
N TYR B 68 15.02 4.67 17.85
CA TYR B 68 13.77 5.16 17.28
C TYR B 68 13.78 4.94 15.77
N ASP B 69 12.60 4.79 15.17
CA ASP B 69 12.42 4.62 13.74
C ASP B 69 13.17 5.69 12.93
N TYR B 70 13.09 6.96 13.40
CA TYR B 70 13.72 8.13 12.81
C TYR B 70 15.24 8.15 13.01
N GLN B 71 15.73 7.66 14.16
CA GLN B 71 17.16 7.55 14.45
C GLN B 71 17.81 6.52 13.51
N ILE B 72 17.03 5.48 13.13
CA ILE B 72 17.46 4.44 12.19
C ILE B 72 17.60 5.07 10.78
N GLU B 73 16.59 5.80 10.30
CA GLU B 73 16.64 6.47 8.98
C GLU B 73 17.71 7.57 8.89
N ALA B 74 18.04 8.24 10.03
CA ALA B 74 19.04 9.31 10.13
C ALA B 74 20.49 8.81 10.23
N ASN B 75 20.71 7.57 10.71
CA ASN B 75 22.07 7.03 10.87
C ASN B 75 22.82 6.91 9.56
N SER B 76 24.07 7.34 9.55
CA SER B 76 24.94 7.30 8.35
C SER B 76 25.36 5.85 7.97
N ARG B 77 25.21 4.94 8.93
CA ARG B 77 25.52 3.52 8.81
C ARG B 77 24.33 2.71 8.29
N GLU B 78 23.12 3.31 8.24
CA GLU B 78 21.91 2.61 7.81
C GLU B 78 21.92 2.17 6.36
N LYS B 79 22.34 3.05 5.45
CA LYS B 79 22.38 2.74 4.01
C LYS B 79 23.30 1.53 3.73
N GLU B 80 24.44 1.46 4.44
CA GLU B 80 25.47 0.44 4.34
C GLU B 80 24.95 -0.88 4.86
N TYR B 81 24.22 -0.85 6.00
CA TYR B 81 23.59 -2.04 6.59
C TYR B 81 22.56 -2.60 5.61
N LYS B 82 21.70 -1.71 5.07
CA LYS B 82 20.61 -2.03 4.15
C LYS B 82 21.14 -2.73 2.92
N GLU B 83 22.19 -2.20 2.34
CA GLU B 83 22.83 -2.74 1.14
C GLU B 83 23.49 -4.07 1.38
N LEU B 84 24.17 -4.19 2.53
CA LEU B 84 24.87 -5.40 2.94
C LEU B 84 23.89 -6.50 3.26
N ARG B 85 22.77 -6.11 3.93
CA ARG B 85 21.63 -6.97 4.24
C ARG B 85 21.05 -7.54 2.94
N ASN B 86 20.77 -6.64 1.97
CA ASN B 86 20.23 -6.94 0.64
C ASN B 86 21.09 -7.94 -0.11
N ALA B 87 22.44 -7.71 -0.16
CA ALA B 87 23.39 -8.59 -0.81
C ALA B 87 23.36 -10.02 -0.24
N ILE B 88 23.31 -10.18 1.12
CA ILE B 88 23.22 -11.48 1.80
C ILE B 88 21.86 -12.15 1.51
N SER B 89 20.74 -11.39 1.67
CA SER B 89 19.34 -11.81 1.42
C SER B 89 19.05 -12.15 -0.03
N LYS B 90 19.92 -11.71 -0.96
CA LYS B 90 19.84 -11.98 -2.39
C LYS B 90 20.26 -13.42 -2.66
N ASN B 91 21.17 -13.99 -1.84
CA ASN B 91 21.55 -15.38 -2.00
C ASN B 91 21.14 -16.23 -0.78
N LYS B 92 19.87 -16.69 -0.77
CA LYS B 92 19.32 -17.58 0.26
C LYS B 92 19.67 -19.00 -0.20
N ILE B 93 20.27 -19.82 0.71
CA ILE B 93 20.73 -21.18 0.38
C ILE B 93 19.56 -22.13 0.09
N ASP B 94 19.71 -22.92 -0.99
CA ASP B 94 18.73 -23.88 -1.49
C ASP B 94 18.61 -25.14 -0.62
N LYS B 95 19.58 -25.37 0.24
CA LYS B 95 19.62 -26.49 1.15
C LYS B 95 20.43 -26.08 2.37
N PRO B 96 20.35 -26.78 3.54
CA PRO B 96 21.17 -26.36 4.70
C PRO B 96 22.68 -26.43 4.51
N MET B 97 23.39 -25.69 5.35
CA MET B 97 24.85 -25.64 5.33
C MET B 97 25.37 -25.55 6.75
N TYR B 98 26.25 -26.47 7.12
CA TYR B 98 26.89 -26.43 8.42
C TYR B 98 28.08 -25.50 8.31
N VAL B 99 28.14 -24.52 9.20
CA VAL B 99 29.19 -23.52 9.21
C VAL B 99 29.99 -23.60 10.50
N TYR B 100 31.22 -23.14 10.45
CA TYR B 100 32.16 -23.21 11.56
C TYR B 100 32.71 -21.86 11.87
N TYR B 101 32.79 -21.53 13.15
CA TYR B 101 33.36 -20.28 13.66
C TYR B 101 33.73 -20.40 15.13
N PHE B 102 34.78 -19.71 15.52
CA PHE B 102 35.23 -19.66 16.89
C PHE B 102 34.40 -18.63 17.64
N GLU B 103 33.97 -19.03 18.82
CA GLU B 103 33.17 -18.19 19.71
C GLU B 103 33.85 -18.12 21.07
N SER B 104 33.54 -17.07 21.83
CA SER B 104 34.02 -16.90 23.19
C SER B 104 33.00 -17.62 24.03
N PRO B 105 33.39 -18.35 25.10
CA PRO B 105 32.38 -19.04 25.93
C PRO B 105 31.47 -18.04 26.67
N GLU B 106 31.93 -16.77 26.78
CA GLU B 106 31.25 -15.62 27.37
C GLU B 106 29.98 -15.23 26.59
N LYS B 107 29.90 -15.65 25.31
CA LYS B 107 28.76 -15.41 24.43
C LYS B 107 27.50 -16.16 24.93
N PHE B 108 27.72 -17.21 25.72
CA PHE B 108 26.66 -18.05 26.28
C PHE B 108 26.57 -17.92 27.81
N ALA B 109 27.15 -16.83 28.35
CA ALA B 109 27.23 -16.46 29.76
C ALA B 109 28.09 -17.44 30.59
N PHE B 110 29.09 -18.06 29.93
CA PHE B 110 30.07 -18.89 30.63
C PHE B 110 31.22 -17.95 30.95
N ASN B 111 31.25 -17.53 32.24
CA ASN B 111 32.17 -16.55 32.80
C ASN B 111 33.52 -17.16 33.25
N LYS B 112 33.68 -18.49 33.17
CA LYS B 112 34.91 -19.20 33.53
C LYS B 112 35.82 -19.45 32.32
N VAL B 113 37.13 -19.60 32.57
CA VAL B 113 38.12 -19.85 31.53
C VAL B 113 38.17 -21.36 31.26
N ILE B 114 37.78 -21.76 30.04
CA ILE B 114 37.79 -23.14 29.58
C ILE B 114 39.23 -23.68 29.65
N ARG B 115 40.16 -22.86 29.16
CA ARG B 115 41.63 -23.04 29.15
C ARG B 115 42.24 -21.82 28.47
N THR B 116 43.49 -21.55 28.84
CA THR B 116 44.32 -20.46 28.33
C THR B 116 44.89 -20.85 26.97
N GLU B 117 45.44 -19.87 26.23
CA GLU B 117 46.09 -20.09 24.94
C GLU B 117 47.18 -21.16 25.12
N ASN B 118 48.09 -20.94 26.10
CA ASN B 118 49.22 -21.81 26.43
C ASN B 118 48.86 -23.25 26.81
N GLN B 119 47.69 -23.43 27.47
CA GLN B 119 47.21 -24.75 27.90
C GLN B 119 46.69 -25.58 26.72
N ASN B 120 46.90 -26.91 26.77
CA ASN B 120 46.45 -27.87 25.76
C ASN B 120 45.18 -28.57 26.17
N GLU B 121 45.05 -28.95 27.44
CA GLU B 121 43.88 -29.71 27.87
C GLU B 121 42.77 -28.90 28.49
N ILE B 122 41.54 -29.32 28.19
CA ILE B 122 40.32 -28.79 28.78
C ILE B 122 39.90 -29.90 29.74
N SER B 123 39.78 -29.55 31.04
CA SER B 123 39.39 -30.51 32.07
C SER B 123 37.94 -30.94 31.87
N LEU B 124 37.60 -32.14 32.39
CA LEU B 124 36.26 -32.68 32.39
C LEU B 124 35.39 -31.70 33.17
N GLU B 125 35.92 -31.14 34.28
CA GLU B 125 35.27 -30.14 35.12
C GLU B 125 34.80 -28.92 34.29
N LYS B 126 35.73 -28.31 33.50
CA LYS B 126 35.41 -27.17 32.62
C LYS B 126 34.49 -27.54 31.44
N PHE B 127 34.64 -28.77 30.93
CA PHE B 127 33.81 -29.30 29.85
C PHE B 127 32.36 -29.47 30.36
N ASN B 128 32.16 -30.11 31.53
CA ASN B 128 30.85 -30.34 32.11
C ASN B 128 30.17 -29.08 32.58
N GLU B 129 30.95 -28.11 33.12
CA GLU B 129 30.46 -26.81 33.60
C GLU B 129 29.88 -26.02 32.44
N PHE B 130 30.60 -26.06 31.26
CA PHE B 130 30.16 -25.40 30.03
C PHE B 130 28.82 -25.96 29.56
N LYS B 131 28.69 -27.32 29.41
CA LYS B 131 27.45 -28.01 29.01
C LYS B 131 26.32 -27.68 29.98
N GLU B 132 26.63 -27.61 31.28
CA GLU B 132 25.63 -27.26 32.28
C GLU B 132 25.07 -25.83 32.06
N THR B 133 25.90 -24.92 31.56
CA THR B 133 25.59 -23.52 31.30
C THR B 133 24.84 -23.34 29.94
N ILE B 134 25.13 -24.16 28.92
CA ILE B 134 24.48 -24.04 27.60
C ILE B 134 23.24 -24.92 27.44
N GLN B 135 23.11 -25.98 28.27
CA GLN B 135 22.01 -26.93 28.16
C GLN B 135 20.65 -26.31 28.42
N ASN B 136 19.64 -26.80 27.65
CA ASN B 136 18.20 -26.45 27.67
C ASN B 136 17.93 -24.94 27.46
N LYS B 137 18.92 -24.21 26.90
CA LYS B 137 18.84 -22.77 26.66
C LYS B 137 18.77 -22.42 25.19
N LEU B 138 18.21 -21.24 24.88
CA LEU B 138 18.15 -20.68 23.53
C LEU B 138 18.85 -19.34 23.54
N PHE B 139 19.88 -19.19 22.70
CA PHE B 139 20.66 -17.96 22.61
C PHE B 139 20.44 -17.24 21.26
N LYS B 140 20.17 -15.91 21.29
CA LYS B 140 19.97 -15.10 20.09
C LYS B 140 21.31 -14.64 19.50
N GLN B 141 21.52 -14.87 18.20
CA GLN B 141 22.72 -14.50 17.45
C GLN B 141 22.34 -13.46 16.39
N ASP B 142 22.91 -12.25 16.48
CA ASP B 142 22.55 -11.16 15.55
C ASP B 142 23.76 -10.40 14.98
N GLY B 143 23.54 -9.79 13.83
CA GLY B 143 24.57 -8.98 13.20
C GLY B 143 25.45 -9.71 12.21
N PHE B 144 26.06 -8.95 11.30
CA PHE B 144 26.99 -9.44 10.28
C PHE B 144 28.13 -10.28 10.90
N LYS B 145 28.34 -11.49 10.36
CA LYS B 145 29.40 -12.35 10.82
C LYS B 145 30.04 -13.09 9.66
N ASP B 146 31.39 -13.20 9.71
CA ASP B 146 32.16 -13.99 8.80
C ASP B 146 32.21 -15.42 9.37
N ILE B 147 31.95 -16.42 8.51
CA ILE B 147 31.93 -17.81 8.93
C ILE B 147 32.79 -18.67 8.00
N SER B 148 33.18 -19.88 8.47
CA SER B 148 33.96 -20.84 7.71
C SER B 148 33.06 -22.00 7.28
N LEU B 149 33.41 -22.61 6.15
CA LEU B 149 32.67 -23.70 5.53
C LEU B 149 33.26 -25.09 5.78
N TYR B 150 34.32 -25.14 6.58
CA TYR B 150 35.04 -26.37 6.92
C TYR B 150 35.50 -26.27 8.38
N GLU B 151 35.81 -27.42 9.01
CA GLU B 151 36.35 -27.50 10.36
C GLU B 151 37.83 -27.11 10.33
N PRO B 152 38.21 -26.10 11.14
CA PRO B 152 39.62 -25.66 11.17
C PRO B 152 40.58 -26.79 11.55
N GLY B 153 41.79 -26.72 11.01
CA GLY B 153 42.84 -27.71 11.23
C GLY B 153 44.13 -27.12 11.74
N LYS B 154 45.22 -27.92 11.70
CA LYS B 154 46.56 -27.55 12.16
C LYS B 154 47.03 -26.18 11.62
N GLY B 155 46.79 -25.94 10.34
CA GLY B 155 47.20 -24.70 9.66
C GLY B 155 46.31 -23.49 9.84
N ASP B 156 45.03 -23.68 10.15
CA ASP B 156 44.06 -22.61 10.30
C ASP B 156 44.17 -21.83 11.62
N GLU B 157 43.61 -20.58 11.63
CA GLU B 157 43.56 -19.70 12.80
C GLU B 157 42.44 -20.14 13.77
N LYS B 158 42.81 -20.47 15.03
CA LYS B 158 41.92 -20.96 16.10
C LYS B 158 41.97 -20.02 17.34
N PRO B 159 41.33 -18.82 17.27
CA PRO B 159 41.46 -17.83 18.35
C PRO B 159 40.88 -18.15 19.73
N THR B 160 39.92 -19.09 19.83
CA THR B 160 39.30 -19.45 21.11
C THR B 160 39.29 -20.98 21.30
N PRO B 161 39.14 -21.51 22.56
CA PRO B 161 39.05 -22.96 22.72
C PRO B 161 37.65 -23.52 22.38
N LEU B 162 36.72 -22.66 21.89
CA LEU B 162 35.35 -23.03 21.56
C LEU B 162 35.07 -22.87 20.05
N LEU B 163 34.69 -23.98 19.42
CA LEU B 163 34.33 -23.99 18.01
C LEU B 163 32.84 -24.27 17.87
N MET B 164 32.15 -23.35 17.20
CA MET B 164 30.73 -23.45 16.90
C MET B 164 30.59 -24.21 15.58
N HIS B 165 29.74 -25.24 15.59
CA HIS B 165 29.41 -26.05 14.42
C HIS B 165 27.91 -25.94 14.30
N LEU B 166 27.48 -24.91 13.55
CA LEU B 166 26.10 -24.49 13.33
C LEU B 166 25.48 -24.98 12.04
N LYS B 167 24.26 -25.53 12.09
CA LYS B 167 23.51 -25.91 10.89
C LYS B 167 22.64 -24.71 10.52
N LEU B 168 22.97 -24.05 9.43
CA LEU B 168 22.15 -22.95 8.95
C LEU B 168 21.06 -23.57 8.10
N PRO B 169 19.77 -23.34 8.40
CA PRO B 169 18.72 -24.01 7.64
C PRO B 169 18.59 -23.53 6.20
N ARG B 170 17.70 -24.19 5.46
CA ARG B 170 17.40 -23.81 4.09
C ARG B 170 16.80 -22.38 4.06
N ASN B 171 17.15 -21.60 3.03
CA ASN B 171 16.75 -20.21 2.73
C ASN B 171 17.46 -19.17 3.60
N THR B 172 18.50 -19.58 4.32
CA THR B 172 19.32 -18.65 5.10
C THR B 172 20.15 -17.86 4.10
N GLY B 173 20.12 -16.53 4.25
CA GLY B 173 20.95 -15.61 3.50
C GLY B 173 22.42 -15.91 3.77
N MET B 174 23.20 -16.13 2.72
CA MET B 174 24.59 -16.46 2.89
C MET B 174 25.36 -15.85 1.76
N LEU B 175 26.49 -15.24 2.09
CA LEU B 175 27.22 -14.56 1.04
C LEU B 175 28.71 -14.88 1.01
N PRO B 176 29.11 -15.93 0.23
CA PRO B 176 30.54 -16.14 -0.07
C PRO B 176 30.97 -14.96 -0.95
N TYR B 177 32.10 -14.35 -0.61
CA TYR B 177 32.62 -13.20 -1.33
C TYR B 177 34.14 -13.22 -1.34
N THR B 178 34.72 -12.40 -2.24
CA THR B 178 36.15 -12.24 -2.41
C THR B 178 36.63 -11.26 -1.36
N ASN B 179 37.59 -11.71 -0.55
CA ASN B 179 38.12 -10.95 0.57
C ASN B 179 39.57 -10.49 0.36
N THR B 180 39.82 -9.83 -0.80
CA THR B 180 41.09 -9.22 -1.19
C THR B 180 42.16 -10.26 -1.55
N ASN B 181 42.50 -11.15 -0.63
CA ASN B 181 43.57 -12.14 -0.78
C ASN B 181 43.10 -13.54 -0.46
N ASN B 182 41.79 -13.71 -0.32
CA ASN B 182 41.15 -14.94 0.11
C ASN B 182 39.67 -14.84 -0.18
N VAL B 183 38.90 -15.82 0.34
CA VAL B 183 37.44 -15.84 0.29
C VAL B 183 36.87 -15.96 1.68
N SER B 184 35.67 -15.38 1.91
CA SER B 184 34.93 -15.47 3.17
C SER B 184 33.45 -15.56 2.89
N THR B 185 32.66 -15.99 3.89
CA THR B 185 31.22 -16.10 3.79
C THR B 185 30.60 -15.28 4.90
N LEU B 186 29.78 -14.31 4.49
CA LEU B 186 29.12 -13.37 5.39
C LEU B 186 27.67 -13.78 5.56
N ILE B 187 27.19 -13.70 6.79
CA ILE B 187 25.81 -14.01 7.14
C ILE B 187 25.30 -12.85 8.00
N GLU B 188 23.98 -12.69 8.16
CA GLU B 188 23.46 -11.60 9.00
C GLU B 188 22.98 -12.11 10.36
N GLN B 189 23.08 -13.45 10.54
CA GLN B 189 22.59 -14.15 11.72
C GLN B 189 21.07 -13.82 11.88
N GLY B 190 20.65 -13.21 12.98
CA GLY B 190 19.26 -12.85 13.24
C GLY B 190 18.38 -14.06 13.50
N TYR B 191 18.79 -14.91 14.47
CA TYR B 191 18.09 -16.14 14.84
C TYR B 191 18.46 -16.65 16.27
N SER B 192 17.70 -17.65 16.75
CA SER B 192 17.84 -18.37 18.02
C SER B 192 18.64 -19.62 17.72
N ILE B 193 19.67 -19.90 18.54
CA ILE B 193 20.44 -21.13 18.43
C ILE B 193 20.31 -21.95 19.72
N LYS B 194 20.38 -23.26 19.61
CA LYS B 194 20.47 -24.16 20.76
C LYS B 194 21.70 -25.02 20.53
N ILE B 195 22.45 -25.31 21.59
CA ILE B 195 23.63 -26.16 21.50
C ILE B 195 23.18 -27.49 22.07
N ASP B 196 22.98 -28.47 21.19
CA ASP B 196 22.49 -29.80 21.60
C ASP B 196 23.54 -30.69 22.24
N LYS B 197 24.74 -30.77 21.64
CA LYS B 197 25.83 -31.61 22.13
C LYS B 197 27.15 -30.90 22.04
N ILE B 198 28.03 -31.11 23.03
CA ILE B 198 29.39 -30.58 23.02
C ILE B 198 30.34 -31.76 23.07
N VAL B 199 31.42 -31.66 22.29
CA VAL B 199 32.47 -32.67 22.12
C VAL B 199 33.81 -32.03 22.37
N ARG B 200 34.71 -32.74 23.07
CA ARG B 200 36.06 -32.27 23.32
C ARG B 200 36.90 -32.84 22.18
N ILE B 201 37.23 -32.00 21.19
CA ILE B 201 38.01 -32.35 20.00
C ILE B 201 39.45 -31.92 20.14
N VAL B 202 40.38 -32.54 19.39
CA VAL B 202 41.78 -32.18 19.45
C VAL B 202 42.24 -31.71 18.07
N ILE B 203 42.80 -30.48 18.05
CA ILE B 203 43.38 -29.85 16.86
C ILE B 203 44.78 -29.45 17.23
N ASP B 204 45.75 -30.09 16.56
CA ASP B 204 47.20 -29.89 16.71
C ASP B 204 47.61 -29.95 18.20
N GLY B 205 47.36 -31.11 18.82
CA GLY B 205 47.67 -31.41 20.22
C GLY B 205 47.09 -30.49 21.28
N LYS B 206 45.97 -29.84 20.96
CA LYS B 206 45.27 -28.92 21.84
C LYS B 206 43.76 -29.21 21.80
N HIS B 207 43.12 -29.24 22.98
CA HIS B 207 41.68 -29.51 23.15
C HIS B 207 40.83 -28.30 22.80
N TYR B 208 39.69 -28.56 22.17
CA TYR B 208 38.71 -27.56 21.76
C TYR B 208 37.32 -28.14 22.03
N ILE B 209 36.38 -27.31 22.51
CA ILE B 209 34.98 -27.72 22.68
C ILE B 209 34.26 -27.43 21.36
N LYS B 210 33.83 -28.51 20.66
CA LYS B 210 33.05 -28.43 19.41
C LYS B 210 31.58 -28.42 19.78
N ALA B 211 30.95 -27.24 19.71
CA ALA B 211 29.53 -27.05 20.03
C ALA B 211 28.64 -27.33 18.81
N GLU B 212 27.74 -28.30 18.95
CA GLU B 212 26.79 -28.69 17.89
C GLU B 212 25.57 -27.80 18.04
N ALA B 213 25.48 -26.74 17.23
CA ALA B 213 24.42 -25.75 17.32
C ALA B 213 23.48 -25.75 16.14
N SER B 214 22.20 -25.65 16.44
CA SER B 214 21.15 -25.67 15.45
C SER B 214 20.31 -24.43 15.58
N VAL B 215 19.71 -24.01 14.48
CA VAL B 215 18.86 -22.81 14.49
C VAL B 215 17.42 -23.24 14.80
N VAL B 216 16.81 -22.60 15.81
CA VAL B 216 15.42 -22.80 16.21
C VAL B 216 14.69 -21.59 15.64
N SER B 217 14.03 -21.80 14.48
CA SER B 217 13.35 -20.74 13.72
C SER B 217 12.29 -20.00 14.48
N SER B 218 12.29 -18.67 14.35
CA SER B 218 11.30 -17.84 15.00
C SER B 218 11.02 -16.60 14.16
N LEU B 219 9.94 -15.90 14.45
CA LEU B 219 9.66 -14.65 13.76
C LEU B 219 10.30 -13.55 14.57
N ASP B 220 11.07 -12.67 13.91
CA ASP B 220 11.73 -11.54 14.53
C ASP B 220 11.73 -10.36 13.53
N PHE B 221 10.75 -9.47 13.72
CA PHE B 221 10.49 -8.31 12.87
C PHE B 221 11.39 -7.13 13.19
N LYS B 222 11.92 -7.10 14.43
CA LYS B 222 12.81 -6.04 14.92
C LYS B 222 12.19 -4.64 14.70
N ASP B 223 12.74 -3.83 13.78
CA ASP B 223 12.29 -2.48 13.42
C ASP B 223 11.19 -2.49 12.34
N ASP B 224 11.01 -3.63 11.64
CA ASP B 224 10.01 -3.78 10.59
C ASP B 224 8.64 -4.10 11.21
N VAL B 225 8.05 -3.08 11.88
CA VAL B 225 6.76 -3.12 12.57
C VAL B 225 5.61 -3.32 11.58
N SER B 226 5.78 -2.87 10.31
CA SER B 226 4.84 -3.02 9.21
C SER B 226 4.61 -4.51 8.84
N LYS B 227 5.73 -5.28 8.66
CA LYS B 227 5.76 -6.71 8.35
C LYS B 227 5.14 -7.53 9.50
N GLY B 228 5.39 -7.09 10.73
CA GLY B 228 4.89 -7.70 11.94
C GLY B 228 3.42 -7.43 12.16
N ASP B 229 2.99 -6.19 11.83
CA ASP B 229 1.59 -5.78 11.89
C ASP B 229 0.78 -6.61 10.88
N SER B 230 1.37 -6.90 9.72
CA SER B 230 0.74 -7.75 8.71
C SER B 230 0.61 -9.17 9.28
N TRP B 231 1.67 -9.70 9.95
CA TRP B 231 1.60 -11.01 10.58
C TRP B 231 0.52 -11.12 11.69
N GLY B 232 0.57 -10.19 12.64
CA GLY B 232 -0.33 -10.16 13.78
C GLY B 232 -1.79 -10.02 13.41
N LYS B 233 -2.10 -9.19 12.38
CA LYS B 233 -3.46 -8.98 11.87
C LYS B 233 -3.92 -10.18 11.07
N ALA B 234 -2.99 -10.81 10.32
CA ALA B 234 -3.27 -12.04 9.55
C ALA B 234 -3.76 -13.20 10.47
N ASN B 235 -3.22 -13.27 11.69
CA ASN B 235 -3.50 -14.28 12.70
C ASN B 235 -4.52 -13.84 13.75
N TYR B 236 -4.64 -12.54 14.05
CA TYR B 236 -5.53 -12.05 15.10
C TYR B 236 -6.61 -11.06 14.65
N ASN B 237 -6.86 -10.87 13.33
CA ASN B 237 -7.97 -9.99 12.90
C ASN B 237 -9.34 -10.56 13.27
N ASP B 238 -9.40 -11.89 13.48
CA ASP B 238 -10.63 -12.62 13.83
C ASP B 238 -10.70 -13.00 15.31
N TRP B 239 -9.65 -12.67 16.09
CA TRP B 239 -9.53 -12.99 17.52
C TRP B 239 -10.67 -12.44 18.39
N SER B 240 -11.19 -11.24 18.04
CA SER B 240 -12.27 -10.57 18.76
C SER B 240 -13.54 -11.40 18.73
N ASN B 241 -13.88 -11.99 17.54
CA ASN B 241 -15.08 -12.83 17.37
C ASN B 241 -14.94 -14.22 17.97
N LYS B 242 -13.76 -14.56 18.47
CA LYS B 242 -13.51 -15.86 19.09
C LYS B 242 -13.80 -15.78 20.58
N LEU B 243 -14.00 -14.55 21.09
CA LEU B 243 -14.26 -14.27 22.50
C LEU B 243 -15.72 -13.99 22.81
N THR B 244 -16.14 -14.33 24.04
CA THR B 244 -17.49 -14.07 24.56
C THR B 244 -17.59 -12.55 24.76
N PRO B 245 -18.80 -11.94 24.70
CA PRO B 245 -18.88 -10.48 24.90
C PRO B 245 -18.17 -9.93 26.14
N ASN B 246 -18.18 -10.69 27.25
CA ASN B 246 -17.51 -10.34 28.51
C ASN B 246 -16.00 -10.40 28.42
N GLU B 247 -15.46 -11.44 27.75
CA GLU B 247 -14.02 -11.60 27.53
C GLU B 247 -13.49 -10.41 26.75
N LEU B 248 -14.17 -10.03 25.65
CA LEU B 248 -13.81 -8.88 24.84
C LEU B 248 -13.93 -7.57 25.64
N ALA B 249 -15.02 -7.40 26.41
CA ALA B 249 -15.25 -6.22 27.25
C ALA B 249 -14.11 -6.01 28.26
N ASP B 250 -13.68 -7.08 28.98
CA ASP B 250 -12.57 -7.05 29.95
C ASP B 250 -11.19 -6.84 29.30
N VAL B 251 -10.99 -7.40 28.09
CA VAL B 251 -9.78 -7.21 27.28
C VAL B 251 -9.72 -5.71 26.85
N ASN B 252 -10.82 -5.16 26.28
CA ASN B 252 -10.91 -3.75 25.86
C ASN B 252 -10.68 -2.82 27.02
N ASP B 253 -11.32 -3.07 28.18
CA ASP B 253 -11.20 -2.29 29.41
C ASP B 253 -9.77 -2.23 29.89
N TYR B 254 -9.09 -3.40 29.92
CA TYR B 254 -7.70 -3.58 30.34
C TYR B 254 -6.78 -2.73 29.44
N MET B 255 -6.95 -2.86 28.12
CA MET B 255 -6.18 -2.16 27.11
C MET B 255 -6.42 -0.64 27.13
N ARG B 256 -7.65 -0.23 27.43
CA ARG B 256 -8.05 1.18 27.47
C ARG B 256 -7.78 1.89 28.82
N GLY B 257 -6.94 1.30 29.67
CA GLY B 257 -6.58 1.92 30.94
C GLY B 257 -6.82 1.11 32.20
N GLY B 258 -7.53 -0.01 32.08
CA GLY B 258 -7.84 -0.88 33.22
C GLY B 258 -6.64 -1.64 33.72
N TYR B 259 -5.60 -1.69 32.89
CA TYR B 259 -4.33 -2.38 33.15
C TYR B 259 -3.67 -1.97 34.44
N THR B 260 -3.76 -0.68 34.82
CA THR B 260 -3.15 -0.14 36.03
C THR B 260 -3.65 -0.85 37.31
N ALA B 261 -4.98 -0.83 37.57
CA ALA B 261 -5.59 -1.45 38.75
C ALA B 261 -5.36 -2.96 38.80
N ILE B 262 -5.49 -3.63 37.62
CA ILE B 262 -5.30 -5.07 37.43
C ILE B 262 -3.84 -5.52 37.70
N ASN B 263 -2.86 -4.88 37.03
CA ASN B 263 -1.43 -5.21 37.18
C ASN B 263 -0.89 -4.90 38.55
N ASN B 264 -1.30 -3.76 39.15
CA ASN B 264 -0.89 -3.36 40.50
C ASN B 264 -1.38 -4.37 41.52
N TYR B 265 -2.64 -4.85 41.35
CA TYR B 265 -3.32 -5.87 42.16
C TYR B 265 -2.59 -7.18 42.06
N LEU B 266 -2.17 -7.55 40.85
CA LEU B 266 -1.41 -8.77 40.60
C LEU B 266 0.02 -8.69 41.18
N ILE B 267 0.73 -7.53 41.01
CA ILE B 267 2.10 -7.36 41.53
C ILE B 267 2.11 -7.38 43.09
N SER B 268 1.06 -6.82 43.72
CA SER B 268 0.92 -6.78 45.17
C SER B 268 0.44 -8.10 45.77
N ASN B 269 0.18 -9.12 44.93
CA ASN B 269 -0.33 -10.46 45.28
C ASN B 269 -1.72 -10.34 45.94
N GLY B 270 -2.49 -9.36 45.45
CA GLY B 270 -3.85 -9.05 45.87
C GLY B 270 -4.81 -10.23 45.79
N PRO B 271 -4.79 -11.11 44.73
CA PRO B 271 -5.73 -12.25 44.71
C PRO B 271 -5.67 -13.17 45.93
N VAL B 272 -4.55 -13.10 46.68
CA VAL B 272 -4.26 -13.87 47.88
C VAL B 272 -4.43 -12.96 49.12
N ASN B 273 -3.66 -11.86 49.19
CA ASN B 273 -3.63 -10.91 50.30
C ASN B 273 -4.96 -10.16 50.52
N ASN B 274 -5.47 -9.45 49.49
CA ASN B 274 -6.73 -8.70 49.58
C ASN B 274 -7.57 -9.00 48.33
N PRO B 275 -8.26 -10.17 48.29
CA PRO B 275 -9.01 -10.56 47.09
C PRO B 275 -10.08 -9.56 46.65
N ASN B 276 -10.09 -9.25 45.36
CA ASN B 276 -11.07 -8.38 44.74
C ASN B 276 -11.77 -9.25 43.69
N PRO B 277 -12.98 -9.76 44.00
CA PRO B 277 -13.69 -10.64 43.05
C PRO B 277 -14.01 -10.00 41.70
N GLU B 278 -14.28 -8.66 41.65
CA GLU B 278 -14.57 -7.92 40.41
C GLU B 278 -13.35 -7.93 39.48
N LEU B 279 -12.15 -7.72 40.04
CA LEU B 279 -10.86 -7.75 39.35
C LEU B 279 -10.46 -9.19 38.97
N ASP B 280 -10.73 -10.18 39.86
CA ASP B 280 -10.48 -11.60 39.63
C ASP B 280 -11.24 -12.15 38.45
N SER B 281 -12.49 -11.68 38.23
CA SER B 281 -13.30 -12.06 37.06
C SER B 281 -12.67 -11.52 35.77
N LYS B 282 -12.21 -10.25 35.81
CA LYS B 282 -11.53 -9.56 34.72
C LYS B 282 -10.26 -10.31 34.34
N ILE B 283 -9.43 -10.68 35.32
CA ILE B 283 -8.20 -11.44 35.14
C ILE B 283 -8.48 -12.82 34.51
N THR B 284 -9.50 -13.56 35.02
CA THR B 284 -9.93 -14.88 34.53
C THR B 284 -10.30 -14.79 33.04
N ASN B 285 -11.00 -13.70 32.65
CA ASN B 285 -11.48 -13.43 31.28
C ASN B 285 -10.39 -13.06 30.31
N ILE B 286 -9.40 -12.26 30.75
CA ILE B 286 -8.28 -11.85 29.90
C ILE B 286 -7.37 -13.07 29.69
N GLU B 287 -7.07 -13.82 30.75
CA GLU B 287 -6.26 -15.03 30.69
C GLU B 287 -6.87 -16.05 29.71
N ASN B 288 -8.20 -16.27 29.79
CA ASN B 288 -8.91 -17.22 28.92
C ASN B 288 -8.86 -16.75 27.48
N ALA B 289 -9.07 -15.45 27.24
CA ALA B 289 -9.00 -14.80 25.94
C ALA B 289 -7.60 -15.02 25.28
N LEU B 290 -6.50 -14.94 26.09
CA LEU B 290 -5.11 -15.17 25.61
C LEU B 290 -4.84 -16.67 25.32
N LYS B 291 -5.71 -17.57 25.80
CA LYS B 291 -5.61 -19.02 25.62
C LYS B 291 -6.44 -19.53 24.42
N ARG B 292 -7.32 -18.64 23.85
CA ARG B 292 -8.22 -18.97 22.74
C ARG B 292 -7.48 -19.25 21.46
N GLU B 293 -6.51 -18.39 21.15
CA GLU B 293 -5.67 -18.53 19.98
C GLU B 293 -4.23 -18.34 20.41
N PRO B 294 -3.54 -19.43 20.80
CA PRO B 294 -2.16 -19.30 21.27
C PRO B 294 -1.20 -18.85 20.16
N ILE B 295 -0.02 -18.31 20.55
CA ILE B 295 1.00 -17.84 19.60
C ILE B 295 1.32 -18.99 18.63
N PRO B 296 1.01 -18.81 17.32
CA PRO B 296 1.07 -19.97 16.41
C PRO B 296 2.47 -20.46 16.01
N THR B 297 3.42 -19.57 16.11
CA THR B 297 4.80 -19.83 15.70
C THR B 297 5.75 -19.23 16.75
N ASN B 298 7.03 -19.65 16.74
CA ASN B 298 7.99 -19.10 17.68
C ASN B 298 8.13 -17.64 17.28
N LEU B 299 7.86 -16.74 18.23
CA LEU B 299 7.77 -15.31 18.03
C LEU B 299 8.62 -14.54 19.02
N THR B 300 9.46 -13.64 18.49
CA THR B 300 10.30 -12.79 19.29
C THR B 300 9.59 -11.48 19.51
N VAL B 301 9.38 -11.14 20.79
CA VAL B 301 8.75 -9.89 21.21
C VAL B 301 9.71 -9.07 22.02
N TYR B 302 9.47 -7.76 22.05
CA TYR B 302 10.32 -6.81 22.76
C TYR B 302 9.51 -5.99 23.77
N ARG B 303 10.11 -5.81 24.94
CA ARG B 303 9.51 -5.05 26.01
C ARG B 303 10.52 -4.05 26.56
N ARG B 304 10.10 -2.77 26.68
CA ARG B 304 10.91 -1.76 27.33
C ARG B 304 10.60 -1.90 28.82
N SER B 305 11.56 -2.46 29.57
CA SER B 305 11.42 -2.73 31.00
C SER B 305 12.04 -1.62 31.83
N GLY B 306 11.42 -1.34 32.97
CA GLY B 306 11.84 -0.37 33.95
C GLY B 306 12.53 -1.04 35.14
N PRO B 307 13.02 -0.25 36.13
CA PRO B 307 13.78 -0.85 37.24
C PRO B 307 13.03 -1.81 38.18
N GLN B 308 11.78 -1.50 38.60
CA GLN B 308 11.00 -2.31 39.54
C GLN B 308 10.80 -3.79 39.11
N GLU B 309 10.83 -4.04 37.79
CA GLU B 309 10.69 -5.37 37.17
C GLU B 309 11.87 -6.28 37.50
N PHE B 310 13.03 -5.66 37.84
CA PHE B 310 14.30 -6.31 38.20
C PHE B 310 14.74 -5.97 39.64
N GLY B 311 13.76 -5.67 40.49
CA GLY B 311 13.95 -5.33 41.91
C GLY B 311 14.79 -4.10 42.17
N LEU B 312 14.61 -3.05 41.34
CA LEU B 312 15.36 -1.80 41.45
C LEU B 312 14.42 -0.59 41.41
N THR B 313 14.98 0.63 41.51
CA THR B 313 14.25 1.90 41.46
C THR B 313 15.02 2.83 40.50
N LEU B 314 14.44 4.00 40.15
CA LEU B 314 15.11 4.95 39.25
C LEU B 314 16.30 5.62 39.96
N THR B 315 16.17 5.79 41.29
CA THR B 315 17.17 6.37 42.19
C THR B 315 18.27 5.37 42.58
N SER B 316 18.03 4.06 42.28
CA SER B 316 18.96 2.96 42.57
C SER B 316 20.31 3.12 41.86
N PRO B 317 21.44 2.96 42.59
CA PRO B 317 22.75 3.11 41.93
C PRO B 317 23.10 1.99 40.95
N GLU B 318 22.48 0.81 41.14
CA GLU B 318 22.66 -0.40 40.33
C GLU B 318 21.98 -0.26 38.95
N TYR B 319 21.06 0.71 38.80
CA TYR B 319 20.34 0.99 37.55
C TYR B 319 21.19 1.90 36.63
N ASP B 320 22.33 2.42 37.13
CA ASP B 320 23.25 3.24 36.32
C ASP B 320 24.20 2.32 35.55
N PHE B 321 23.76 1.88 34.37
CA PHE B 321 24.52 0.96 33.53
C PHE B 321 25.69 1.63 32.79
N ASN B 322 25.97 2.91 33.10
CA ASN B 322 27.10 3.61 32.53
C ASN B 322 28.39 3.23 33.26
N LYS B 323 28.23 2.69 34.49
CA LYS B 323 29.32 2.16 35.30
C LYS B 323 29.33 0.65 35.02
N LEU B 324 30.44 0.13 34.45
CA LEU B 324 30.58 -1.28 34.07
C LEU B 324 30.25 -2.26 35.20
N GLU B 325 30.72 -1.96 36.44
CA GLU B 325 30.50 -2.74 37.66
C GLU B 325 29.01 -3.10 37.89
N ASN B 326 28.09 -2.20 37.47
CA ASN B 326 26.63 -2.38 37.57
C ASN B 326 26.07 -3.36 36.56
N ILE B 327 26.63 -3.38 35.33
CA ILE B 327 26.26 -4.33 34.27
C ILE B 327 26.71 -5.73 34.71
N ASP B 328 27.96 -5.86 35.22
CA ASP B 328 28.50 -7.13 35.73
C ASP B 328 27.63 -7.64 36.85
N ALA B 329 27.25 -6.76 37.80
CA ALA B 329 26.41 -7.10 38.97
C ALA B 329 25.01 -7.53 38.54
N PHE B 330 24.43 -6.83 37.52
CA PHE B 330 23.12 -7.13 36.94
C PHE B 330 23.17 -8.49 36.23
N LYS B 331 24.21 -8.73 35.39
CA LYS B 331 24.44 -9.98 34.67
C LYS B 331 24.61 -11.15 35.63
N SER B 332 25.44 -10.98 36.68
CA SER B 332 25.69 -11.98 37.71
C SER B 332 24.38 -12.44 38.36
N LYS B 333 23.54 -11.47 38.78
CA LYS B 333 22.25 -11.67 39.43
C LYS B 333 21.17 -12.22 38.51
N TRP B 334 21.07 -11.73 37.25
CA TRP B 334 19.98 -12.10 36.35
C TRP B 334 20.28 -13.15 35.25
N GLU B 335 21.54 -13.39 34.86
CA GLU B 335 21.81 -14.41 33.82
C GLU B 335 21.67 -15.84 34.36
N GLY B 336 20.89 -16.65 33.64
CA GLY B 336 20.62 -18.05 33.98
C GLY B 336 19.46 -18.17 34.94
N GLN B 337 18.86 -17.01 35.30
CA GLN B 337 17.75 -16.92 36.23
C GLN B 337 16.39 -16.86 35.55
N ALA B 338 15.37 -17.28 36.29
CA ALA B 338 13.98 -17.23 35.88
C ALA B 338 13.34 -15.99 36.52
N LEU B 339 12.79 -15.12 35.69
CA LEU B 339 12.13 -13.90 36.10
C LEU B 339 10.63 -14.08 35.94
N SER B 340 9.89 -13.93 37.06
CA SER B 340 8.44 -14.10 37.11
C SER B 340 7.67 -12.78 37.06
N TYR B 341 6.57 -12.75 36.30
CA TYR B 341 5.73 -11.56 36.17
C TYR B 341 4.33 -11.87 36.70
N PRO B 342 3.95 -11.37 37.90
CA PRO B 342 2.60 -11.67 38.43
C PRO B 342 1.45 -11.05 37.62
N ASN B 343 1.76 -9.94 36.93
CA ASN B 343 0.89 -9.14 36.08
C ASN B 343 0.95 -9.61 34.63
N PHE B 344 -0.03 -9.19 33.80
CA PHE B 344 -0.02 -9.51 32.37
C PHE B 344 1.09 -8.65 31.79
N ILE B 345 1.83 -9.18 30.79
CA ILE B 345 2.99 -8.50 30.19
C ILE B 345 2.71 -7.87 28.81
N PHE B 346 2.91 -6.54 28.70
CA PHE B 346 2.80 -5.73 27.48
C PHE B 346 4.13 -5.82 26.70
N THR B 347 4.06 -6.34 25.46
CA THR B 347 5.21 -6.50 24.58
C THR B 347 4.86 -5.98 23.19
N SER B 348 5.86 -5.71 22.36
CA SER B 348 5.65 -5.24 20.99
C SER B 348 6.37 -6.19 20.05
N ILE B 349 5.89 -6.25 18.80
CA ILE B 349 6.58 -7.06 17.79
C ILE B 349 7.79 -6.29 17.30
N GLY B 350 7.84 -5.01 17.64
CA GLY B 350 8.91 -4.08 17.27
C GLY B 350 9.88 -3.74 18.36
N SER B 351 11.18 -3.82 18.04
CA SER B 351 12.30 -3.56 18.95
C SER B 351 12.59 -2.05 19.12
N VAL B 352 12.11 -1.22 18.18
CA VAL B 352 12.32 0.23 18.17
C VAL B 352 11.94 0.92 19.50
N ASN B 353 12.67 2.00 19.83
CA ASN B 353 12.41 2.78 21.04
C ASN B 353 11.09 3.52 20.86
N MET B 354 10.40 3.75 21.99
CA MET B 354 9.10 4.44 22.00
CA MET B 354 9.12 4.46 21.99
C MET B 354 9.18 5.61 22.97
N SER B 355 8.55 6.75 22.61
CA SER B 355 8.47 8.01 23.37
C SER B 355 8.21 7.81 24.88
N ALA B 356 7.20 6.97 25.23
CA ALA B 356 6.77 6.69 26.60
C ALA B 356 7.79 5.91 27.43
N PHE B 357 8.72 5.19 26.76
CA PHE B 357 9.73 4.36 27.42
C PHE B 357 11.14 4.74 27.07
N ALA B 358 11.32 5.99 26.63
CA ALA B 358 12.57 6.62 26.21
C ALA B 358 13.69 6.45 27.20
N LYS B 359 13.40 6.56 28.51
CA LYS B 359 14.39 6.46 29.57
C LYS B 359 14.59 5.03 30.09
N ARG B 360 13.68 4.08 29.75
CA ARG B 360 13.76 2.66 30.18
C ARG B 360 15.04 2.02 29.65
N LYS B 361 15.97 1.73 30.59
CA LYS B 361 17.32 1.19 30.40
C LYS B 361 17.39 -0.34 30.15
N ILE B 362 16.24 -1.04 30.18
CA ILE B 362 16.23 -2.50 29.96
C ILE B 362 15.32 -2.85 28.80
N VAL B 363 15.83 -3.59 27.84
CA VAL B 363 15.05 -4.11 26.71
C VAL B 363 14.94 -5.63 26.92
N LEU B 364 13.74 -6.08 27.22
CA LEU B 364 13.43 -7.47 27.44
C LEU B 364 13.03 -8.06 26.09
N ARG B 365 13.94 -8.86 25.52
CA ARG B 365 13.76 -9.55 24.24
C ARG B 365 13.31 -10.95 24.59
N ILE B 366 12.02 -11.23 24.35
CA ILE B 366 11.40 -12.50 24.71
C ILE B 366 11.14 -13.39 23.51
N THR B 367 11.53 -14.67 23.61
CA THR B 367 11.22 -15.66 22.59
C THR B 367 10.04 -16.49 23.10
N ILE B 368 8.87 -16.18 22.54
CA ILE B 368 7.63 -16.85 22.83
C ILE B 368 7.62 -18.15 22.01
N PRO B 369 7.64 -19.35 22.64
CA PRO B 369 7.54 -20.57 21.81
C PRO B 369 6.11 -20.77 21.27
N LYS B 370 5.98 -21.54 20.17
CA LYS B 370 4.74 -21.92 19.53
C LYS B 370 3.83 -22.58 20.57
N GLY B 371 2.56 -22.14 20.62
CA GLY B 371 1.54 -22.67 21.53
C GLY B 371 1.35 -21.97 22.87
N SER B 372 2.11 -20.90 23.10
CA SER B 372 2.07 -20.10 24.32
C SER B 372 0.82 -19.25 24.36
N PRO B 373 0.25 -18.96 25.56
CA PRO B 373 -0.88 -18.03 25.60
C PRO B 373 -0.37 -16.66 25.23
N GLY B 374 -1.16 -15.98 24.42
CA GLY B 374 -0.82 -14.66 23.94
C GLY B 374 -1.67 -14.31 22.76
N ALA B 375 -1.68 -13.02 22.43
CA ALA B 375 -2.46 -12.51 21.30
C ALA B 375 -1.92 -11.18 20.87
N TYR B 376 -1.91 -10.95 19.55
CA TYR B 376 -1.58 -9.67 18.94
C TYR B 376 -2.84 -8.79 19.10
N LEU B 377 -2.83 -7.92 20.11
CA LEU B 377 -3.98 -7.05 20.46
C LEU B 377 -4.18 -5.87 19.54
N SER B 378 -3.13 -5.46 18.80
CA SER B 378 -3.20 -4.36 17.82
C SER B 378 -4.10 -4.68 16.59
N ALA B 379 -4.71 -5.88 16.60
CA ALA B 379 -5.66 -6.31 15.58
C ALA B 379 -7.05 -5.73 15.97
N ILE B 380 -7.16 -5.20 17.21
CA ILE B 380 -8.34 -4.52 17.72
C ILE B 380 -8.00 -3.02 17.72
N PRO B 381 -8.74 -2.19 16.95
CA PRO B 381 -8.43 -0.75 16.92
C PRO B 381 -8.77 0.00 18.22
N GLY B 382 -7.98 1.03 18.54
CA GLY B 382 -8.20 1.90 19.69
C GLY B 382 -7.34 1.72 20.91
N TYR B 383 -6.18 1.09 20.77
CA TYR B 383 -5.29 0.89 21.91
C TYR B 383 -4.05 1.80 21.81
N ALA B 384 -3.58 2.34 22.96
CA ALA B 384 -2.43 3.24 23.04
C ALA B 384 -1.10 2.59 22.69
N GLY B 385 -0.94 1.33 23.08
CA GLY B 385 0.26 0.55 22.82
C GLY B 385 0.51 0.28 21.34
N GLN B 386 1.78 0.13 20.97
CA GLN B 386 2.17 -0.07 19.58
C GLN B 386 2.59 -1.49 19.24
N TYR B 387 1.93 -2.11 18.22
CA TYR B 387 2.23 -3.44 17.66
C TYR B 387 2.35 -4.49 18.75
N GLN B 388 1.37 -4.43 19.67
CA GLN B 388 1.22 -5.18 20.91
C GLN B 388 0.90 -6.63 20.80
N VAL B 389 1.50 -7.38 21.71
CA VAL B 389 1.31 -8.79 21.97
C VAL B 389 1.20 -8.82 23.49
N LEU B 390 0.09 -9.35 24.04
CA LEU B 390 -0.07 -9.42 25.49
C LEU B 390 0.16 -10.83 25.91
N LEU B 391 1.05 -11.00 26.90
CA LEU B 391 1.41 -12.29 27.47
C LEU B 391 0.67 -12.50 28.79
N ASN B 392 0.30 -13.75 29.05
CA ASN B 392 -0.43 -14.11 30.25
C ASN B 392 0.22 -13.73 31.55
N HIS B 393 -0.59 -13.44 32.58
CA HIS B 393 -0.11 -13.13 33.92
C HIS B 393 0.49 -14.40 34.53
N GLY B 394 1.51 -14.23 35.35
CA GLY B 394 2.21 -15.33 36.00
C GLY B 394 3.22 -16.04 35.12
N SER B 395 3.64 -15.38 34.02
CA SER B 395 4.62 -15.92 33.07
C SER B 395 6.04 -15.86 33.66
N LYS B 396 6.84 -16.90 33.36
CA LYS B 396 8.22 -17.02 33.81
C LYS B 396 9.12 -16.93 32.58
N PHE B 397 10.16 -16.10 32.69
CA PHE B 397 11.12 -15.83 31.63
C PHE B 397 12.50 -16.30 32.05
N LYS B 398 13.05 -17.24 31.30
CA LYS B 398 14.40 -17.74 31.55
C LYS B 398 15.35 -16.80 30.85
N ILE B 399 16.18 -16.05 31.64
CA ILE B 399 17.19 -15.11 31.11
C ILE B 399 18.41 -15.92 30.72
N ASN B 400 18.75 -15.92 29.43
CA ASN B 400 19.84 -16.72 28.88
C ASN B 400 21.14 -15.93 28.78
N LYS B 401 21.02 -14.70 28.28
CA LYS B 401 22.13 -13.81 28.03
C LYS B 401 21.66 -12.37 28.17
N ILE B 402 22.58 -11.49 28.62
CA ILE B 402 22.40 -10.04 28.76
C ILE B 402 23.54 -9.34 27.99
N ASP B 403 23.20 -8.36 27.14
CA ASP B 403 24.14 -7.58 26.35
C ASP B 403 23.89 -6.10 26.56
N SER B 404 24.95 -5.29 26.50
CA SER B 404 24.79 -3.85 26.64
C SER B 404 24.93 -3.18 25.27
N TYR B 405 24.54 -1.90 25.21
CA TYR B 405 24.65 -1.03 24.06
C TYR B 405 24.48 0.41 24.53
N LYS B 406 24.95 1.36 23.72
CA LYS B 406 24.82 2.76 24.03
C LYS B 406 23.73 3.41 23.19
N ASP B 407 22.66 3.84 23.87
CA ASP B 407 21.56 4.58 23.27
C ASP B 407 21.94 6.04 23.55
N GLY B 408 22.87 6.53 22.75
CA GLY B 408 23.46 7.85 22.90
C GLY B 408 24.39 7.85 24.09
N THR B 409 24.10 8.70 25.08
CA THR B 409 24.89 8.82 26.30
C THR B 409 24.57 7.71 27.30
N ILE B 410 23.34 7.17 27.24
CA ILE B 410 22.84 6.14 28.15
C ILE B 410 23.13 4.71 27.67
N THR B 411 23.80 3.90 28.53
CA THR B 411 24.07 2.49 28.28
C THR B 411 22.85 1.69 28.75
N LYS B 412 22.26 0.92 27.82
CA LYS B 412 21.05 0.12 28.03
C LYS B 412 21.33 -1.37 27.85
N LEU B 413 20.50 -2.20 28.46
CA LEU B 413 20.70 -3.65 28.37
C LEU B 413 19.66 -4.36 27.53
N ILE B 414 20.09 -5.43 26.86
CA ILE B 414 19.24 -6.32 26.07
C ILE B 414 19.27 -7.65 26.82
N VAL B 415 18.12 -8.07 27.34
CA VAL B 415 17.94 -9.31 28.09
C VAL B 415 17.28 -10.36 27.17
N ASP B 416 18.04 -11.38 26.71
CA ASP B 416 17.55 -12.46 25.85
C ASP B 416 16.96 -13.54 26.78
N ALA B 417 15.65 -13.50 26.95
CA ALA B 417 14.89 -14.40 27.79
C ALA B 417 13.94 -15.20 26.95
N THR B 418 13.66 -16.44 27.39
CA THR B 418 12.73 -17.36 26.76
C THR B 418 11.53 -17.47 27.68
N LEU B 419 10.31 -17.50 27.11
CA LEU B 419 9.09 -17.70 27.90
C LEU B 419 9.06 -19.19 28.28
N ILE B 420 8.97 -19.49 29.59
CA ILE B 420 8.95 -20.87 30.11
C ILE B 420 7.53 -21.43 30.09
N PRO B 421 7.28 -22.54 29.35
CA PRO B 421 5.93 -23.13 29.32
C PRO B 421 5.60 -23.96 30.56
N THR C 6 -4.70 -23.85 28.05
CA THR C 6 -5.94 -24.45 27.53
C THR C 6 -7.19 -23.53 27.78
N TYR C 7 -7.93 -23.26 26.68
CA TYR C 7 -9.13 -22.40 26.67
C TYR C 7 -10.34 -23.12 27.22
N LYS C 8 -11.02 -22.49 28.18
CA LYS C 8 -12.27 -22.99 28.77
C LYS C 8 -13.42 -22.42 27.93
N ALA C 9 -14.21 -23.30 27.30
CA ALA C 9 -15.38 -22.91 26.48
C ALA C 9 -16.44 -22.23 27.34
N PRO C 10 -17.23 -21.25 26.80
CA PRO C 10 -18.29 -20.62 27.60
C PRO C 10 -19.36 -21.63 28.08
N ILE C 11 -19.74 -22.59 27.22
CA ILE C 11 -20.66 -23.68 27.52
C ILE C 11 -19.95 -25.01 27.03
N GLU C 12 -19.47 -25.82 28.00
CA GLU C 12 -18.72 -27.08 27.89
C GLU C 12 -19.39 -28.16 27.05
N ARG C 13 -18.57 -28.97 26.34
CA ARG C 13 -19.00 -30.10 25.48
C ARG C 13 -17.82 -31.03 25.15
N PRO C 14 -18.04 -32.32 24.77
CA PRO C 14 -16.89 -33.13 24.32
C PRO C 14 -16.60 -32.85 22.84
N GLU C 15 -15.59 -33.51 22.26
CA GLU C 15 -15.34 -33.33 20.84
C GLU C 15 -16.40 -34.07 20.04
N ASP C 16 -16.96 -35.12 20.64
CA ASP C 16 -17.97 -35.98 20.05
C ASP C 16 -19.04 -36.34 21.08
N PHE C 17 -20.31 -36.08 20.75
CA PHE C 17 -21.43 -36.44 21.63
C PHE C 17 -21.81 -37.90 21.45
N LEU C 18 -21.31 -38.53 20.34
CA LEU C 18 -21.54 -39.92 19.96
C LEU C 18 -23.02 -40.16 19.75
N LYS C 19 -23.65 -41.14 20.45
CA LYS C 19 -25.08 -41.46 20.31
C LYS C 19 -25.99 -40.63 21.23
N ASP C 20 -25.39 -39.88 22.18
CA ASP C 20 -26.11 -39.07 23.18
C ASP C 20 -26.85 -37.85 22.57
N LYS C 21 -28.01 -38.10 21.94
CA LYS C 21 -28.87 -37.10 21.32
C LYS C 21 -29.30 -36.05 22.35
N GLU C 22 -29.67 -36.50 23.56
CA GLU C 22 -30.12 -35.66 24.66
C GLU C 22 -29.10 -34.58 25.02
N LYS C 23 -27.85 -34.99 25.38
CA LYS C 23 -26.79 -34.07 25.75
C LYS C 23 -26.36 -33.20 24.59
N ALA C 24 -26.35 -33.77 23.35
CA ALA C 24 -26.00 -33.08 22.10
C ALA C 24 -26.93 -31.92 21.76
N LYS C 25 -28.28 -32.17 21.83
CA LYS C 25 -29.32 -31.19 21.54
C LYS C 25 -29.43 -30.14 22.64
N GLU C 26 -29.11 -30.51 23.91
CA GLU C 26 -29.12 -29.61 25.05
C GLU C 26 -28.02 -28.57 24.90
N TRP C 27 -26.83 -29.00 24.46
CA TRP C 27 -25.70 -28.12 24.22
C TRP C 27 -26.00 -27.20 23.03
N GLU C 28 -26.55 -27.77 21.93
CA GLU C 28 -26.89 -27.08 20.68
C GLU C 28 -27.89 -25.95 20.93
N ARG C 29 -28.85 -26.16 21.86
CA ARG C 29 -29.87 -25.16 22.23
C ARG C 29 -29.24 -24.01 23.02
N LYS C 30 -28.42 -24.34 24.04
CA LYS C 30 -27.71 -23.37 24.87
C LYS C 30 -26.71 -22.55 24.03
N GLU C 31 -26.03 -23.22 23.09
CA GLU C 31 -25.02 -22.64 22.21
C GLU C 31 -25.64 -21.74 21.13
N ALA C 32 -26.84 -22.09 20.64
CA ALA C 32 -27.60 -21.33 19.65
C ALA C 32 -28.08 -20.04 20.29
N GLU C 33 -28.48 -20.11 21.57
CA GLU C 33 -28.95 -18.99 22.39
C GLU C 33 -27.79 -18.04 22.65
N ARG C 34 -26.62 -18.59 22.98
CA ARG C 34 -25.38 -17.82 23.23
C ARG C 34 -24.90 -17.03 22.03
N ILE C 35 -24.82 -17.70 20.85
CA ILE C 35 -24.36 -17.08 19.61
C ILE C 35 -25.37 -16.07 19.10
N GLU C 36 -26.68 -16.32 19.28
CA GLU C 36 -27.75 -15.42 18.87
C GLU C 36 -27.45 -13.97 19.36
N GLN C 37 -26.93 -13.86 20.61
CA GLN C 37 -26.56 -12.61 21.27
C GLN C 37 -25.38 -11.91 20.57
N LYS C 38 -24.42 -12.70 20.06
CA LYS C 38 -23.23 -12.18 19.36
C LYS C 38 -23.54 -11.73 17.91
N LEU C 39 -24.70 -12.14 17.35
CA LEU C 39 -25.09 -11.87 15.95
C LEU C 39 -25.59 -10.48 15.65
N GLU C 40 -25.31 -10.02 14.41
CA GLU C 40 -25.75 -8.75 13.89
C GLU C 40 -27.19 -8.86 13.42
N ARG C 41 -27.88 -7.71 13.29
CA ARG C 41 -29.26 -7.64 12.83
C ARG C 41 -29.33 -8.25 11.44
N SER C 42 -28.43 -7.77 10.55
CA SER C 42 -28.29 -8.20 9.16
C SER C 42 -28.01 -9.71 9.07
N GLU C 43 -27.22 -10.22 10.04
CA GLU C 43 -26.86 -11.63 10.19
C GLU C 43 -28.09 -12.44 10.56
N LYS C 44 -28.80 -12.05 11.65
CA LYS C 44 -30.03 -12.69 12.13
C LYS C 44 -31.09 -12.83 11.00
N GLU C 45 -31.35 -11.75 10.22
CA GLU C 45 -32.34 -11.82 9.14
C GLU C 45 -31.90 -12.74 7.98
N ALA C 46 -30.60 -12.90 7.74
CA ALA C 46 -30.07 -13.80 6.70
C ALA C 46 -30.29 -15.23 7.16
N LEU C 47 -30.28 -15.43 8.48
CA LEU C 47 -30.52 -16.70 9.17
C LEU C 47 -31.99 -17.07 9.01
N GLU C 48 -32.90 -16.08 9.13
CA GLU C 48 -34.35 -16.22 8.92
C GLU C 48 -34.64 -16.52 7.45
N SER C 49 -33.85 -15.88 6.53
CA SER C 49 -33.90 -16.03 5.08
C SER C 49 -33.46 -17.42 4.67
N TYR C 50 -32.50 -17.99 5.40
CA TYR C 50 -31.98 -19.35 5.16
C TYR C 50 -33.09 -20.38 5.51
N LYS C 51 -33.81 -20.15 6.62
CA LYS C 51 -34.91 -20.99 7.10
C LYS C 51 -36.03 -21.18 6.06
N LYS C 52 -36.31 -20.17 5.19
CA LYS C 52 -37.38 -20.29 4.20
C LYS C 52 -36.89 -20.46 2.73
N ASP C 53 -35.58 -20.62 2.48
CA ASP C 53 -34.99 -20.87 1.15
C ASP C 53 -33.61 -21.57 1.22
N SER C 54 -33.46 -22.54 2.13
CA SER C 54 -32.21 -23.27 2.37
C SER C 54 -31.57 -23.87 1.10
N VAL C 55 -32.34 -24.52 0.22
CA VAL C 55 -31.82 -25.19 -0.99
C VAL C 55 -31.09 -24.23 -2.00
N GLU C 56 -31.76 -23.12 -2.40
CA GLU C 56 -31.27 -22.12 -3.35
C GLU C 56 -30.12 -21.28 -2.84
N ILE C 57 -30.15 -20.92 -1.54
CA ILE C 57 -29.10 -20.18 -0.81
C ILE C 57 -27.86 -21.08 -0.70
N SER C 58 -28.05 -22.37 -0.36
CA SER C 58 -26.95 -23.34 -0.31
C SER C 58 -26.31 -23.61 -1.69
N LYS C 59 -27.14 -23.75 -2.78
CA LYS C 59 -26.67 -23.98 -4.16
C LYS C 59 -25.81 -22.82 -4.64
N TYR C 60 -26.16 -21.56 -4.23
CA TYR C 60 -25.42 -20.36 -4.62
C TYR C 60 -24.05 -20.32 -3.98
N SER C 61 -23.97 -20.57 -2.66
CA SER C 61 -22.71 -20.64 -1.94
C SER C 61 -21.70 -21.68 -2.51
N GLN C 62 -22.18 -22.70 -3.21
CA GLN C 62 -21.34 -23.71 -3.81
C GLN C 62 -20.58 -23.21 -5.05
N THR C 63 -21.25 -22.45 -5.93
CA THR C 63 -20.68 -22.01 -7.22
C THR C 63 -20.47 -20.51 -7.40
N ARG C 64 -20.93 -19.70 -6.44
CA ARG C 64 -20.87 -18.24 -6.48
C ARG C 64 -19.55 -17.62 -7.05
N ASN C 65 -18.42 -18.17 -6.63
CA ASN C 65 -17.04 -17.77 -6.92
C ASN C 65 -16.49 -18.10 -8.33
N TYR C 66 -17.24 -18.83 -9.16
CA TYR C 66 -16.79 -19.22 -10.51
C TYR C 66 -17.26 -18.22 -11.62
N PHE C 67 -17.92 -17.14 -11.21
CA PHE C 67 -18.40 -16.09 -12.10
C PHE C 67 -17.40 -14.92 -12.05
N TYR C 68 -17.62 -13.89 -12.87
CA TYR C 68 -16.78 -12.70 -12.87
C TYR C 68 -16.92 -11.95 -11.55
N ASP C 69 -15.88 -11.23 -11.14
CA ASP C 69 -15.87 -10.43 -9.91
C ASP C 69 -17.12 -9.52 -9.83
N TYR C 70 -17.49 -8.89 -10.97
CA TYR C 70 -18.63 -7.98 -11.10
C TYR C 70 -19.96 -8.70 -11.06
N GLN C 71 -20.04 -9.92 -11.63
CA GLN C 71 -21.24 -10.76 -11.61
C GLN C 71 -21.53 -11.19 -10.18
N ILE C 72 -20.47 -11.38 -9.35
CA ILE C 72 -20.57 -11.73 -7.93
C ILE C 72 -21.19 -10.54 -7.17
N GLU C 73 -20.64 -9.32 -7.33
CA GLU C 73 -21.15 -8.12 -6.65
C GLU C 73 -22.60 -7.75 -7.09
N ALA C 74 -22.98 -8.08 -8.35
CA ALA C 74 -24.29 -7.78 -8.93
C ALA C 74 -25.39 -8.79 -8.56
N ASN C 75 -25.01 -10.05 -8.22
CA ASN C 75 -25.98 -11.08 -7.87
C ASN C 75 -26.85 -10.72 -6.65
N SER C 76 -28.16 -10.95 -6.78
CA SER C 76 -29.16 -10.66 -5.73
C SER C 76 -29.02 -11.60 -4.52
N ARG C 77 -28.33 -12.73 -4.72
CA ARG C 77 -28.08 -13.74 -3.71
C ARG C 77 -26.80 -13.49 -2.89
N GLU C 78 -25.90 -12.62 -3.40
CA GLU C 78 -24.60 -12.30 -2.79
C GLU C 78 -24.72 -11.64 -1.41
N LYS C 79 -25.67 -10.73 -1.25
CA LYS C 79 -25.92 -10.04 0.01
C LYS C 79 -26.27 -11.03 1.15
N GLU C 80 -27.08 -12.07 0.86
CA GLU C 80 -27.41 -13.07 1.89
C GLU C 80 -26.31 -14.10 2.06
N TYR C 81 -25.49 -14.36 1.03
CA TYR C 81 -24.36 -15.27 1.15
C TYR C 81 -23.36 -14.67 2.13
N LYS C 82 -22.95 -13.40 1.87
CA LYS C 82 -21.99 -12.66 2.67
C LYS C 82 -22.38 -12.64 4.13
N GLU C 83 -23.63 -12.30 4.41
CA GLU C 83 -24.22 -12.20 5.75
C GLU C 83 -24.38 -13.55 6.48
N LEU C 84 -24.61 -14.64 5.74
CA LEU C 84 -24.71 -15.98 6.31
C LEU C 84 -23.31 -16.52 6.58
N ARG C 85 -22.36 -16.16 5.69
CA ARG C 85 -20.94 -16.48 5.79
C ARG C 85 -20.38 -15.83 7.06
N ASN C 86 -20.70 -14.54 7.26
CA ASN C 86 -20.30 -13.72 8.39
C ASN C 86 -20.70 -14.34 9.73
N ALA C 87 -22.00 -14.67 9.89
CA ALA C 87 -22.60 -15.28 11.06
C ALA C 87 -21.91 -16.60 11.50
N ILE C 88 -21.58 -17.50 10.53
CA ILE C 88 -20.85 -18.76 10.75
C ILE C 88 -19.37 -18.46 11.14
N SER C 89 -18.69 -17.57 10.37
CA SER C 89 -17.30 -17.13 10.59
C SER C 89 -17.08 -16.37 11.90
N LYS C 90 -18.16 -15.84 12.49
CA LYS C 90 -18.20 -15.12 13.75
C LYS C 90 -18.02 -16.12 14.87
N ASN C 91 -18.55 -17.37 14.74
CA ASN C 91 -18.35 -18.39 15.76
C ASN C 91 -17.50 -19.58 15.25
N LYS C 92 -16.16 -19.41 15.34
CA LYS C 92 -15.17 -20.43 15.01
C LYS C 92 -14.99 -21.27 16.29
N ILE C 93 -15.05 -22.60 16.16
CA ILE C 93 -14.97 -23.53 17.30
C ILE C 93 -13.58 -23.56 17.93
N ASP C 94 -13.55 -23.50 19.27
CA ASP C 94 -12.33 -23.47 20.10
C ASP C 94 -11.58 -24.81 20.16
N LYS C 95 -12.27 -25.88 19.78
CA LYS C 95 -11.73 -27.22 19.75
C LYS C 95 -12.46 -28.01 18.67
N PRO C 96 -11.94 -29.18 18.18
CA PRO C 96 -12.68 -29.92 17.14
C PRO C 96 -14.05 -30.43 17.56
N MET C 97 -14.88 -30.71 16.55
CA MET C 97 -16.22 -31.25 16.77
C MET C 97 -16.54 -32.25 15.67
N TYR C 98 -16.92 -33.47 16.08
CA TYR C 98 -17.33 -34.49 15.14
C TYR C 98 -18.79 -34.25 14.84
N VAL C 99 -19.12 -34.15 13.56
CA VAL C 99 -20.47 -33.88 13.09
C VAL C 99 -20.98 -35.03 12.26
N TYR C 100 -22.29 -35.18 12.20
CA TYR C 100 -22.94 -36.27 11.51
C TYR C 100 -23.95 -35.73 10.52
N TYR C 101 -23.96 -36.31 9.31
CA TYR C 101 -24.90 -35.97 8.26
C TYR C 101 -25.00 -37.08 7.22
N PHE C 102 -26.19 -37.25 6.64
CA PHE C 102 -26.41 -38.21 5.59
C PHE C 102 -25.98 -37.63 4.27
N GLU C 103 -25.24 -38.44 3.51
CA GLU C 103 -24.71 -38.09 2.20
C GLU C 103 -25.18 -39.12 1.19
N SER C 104 -25.22 -38.71 -0.08
CA SER C 104 -25.52 -39.57 -1.20
C SER C 104 -24.16 -40.19 -1.57
N PRO C 105 -24.07 -41.50 -1.90
CA PRO C 105 -22.75 -42.06 -2.27
C PRO C 105 -22.21 -41.42 -3.56
N GLU C 106 -23.13 -40.84 -4.38
CA GLU C 106 -22.89 -40.12 -5.64
C GLU C 106 -22.00 -38.90 -5.45
N LYS C 107 -21.92 -38.40 -4.19
CA LYS C 107 -21.12 -37.25 -3.80
C LYS C 107 -19.63 -37.56 -3.94
N PHE C 108 -19.28 -38.87 -3.90
CA PHE C 108 -17.90 -39.33 -4.01
C PHE C 108 -17.66 -40.12 -5.30
N ALA C 109 -18.55 -39.91 -6.30
CA ALA C 109 -18.58 -40.54 -7.63
C ALA C 109 -18.85 -42.06 -7.55
N PHE C 110 -19.55 -42.51 -6.47
CA PHE C 110 -20.01 -43.89 -6.36
C PHE C 110 -21.38 -43.89 -7.04
N ASN C 111 -21.43 -44.45 -8.25
CA ASN C 111 -22.59 -44.47 -9.14
C ASN C 111 -23.51 -45.69 -8.94
N LYS C 112 -23.13 -46.62 -8.03
CA LYS C 112 -23.92 -47.81 -7.72
C LYS C 112 -24.83 -47.61 -6.51
N VAL C 113 -25.93 -48.37 -6.44
CA VAL C 113 -26.89 -48.31 -5.33
C VAL C 113 -26.35 -49.20 -4.19
N ILE C 114 -26.03 -48.58 -3.03
CA ILE C 114 -25.52 -49.30 -1.85
C ILE C 114 -26.59 -50.30 -1.36
N ARG C 115 -27.83 -49.79 -1.28
CA ARG C 115 -29.08 -50.47 -0.97
C ARG C 115 -30.23 -49.51 -1.20
N THR C 116 -31.43 -50.06 -1.46
CA THR C 116 -32.66 -49.28 -1.63
C THR C 116 -33.18 -48.89 -0.24
N GLU C 117 -34.15 -47.96 -0.19
CA GLU C 117 -34.75 -47.52 1.08
C GLU C 117 -35.45 -48.67 1.80
N ASN C 118 -36.15 -49.53 1.05
CA ASN C 118 -36.87 -50.71 1.52
C ASN C 118 -35.92 -51.78 2.09
N GLN C 119 -34.72 -51.88 1.51
CA GLN C 119 -33.68 -52.84 1.89
C GLN C 119 -33.03 -52.56 3.25
N ASN C 120 -32.68 -53.64 3.97
CA ASN C 120 -32.04 -53.56 5.28
C ASN C 120 -30.55 -53.83 5.17
N GLU C 121 -30.18 -54.74 4.31
CA GLU C 121 -28.79 -55.16 4.22
C GLU C 121 -28.02 -54.40 3.15
N ILE C 122 -26.74 -54.18 3.45
CA ILE C 122 -25.72 -53.62 2.57
C ILE C 122 -24.78 -54.78 2.43
N SER C 123 -24.61 -55.27 1.19
CA SER C 123 -23.72 -56.41 0.92
C SER C 123 -22.26 -56.05 1.13
N LEU C 124 -21.43 -57.06 1.42
CA LEU C 124 -19.98 -56.91 1.58
C LEU C 124 -19.45 -56.37 0.26
N GLU C 125 -19.99 -56.88 -0.88
CA GLU C 125 -19.66 -56.46 -2.24
C GLU C 125 -19.84 -54.93 -2.40
N LYS C 126 -21.02 -54.38 -2.03
CA LYS C 126 -21.31 -52.93 -2.12
C LYS C 126 -20.51 -52.11 -1.11
N PHE C 127 -20.22 -52.71 0.07
CA PHE C 127 -19.41 -52.08 1.11
C PHE C 127 -17.95 -51.92 0.60
N ASN C 128 -17.35 -53.00 0.06
CA ASN C 128 -15.99 -53.01 -0.45
C ASN C 128 -15.81 -52.16 -1.69
N GLU C 129 -16.82 -52.16 -2.60
CA GLU C 129 -16.84 -51.35 -3.84
C GLU C 129 -16.82 -49.86 -3.50
N PHE C 130 -17.59 -49.40 -2.47
CA PHE C 130 -17.63 -47.99 -2.02
C PHE C 130 -16.29 -47.63 -1.43
N LYS C 131 -15.70 -48.50 -0.57
CA LYS C 131 -14.40 -48.30 0.04
C LYS C 131 -13.34 -48.12 -1.05
N GLU C 132 -13.42 -48.91 -2.13
CA GLU C 132 -12.51 -48.87 -3.26
C GLU C 132 -12.60 -47.55 -4.02
N THR C 133 -13.81 -46.95 -4.07
CA THR C 133 -14.11 -45.71 -4.77
C THR C 133 -13.62 -44.46 -3.99
N ILE C 134 -13.70 -44.47 -2.65
CA ILE C 134 -13.33 -43.32 -1.79
C ILE C 134 -11.88 -43.38 -1.27
N GLN C 135 -11.24 -44.57 -1.28
CA GLN C 135 -9.88 -44.76 -0.77
C GLN C 135 -8.84 -43.97 -1.52
N ASN C 136 -7.86 -43.44 -0.76
CA ASN C 136 -6.70 -42.64 -1.16
C ASN C 136 -7.04 -41.39 -2.01
N LYS C 137 -8.30 -40.93 -1.88
CA LYS C 137 -8.81 -39.76 -2.59
C LYS C 137 -9.15 -38.63 -1.64
N LEU C 138 -9.19 -37.40 -2.17
CA LEU C 138 -9.58 -36.19 -1.47
C LEU C 138 -10.76 -35.56 -2.19
N PHE C 139 -11.83 -35.27 -1.46
CA PHE C 139 -13.06 -34.69 -2.02
C PHE C 139 -13.34 -33.31 -1.47
N LYS C 140 -13.60 -32.36 -2.37
CA LYS C 140 -13.92 -30.99 -1.98
C LYS C 140 -15.41 -30.87 -1.64
N GLN C 141 -15.70 -30.31 -0.47
CA GLN C 141 -17.05 -30.11 0.09
C GLN C 141 -17.28 -28.60 0.23
N ASP C 142 -18.28 -28.05 -0.47
CA ASP C 142 -18.54 -26.61 -0.45
C ASP C 142 -20.01 -26.23 -0.27
N GLY C 143 -20.22 -25.03 0.24
CA GLY C 143 -21.56 -24.49 0.42
C GLY C 143 -22.17 -24.75 1.78
N PHE C 144 -23.20 -23.95 2.13
CA PHE C 144 -23.98 -24.05 3.37
C PHE C 144 -24.59 -25.43 3.52
N LYS C 145 -24.39 -26.04 4.70
CA LYS C 145 -24.92 -27.36 5.04
C LYS C 145 -25.41 -27.36 6.49
N ASP C 146 -26.50 -28.07 6.74
CA ASP C 146 -27.02 -28.33 8.06
C ASP C 146 -26.42 -29.66 8.54
N ILE C 147 -25.89 -29.68 9.75
CA ILE C 147 -25.28 -30.89 10.29
C ILE C 147 -25.85 -31.27 11.67
N SER C 148 -25.67 -32.53 12.07
CA SER C 148 -26.09 -33.05 13.37
C SER C 148 -24.85 -33.21 14.27
N LEU C 149 -25.08 -33.09 15.57
CA LEU C 149 -24.04 -33.16 16.58
C LEU C 149 -23.99 -34.50 17.33
N TYR C 150 -24.84 -35.44 16.90
CA TYR C 150 -24.93 -36.79 17.49
C TYR C 150 -25.17 -37.78 16.35
N GLU C 151 -24.91 -39.08 16.61
CA GLU C 151 -25.17 -40.19 15.69
C GLU C 151 -26.69 -40.48 15.68
N PRO C 152 -27.32 -40.42 14.47
CA PRO C 152 -28.76 -40.71 14.37
C PRO C 152 -29.12 -42.09 14.90
N GLY C 153 -30.33 -42.18 15.47
CA GLY C 153 -30.86 -43.40 16.07
C GLY C 153 -32.18 -43.82 15.47
N LYS C 154 -32.87 -44.78 16.15
CA LYS C 154 -34.17 -45.34 15.73
C LYS C 154 -35.19 -44.27 15.38
N GLY C 155 -35.26 -43.22 16.21
CA GLY C 155 -36.21 -42.11 16.06
C GLY C 155 -35.87 -41.05 15.03
N ASP C 156 -34.58 -40.85 14.76
CA ASP C 156 -34.09 -39.81 13.84
C ASP C 156 -34.30 -40.11 12.36
N GLU C 157 -34.31 -39.05 11.52
CA GLU C 157 -34.47 -39.13 10.06
C GLU C 157 -33.16 -39.56 9.39
N LYS C 158 -33.19 -40.69 8.66
CA LYS C 158 -32.03 -41.32 7.98
C LYS C 158 -32.27 -41.45 6.44
N PRO C 159 -32.19 -40.33 5.68
CA PRO C 159 -32.56 -40.35 4.25
C PRO C 159 -31.71 -41.17 3.28
N THR C 160 -30.46 -41.49 3.63
CA THR C 160 -29.57 -42.27 2.75
C THR C 160 -28.92 -43.43 3.52
N PRO C 161 -28.38 -44.49 2.86
CA PRO C 161 -27.69 -45.55 3.60
C PRO C 161 -26.26 -45.16 4.00
N LEU C 162 -25.83 -43.92 3.71
CA LEU C 162 -24.49 -43.40 3.99
C LEU C 162 -24.51 -42.29 5.03
N LEU C 163 -23.82 -42.51 6.15
CA LEU C 163 -23.70 -41.53 7.22
C LEU C 163 -22.26 -41.05 7.28
N MET C 164 -22.08 -39.74 7.15
CA MET C 164 -20.80 -39.07 7.25
C MET C 164 -20.57 -38.76 8.72
N HIS C 165 -19.40 -39.14 9.22
CA HIS C 165 -18.94 -38.87 10.58
C HIS C 165 -17.64 -38.10 10.39
N LEU C 166 -17.78 -36.76 10.27
CA LEU C 166 -16.73 -35.80 9.98
C LEU C 166 -16.14 -35.11 11.20
N LYS C 167 -14.79 -35.01 11.27
CA LYS C 167 -14.11 -34.27 12.34
C LYS C 167 -13.84 -32.87 11.79
N LEU C 168 -14.60 -31.90 12.31
CA LEU C 168 -14.39 -30.52 11.89
C LEU C 168 -13.26 -30.01 12.76
N PRO C 169 -12.15 -29.50 12.19
CA PRO C 169 -11.03 -29.08 13.02
C PRO C 169 -11.30 -27.84 13.86
N ARG C 170 -10.32 -27.48 14.70
CA ARG C 170 -10.40 -26.28 15.50
C ARG C 170 -10.43 -25.05 14.57
N ASN C 171 -11.19 -24.01 14.96
CA ASN C 171 -11.43 -22.72 14.29
C ASN C 171 -12.37 -22.82 13.09
N THR C 172 -13.06 -23.95 12.93
CA THR C 172 -14.07 -24.12 11.89
C THR C 172 -15.28 -23.27 12.30
N GLY C 173 -15.76 -22.46 11.35
CA GLY C 173 -16.98 -21.69 11.54
C GLY C 173 -18.14 -22.65 11.69
N MET C 174 -18.84 -22.58 12.79
CA MET C 174 -19.96 -23.47 13.05
C MET C 174 -21.02 -22.68 13.75
N LEU C 175 -22.22 -22.69 13.18
CA LEU C 175 -23.31 -21.87 13.69
C LEU C 175 -24.57 -22.67 14.18
N PRO C 176 -24.68 -23.04 15.47
CA PRO C 176 -25.94 -23.62 15.95
C PRO C 176 -26.98 -22.49 16.02
N TYR C 177 -28.17 -22.76 15.54
CA TYR C 177 -29.22 -21.76 15.45
C TYR C 177 -30.58 -22.40 15.68
N THR C 178 -31.56 -21.54 15.99
CA THR C 178 -32.94 -21.92 16.26
C THR C 178 -33.62 -22.11 14.92
N ASN C 179 -34.10 -23.31 14.67
CA ASN C 179 -34.74 -23.67 13.41
C ASN C 179 -36.26 -23.73 13.59
N THR C 180 -36.81 -22.70 14.27
CA THR C 180 -38.24 -22.47 14.57
C THR C 180 -38.86 -23.54 15.50
N ASN C 181 -38.88 -24.83 15.12
CA ASN C 181 -39.48 -25.90 15.92
C ASN C 181 -38.44 -26.80 16.53
N ASN C 182 -37.18 -26.48 16.34
CA ASN C 182 -36.02 -27.28 16.68
C ASN C 182 -34.76 -26.42 16.63
N VAL C 183 -33.58 -27.09 16.77
CA VAL C 183 -32.27 -26.48 16.63
C VAL C 183 -31.52 -27.20 15.55
N SER C 184 -30.70 -26.44 14.80
CA SER C 184 -29.84 -26.95 13.76
C SER C 184 -28.49 -26.28 13.85
N THR C 185 -27.48 -26.84 13.16
CA THR C 185 -26.11 -26.32 13.13
C THR C 185 -25.67 -26.17 11.68
N LEU C 186 -25.36 -24.94 11.31
CA LEU C 186 -25.00 -24.53 9.97
C LEU C 186 -23.50 -24.30 9.83
N ILE C 187 -22.90 -24.87 8.78
CA ILE C 187 -21.48 -24.73 8.42
C ILE C 187 -21.38 -24.25 6.96
N GLU C 188 -20.22 -23.69 6.53
CA GLU C 188 -20.06 -23.30 5.13
C GLU C 188 -19.24 -24.33 4.31
N GLN C 189 -18.70 -25.35 5.00
CA GLN C 189 -17.82 -26.35 4.40
C GLN C 189 -16.56 -25.62 3.82
N GLY C 190 -16.32 -25.70 2.52
CA GLY C 190 -15.18 -25.09 1.86
C GLY C 190 -13.87 -25.74 2.27
N TYR C 191 -13.82 -27.09 2.17
CA TYR C 191 -12.65 -27.90 2.52
C TYR C 191 -12.55 -29.23 1.79
N SER C 192 -11.36 -29.86 1.87
CA SER C 192 -10.99 -31.17 1.35
C SER C 192 -11.24 -32.18 2.48
N ILE C 193 -11.96 -33.26 2.18
CA ILE C 193 -12.19 -34.33 3.13
C ILE C 193 -11.60 -35.64 2.59
N LYS C 194 -11.12 -36.49 3.49
CA LYS C 194 -10.67 -37.83 3.14
C LYS C 194 -11.46 -38.77 4.03
N ILE C 195 -11.89 -39.91 3.48
CA ILE C 195 -12.61 -40.90 4.25
C ILE C 195 -11.58 -41.98 4.56
N ASP C 196 -11.13 -42.03 5.82
CA ASP C 196 -10.09 -42.95 6.26
C ASP C 196 -10.58 -44.37 6.47
N LYS C 197 -11.73 -44.55 7.11
CA LYS C 197 -12.30 -45.86 7.42
C LYS C 197 -13.81 -45.84 7.25
N ILE C 198 -14.38 -46.95 6.74
CA ILE C 198 -15.82 -47.12 6.61
C ILE C 198 -16.20 -48.32 7.43
N VAL C 199 -17.35 -48.21 8.11
CA VAL C 199 -17.92 -49.24 9.00
C VAL C 199 -19.35 -49.49 8.61
N ARG C 200 -19.78 -50.76 8.62
CA ARG C 200 -21.16 -51.12 8.34
C ARG C 200 -21.85 -51.17 9.70
N ILE C 201 -22.60 -50.10 10.02
CA ILE C 201 -23.35 -49.96 11.29
C ILE C 201 -24.81 -50.32 11.12
N VAL C 202 -25.50 -50.64 12.22
CA VAL C 202 -26.92 -50.99 12.18
C VAL C 202 -27.74 -50.01 13.02
N ILE C 203 -28.77 -49.42 12.40
CA ILE C 203 -29.70 -48.47 13.02
C ILE C 203 -31.09 -48.94 12.72
N ASP C 204 -31.78 -49.42 13.77
CA ASP C 204 -33.15 -49.94 13.71
C ASP C 204 -33.29 -51.06 12.65
N GLY C 205 -32.51 -52.13 12.83
CA GLY C 205 -32.49 -53.30 11.96
C GLY C 205 -32.17 -53.06 10.50
N LYS C 206 -31.46 -51.99 10.21
CA LYS C 206 -31.05 -51.61 8.85
C LYS C 206 -29.58 -51.29 8.90
N HIS C 207 -28.83 -51.62 7.82
CA HIS C 207 -27.39 -51.35 7.66
C HIS C 207 -27.14 -49.96 7.09
N TYR C 208 -26.09 -49.31 7.56
CA TYR C 208 -25.65 -47.99 7.11
C TYR C 208 -24.14 -48.00 7.05
N ILE C 209 -23.55 -47.32 6.05
CA ILE C 209 -22.10 -47.16 5.95
C ILE C 209 -21.78 -45.87 6.70
N LYS C 210 -21.07 -45.98 7.83
CA LYS C 210 -20.61 -44.87 8.65
C LYS C 210 -19.19 -44.53 8.16
N ALA C 211 -19.07 -43.43 7.38
CA ALA C 211 -17.83 -42.95 6.80
C ALA C 211 -17.08 -42.06 7.80
N GLU C 212 -15.85 -42.43 8.15
CA GLU C 212 -14.99 -41.69 9.07
C GLU C 212 -14.24 -40.69 8.24
N ALA C 213 -14.69 -39.44 8.28
CA ALA C 213 -14.12 -38.36 7.46
C ALA C 213 -13.37 -37.32 8.25
N SER C 214 -12.24 -36.91 7.69
CA SER C 214 -11.40 -35.92 8.33
C SER C 214 -11.12 -34.81 7.35
N VAL C 215 -10.91 -33.60 7.86
CA VAL C 215 -10.62 -32.46 7.01
C VAL C 215 -9.10 -32.37 6.79
N VAL C 216 -8.69 -32.31 5.51
CA VAL C 216 -7.29 -32.13 5.13
C VAL C 216 -7.20 -30.66 4.72
N SER C 217 -6.66 -29.83 5.63
CA SER C 217 -6.58 -28.37 5.48
C SER C 217 -5.81 -27.92 4.27
N SER C 218 -6.36 -26.93 3.59
CA SER C 218 -5.72 -26.35 2.43
C SER C 218 -6.12 -24.90 2.30
N LEU C 219 -5.38 -24.16 1.50
CA LEU C 219 -5.69 -22.78 1.20
C LEU C 219 -6.61 -22.76 0.00
N ASP C 220 -7.74 -22.05 0.12
CA ASP C 220 -8.70 -21.90 -0.94
C ASP C 220 -9.29 -20.50 -0.86
N PHE C 221 -8.73 -19.59 -1.66
CA PHE C 221 -9.08 -18.18 -1.71
C PHE C 221 -10.37 -17.92 -2.53
N LYS C 222 -10.67 -18.83 -3.49
CA LYS C 222 -11.82 -18.76 -4.38
C LYS C 222 -11.84 -17.42 -5.12
N ASP C 223 -12.77 -16.51 -4.77
CA ASP C 223 -12.93 -15.19 -5.39
C ASP C 223 -12.08 -14.12 -4.71
N ASP C 224 -11.57 -14.41 -3.49
CA ASP C 224 -10.75 -13.48 -2.72
C ASP C 224 -9.32 -13.52 -3.24
N VAL C 225 -9.14 -12.94 -4.45
CA VAL C 225 -7.88 -12.85 -5.19
C VAL C 225 -6.85 -11.98 -4.48
N SER C 226 -7.33 -10.98 -3.70
CA SER C 226 -6.54 -10.05 -2.88
C SER C 226 -5.81 -10.79 -1.73
N LYS C 227 -6.54 -11.67 -0.99
CA LYS C 227 -6.04 -12.49 0.14
C LYS C 227 -5.00 -13.50 -0.35
N GLY C 228 -5.23 -14.02 -1.55
CA GLY C 228 -4.36 -14.98 -2.21
C GLY C 228 -3.10 -14.32 -2.73
N ASP C 229 -3.25 -13.09 -3.28
CA ASP C 229 -2.14 -12.29 -3.78
C ASP C 229 -1.22 -11.94 -2.63
N SER C 230 -1.81 -11.69 -1.44
CA SER C 230 -1.05 -11.41 -0.22
C SER C 230 -0.27 -12.66 0.15
N TRP C 231 -0.91 -13.85 0.12
CA TRP C 231 -0.24 -15.13 0.41
C TRP C 231 0.92 -15.43 -0.56
N GLY C 232 0.65 -15.39 -1.86
CA GLY C 232 1.61 -15.69 -2.91
C GLY C 232 2.83 -14.80 -2.92
N LYS C 233 2.62 -13.47 -2.65
CA LYS C 233 3.69 -12.49 -2.59
C LYS C 233 4.48 -12.64 -1.30
N ALA C 234 3.79 -12.99 -0.18
CA ALA C 234 4.42 -13.26 1.13
C ALA C 234 5.46 -14.40 1.04
N ASN C 235 5.18 -15.41 0.19
CA ASN C 235 5.98 -16.61 -0.04
C ASN C 235 6.90 -16.53 -1.25
N TYR C 236 6.51 -15.75 -2.29
CA TYR C 236 7.27 -15.71 -3.55
C TYR C 236 7.79 -14.31 -3.96
N ASN C 237 7.75 -13.29 -3.07
CA ASN C 237 8.34 -11.99 -3.44
C ASN C 237 9.87 -12.05 -3.58
N ASP C 238 10.49 -13.07 -2.95
CA ASP C 238 11.93 -13.29 -2.96
C ASP C 238 12.35 -14.43 -3.91
N TRP C 239 11.38 -15.08 -4.58
CA TRP C 239 11.61 -16.21 -5.49
C TRP C 239 12.54 -15.90 -6.66
N SER C 240 12.47 -14.68 -7.19
CA SER C 240 13.30 -14.24 -8.31
C SER C 240 14.78 -14.29 -7.96
N ASN C 241 15.15 -13.82 -6.73
CA ASN C 241 16.54 -13.81 -6.25
C ASN C 241 17.04 -15.19 -5.85
N LYS C 242 16.17 -16.20 -5.84
CA LYS C 242 16.57 -17.57 -5.50
C LYS C 242 17.03 -18.31 -6.74
N LEU C 243 16.79 -17.71 -7.93
CA LEU C 243 17.12 -18.30 -9.22
C LEU C 243 18.41 -17.72 -9.83
N THR C 244 19.10 -18.54 -10.65
CA THR C 244 20.28 -18.16 -11.39
C THR C 244 19.82 -17.20 -12.48
N PRO C 245 20.68 -16.29 -13.01
CA PRO C 245 20.23 -15.35 -14.06
C PRO C 245 19.55 -16.00 -15.25
N ASN C 246 20.01 -17.20 -15.66
CA ASN C 246 19.44 -17.99 -16.76
C ASN C 246 18.06 -18.56 -16.44
N GLU C 247 17.87 -19.06 -15.20
CA GLU C 247 16.59 -19.61 -14.73
C GLU C 247 15.54 -18.52 -14.78
N LEU C 248 15.86 -17.34 -14.24
CA LEU C 248 14.96 -16.20 -14.26
C LEU C 248 14.68 -15.74 -15.69
N ALA C 249 15.73 -15.65 -16.55
CA ALA C 249 15.60 -15.27 -17.95
C ALA C 249 14.62 -16.16 -18.71
N ASP C 250 14.74 -17.50 -18.55
CA ASP C 250 13.87 -18.50 -19.18
C ASP C 250 12.43 -18.50 -18.63
N VAL C 251 12.29 -18.23 -17.32
CA VAL C 251 10.99 -18.07 -16.64
C VAL C 251 10.29 -16.81 -17.21
N ASN C 252 10.99 -15.65 -17.23
CA ASN C 252 10.51 -14.38 -17.79
C ASN C 252 10.10 -14.53 -19.26
N ASP C 253 10.96 -15.18 -20.09
CA ASP C 253 10.71 -15.43 -21.51
C ASP C 253 9.45 -16.26 -21.74
N TYR C 254 9.27 -17.33 -20.93
CA TYR C 254 8.12 -18.24 -20.95
C TYR C 254 6.84 -17.45 -20.63
N MET C 255 6.87 -16.65 -19.54
CA MET C 255 5.75 -15.83 -19.11
C MET C 255 5.40 -14.71 -20.11
N ARG C 256 6.43 -14.14 -20.77
CA ARG C 256 6.27 -13.04 -21.72
C ARG C 256 5.93 -13.49 -23.17
N GLY C 257 5.47 -14.73 -23.32
CA GLY C 257 5.04 -15.24 -24.62
C GLY C 257 5.74 -16.47 -25.15
N GLY C 258 6.81 -16.90 -24.47
CA GLY C 258 7.59 -18.07 -24.85
C GLY C 258 6.85 -19.37 -24.60
N TYR C 259 5.82 -19.29 -23.76
CA TYR C 259 4.97 -20.40 -23.36
C TYR C 259 4.37 -21.17 -24.53
N THR C 260 3.98 -20.48 -25.62
CA THR C 260 3.37 -21.08 -26.81
C THR C 260 4.28 -22.14 -27.44
N ALA C 261 5.53 -21.76 -27.85
CA ALA C 261 6.51 -22.66 -28.48
C ALA C 261 6.89 -23.81 -27.58
N ILE C 262 7.11 -23.53 -26.26
CA ILE C 262 7.48 -24.49 -25.21
C ILE C 262 6.36 -25.53 -24.95
N ASN C 263 5.13 -25.08 -24.66
CA ASN C 263 3.99 -25.95 -24.38
C ASN C 263 3.56 -26.77 -25.59
N ASN C 264 3.58 -26.16 -26.80
CA ASN C 264 3.25 -26.86 -28.05
C ASN C 264 4.22 -28.00 -28.32
N TYR C 265 5.52 -27.76 -28.06
CA TYR C 265 6.65 -28.68 -28.18
C TYR C 265 6.48 -29.82 -27.20
N LEU C 266 6.07 -29.51 -25.97
CA LEU C 266 5.83 -30.51 -24.95
C LEU C 266 4.58 -31.34 -25.24
N ILE C 267 3.47 -30.72 -25.71
CA ILE C 267 2.21 -31.44 -26.04
C ILE C 267 2.43 -32.39 -27.25
N SER C 268 3.26 -31.96 -28.22
CA SER C 268 3.56 -32.75 -29.42
C SER C 268 4.61 -33.85 -29.18
N ASN C 269 5.11 -33.97 -27.93
CA ASN C 269 6.15 -34.90 -27.48
C ASN C 269 7.47 -34.67 -28.26
N GLY C 270 7.71 -33.40 -28.55
CA GLY C 270 8.89 -32.90 -29.26
C GLY C 270 10.21 -33.30 -28.63
N PRO C 271 10.40 -33.28 -27.27
CA PRO C 271 11.70 -33.71 -26.71
C PRO C 271 12.16 -35.11 -27.12
N VAL C 272 11.23 -35.94 -27.59
CA VAL C 272 11.42 -37.31 -28.05
C VAL C 272 11.40 -37.34 -29.59
N ASN C 273 10.27 -36.91 -30.20
CA ASN C 273 10.04 -36.93 -31.64
C ASN C 273 10.98 -36.01 -32.44
N ASN C 274 11.01 -34.71 -32.12
CA ASN C 274 11.87 -33.73 -32.80
C ASN C 274 12.59 -32.86 -31.75
N PRO C 275 13.68 -33.39 -31.13
CA PRO C 275 14.34 -32.64 -30.05
C PRO C 275 14.85 -31.27 -30.45
N ASN C 276 14.56 -30.28 -29.60
CA ASN C 276 15.02 -28.91 -29.78
C ASN C 276 15.86 -28.60 -28.55
N PRO C 277 17.20 -28.68 -28.65
CA PRO C 277 18.05 -28.45 -27.47
C PRO C 277 17.91 -27.07 -26.81
N GLU C 278 17.62 -26.00 -27.61
CA GLU C 278 17.41 -24.62 -27.13
C GLU C 278 16.19 -24.56 -26.21
N LEU C 279 15.09 -25.24 -26.62
CA LEU C 279 13.84 -25.35 -25.87
C LEU C 279 13.99 -26.28 -24.65
N ASP C 280 14.74 -27.38 -24.80
CA ASP C 280 15.04 -28.34 -23.74
C ASP C 280 15.78 -27.70 -22.57
N SER C 281 16.71 -26.76 -22.85
CA SER C 281 17.43 -26.01 -21.82
C SER C 281 16.47 -25.10 -21.05
N LYS C 282 15.56 -24.43 -21.79
CA LYS C 282 14.53 -23.53 -21.26
C LYS C 282 13.62 -24.31 -20.32
N ILE C 283 13.14 -25.50 -20.75
CA ILE C 283 12.30 -26.39 -19.97
C ILE C 283 13.00 -26.85 -18.68
N THR C 284 14.27 -27.29 -18.78
CA THR C 284 15.13 -27.72 -17.66
C THR C 284 15.21 -26.61 -16.58
N ASN C 285 15.36 -25.36 -17.03
CA ASN C 285 15.50 -24.16 -16.20
C ASN C 285 14.25 -23.72 -15.52
N ILE C 286 13.10 -23.82 -16.20
CA ILE C 286 11.79 -23.45 -15.64
C ILE C 286 11.42 -24.51 -14.60
N GLU C 287 11.61 -25.79 -14.93
CA GLU C 287 11.33 -26.90 -14.03
C GLU C 287 12.12 -26.77 -12.72
N ASN C 288 13.43 -26.45 -12.82
CA ASN C 288 14.32 -26.31 -11.68
C ASN C 288 13.90 -25.13 -10.83
N ALA C 289 13.55 -24.00 -11.48
CA ALA C 289 13.04 -22.78 -10.85
C ALA C 289 11.75 -23.08 -10.01
N LEU C 290 10.84 -23.96 -10.52
CA LEU C 290 9.61 -24.38 -9.82
C LEU C 290 9.91 -25.33 -8.64
N LYS C 291 11.12 -25.91 -8.60
CA LYS C 291 11.58 -26.84 -7.54
C LYS C 291 12.39 -26.12 -6.44
N ARG C 292 12.75 -24.83 -6.65
CA ARG C 292 13.54 -24.04 -5.72
C ARG C 292 12.81 -23.75 -4.44
N GLU C 293 11.55 -23.34 -4.58
CA GLU C 293 10.67 -23.06 -3.46
C GLU C 293 9.34 -23.76 -3.70
N PRO C 294 9.21 -25.02 -3.24
CA PRO C 294 7.96 -25.76 -3.50
C PRO C 294 6.75 -25.16 -2.77
N ILE C 295 5.53 -25.48 -3.24
CA ILE C 295 4.28 -25.00 -2.64
C ILE C 295 4.30 -25.32 -1.14
N PRO C 296 4.33 -24.29 -0.27
CA PRO C 296 4.60 -24.57 1.16
C PRO C 296 3.47 -25.20 1.96
N THR C 297 2.26 -25.04 1.46
CA THR C 297 1.05 -25.51 2.13
C THR C 297 0.10 -26.10 1.09
N ASN C 298 -0.87 -26.91 1.53
CA ASN C 298 -1.85 -27.49 0.61
C ASN C 298 -2.62 -26.30 0.07
N LEU C 299 -2.59 -26.14 -1.26
CA LEU C 299 -3.12 -24.99 -1.98
C LEU C 299 -4.04 -25.40 -3.11
N THR C 300 -5.22 -24.80 -3.13
CA THR C 300 -6.21 -25.03 -4.15
C THR C 300 -6.07 -23.94 -5.23
N VAL C 301 -5.81 -24.40 -6.47
CA VAL C 301 -5.70 -23.53 -7.63
C VAL C 301 -6.79 -23.83 -8.63
N TYR C 302 -7.10 -22.86 -9.47
CA TYR C 302 -8.15 -22.96 -10.49
C TYR C 302 -7.60 -22.66 -11.88
N ARG C 303 -8.01 -23.50 -12.82
CA ARG C 303 -7.63 -23.38 -14.21
C ARG C 303 -8.87 -23.43 -15.12
N ARG C 304 -8.98 -22.47 -16.02
CA ARG C 304 -10.04 -22.46 -17.02
C ARG C 304 -9.50 -23.33 -18.14
N SER C 305 -10.08 -24.53 -18.28
CA SER C 305 -9.70 -25.56 -19.24
C SER C 305 -10.56 -25.61 -20.49
N GLY C 306 -9.87 -25.74 -21.61
CA GLY C 306 -10.48 -25.84 -22.92
C GLY C 306 -10.66 -27.29 -23.36
N PRO C 307 -11.28 -27.52 -24.54
CA PRO C 307 -11.58 -28.90 -24.95
C PRO C 307 -10.38 -29.85 -25.22
N GLN C 308 -9.32 -29.39 -25.92
CA GLN C 308 -8.13 -30.21 -26.26
C GLN C 308 -7.46 -30.90 -25.07
N GLU C 309 -7.55 -30.30 -23.87
CA GLU C 309 -6.99 -30.81 -22.62
C GLU C 309 -7.67 -32.11 -22.16
N PHE C 310 -8.92 -32.33 -22.66
CA PHE C 310 -9.77 -33.49 -22.37
C PHE C 310 -10.10 -34.29 -23.65
N GLY C 311 -9.21 -34.21 -24.64
CA GLY C 311 -9.32 -34.89 -25.93
C GLY C 311 -10.53 -34.52 -26.77
N LEU C 312 -10.89 -33.22 -26.76
CA LEU C 312 -12.05 -32.71 -27.50
C LEU C 312 -11.66 -31.47 -28.32
N THR C 313 -12.63 -30.90 -29.04
CA THR C 313 -12.48 -29.68 -29.86
C THR C 313 -13.68 -28.78 -29.55
N LEU C 314 -13.66 -27.53 -30.05
CA LEU C 314 -14.78 -26.61 -29.83
C LEU C 314 -16.01 -27.05 -30.63
N THR C 315 -15.76 -27.66 -31.82
CA THR C 315 -16.77 -28.20 -32.74
C THR C 315 -17.30 -29.58 -32.30
N SER C 316 -16.62 -30.23 -31.30
CA SER C 316 -16.98 -31.55 -30.76
C SER C 316 -18.35 -31.51 -30.06
N PRO C 317 -19.29 -32.43 -30.42
CA PRO C 317 -20.63 -32.42 -29.80
C PRO C 317 -20.65 -32.78 -28.31
N GLU C 318 -19.60 -33.48 -27.85
CA GLU C 318 -19.38 -33.92 -26.45
C GLU C 318 -19.02 -32.75 -25.53
N TYR C 319 -18.59 -31.62 -26.11
CA TYR C 319 -18.23 -30.39 -25.41
C TYR C 319 -19.49 -29.53 -25.10
N ASP C 320 -20.66 -29.92 -25.67
CA ASP C 320 -21.92 -29.22 -25.39
C ASP C 320 -22.52 -29.79 -24.11
N PHE C 321 -22.12 -29.21 -22.96
CA PHE C 321 -22.56 -29.65 -21.65
C PHE C 321 -23.99 -29.19 -21.31
N ASN C 322 -24.69 -28.60 -22.28
CA ASN C 322 -26.09 -28.21 -22.09
C ASN C 322 -27.01 -29.41 -22.27
N LYS C 323 -26.49 -30.46 -22.93
CA LYS C 323 -27.17 -31.75 -23.11
C LYS C 323 -26.61 -32.63 -21.98
N LEU C 324 -27.50 -33.09 -21.08
CA LEU C 324 -27.16 -33.92 -19.90
C LEU C 324 -26.30 -35.14 -20.24
N GLU C 325 -26.65 -35.85 -21.35
CA GLU C 325 -25.96 -37.05 -21.86
C GLU C 325 -24.45 -36.85 -22.00
N ASN C 326 -24.02 -35.61 -22.34
CA ASN C 326 -22.61 -35.23 -22.51
C ASN C 326 -21.87 -35.08 -21.18
N ILE C 327 -22.59 -34.58 -20.13
CA ILE C 327 -22.07 -34.43 -18.75
C ILE C 327 -21.82 -35.84 -18.17
N ASP C 328 -22.79 -36.75 -18.36
CA ASP C 328 -22.72 -38.14 -17.91
C ASP C 328 -21.56 -38.85 -18.59
N ALA C 329 -21.41 -38.65 -19.92
CA ALA C 329 -20.37 -39.26 -20.76
C ALA C 329 -18.98 -38.76 -20.35
N PHE C 330 -18.87 -37.42 -20.05
CA PHE C 330 -17.65 -36.76 -19.59
C PHE C 330 -17.26 -37.31 -18.21
N LYS C 331 -18.24 -37.39 -17.28
CA LYS C 331 -18.07 -37.91 -15.91
C LYS C 331 -17.59 -39.36 -15.94
N SER C 332 -18.26 -40.21 -16.76
CA SER C 332 -17.93 -41.63 -16.94
C SER C 332 -16.47 -41.81 -17.35
N LYS C 333 -16.04 -41.04 -18.37
CA LYS C 333 -14.69 -41.06 -18.95
C LYS C 333 -13.62 -40.47 -18.03
N TRP C 334 -13.92 -39.33 -17.35
CA TRP C 334 -12.91 -38.61 -16.58
C TRP C 334 -12.92 -38.79 -15.05
N GLU C 335 -14.03 -39.21 -14.41
CA GLU C 335 -14.02 -39.41 -12.95
C GLU C 335 -13.24 -40.66 -12.52
N GLY C 336 -12.32 -40.47 -11.57
CA GLY C 336 -11.46 -41.52 -11.04
C GLY C 336 -10.20 -41.70 -11.87
N GLN C 337 -10.08 -40.90 -12.95
CA GLN C 337 -8.97 -40.95 -13.89
C GLN C 337 -7.87 -39.95 -13.59
N ALA C 338 -6.67 -40.28 -14.09
CA ALA C 338 -5.47 -39.46 -13.99
C ALA C 338 -5.33 -38.72 -15.31
N LEU C 339 -5.24 -37.41 -15.20
CA LEU C 339 -5.10 -36.43 -16.27
C LEU C 339 -3.63 -35.94 -16.33
N SER C 340 -2.88 -36.32 -17.39
CA SER C 340 -1.49 -35.90 -17.53
C SER C 340 -1.33 -34.66 -18.41
N TYR C 341 -0.45 -33.74 -17.98
CA TYR C 341 -0.18 -32.52 -18.72
C TYR C 341 1.28 -32.50 -19.18
N PRO C 342 1.58 -32.74 -20.47
CA PRO C 342 3.00 -32.73 -20.91
C PRO C 342 3.70 -31.36 -20.82
N ASN C 343 2.89 -30.31 -20.91
CA ASN C 343 3.24 -28.90 -20.85
C ASN C 343 3.19 -28.36 -19.41
N PHE C 344 3.80 -27.18 -19.15
CA PHE C 344 3.72 -26.55 -17.85
C PHE C 344 2.27 -26.04 -17.75
N ILE C 345 1.70 -26.06 -16.53
CA ILE C 345 0.29 -25.70 -16.32
C ILE C 345 0.12 -24.33 -15.66
N PHE C 346 -0.62 -23.44 -16.36
CA PHE C 346 -1.02 -22.10 -15.91
C PHE C 346 -2.30 -22.20 -15.05
N THR C 347 -2.19 -21.79 -13.76
CA THR C 347 -3.30 -21.83 -12.81
C THR C 347 -3.43 -20.48 -12.10
N SER C 348 -4.59 -20.24 -11.44
CA SER C 348 -4.89 -19.01 -10.73
C SER C 348 -5.27 -19.34 -9.32
N ILE C 349 -4.92 -18.47 -8.35
CA ILE C 349 -5.36 -18.68 -6.97
C ILE C 349 -6.84 -18.32 -6.86
N GLY C 350 -7.35 -17.66 -7.89
CA GLY C 350 -8.73 -17.23 -7.97
C GLY C 350 -9.61 -18.04 -8.91
N SER C 351 -10.80 -18.41 -8.41
CA SER C 351 -11.79 -19.19 -9.14
C SER C 351 -12.59 -18.37 -10.13
N VAL C 352 -12.63 -17.02 -9.93
CA VAL C 352 -13.38 -16.07 -10.77
C VAL C 352 -13.09 -16.20 -12.28
N ASN C 353 -14.13 -15.97 -13.10
CA ASN C 353 -14.04 -16.04 -14.56
C ASN C 353 -13.17 -14.90 -15.04
N MET C 354 -12.46 -15.12 -16.17
CA MET C 354 -11.58 -14.11 -16.76
C MET C 354 -11.93 -13.93 -18.24
N SER C 355 -11.85 -12.69 -18.71
CA SER C 355 -12.17 -12.25 -20.09
C SER C 355 -11.64 -13.17 -21.20
N ALA C 356 -10.34 -13.57 -21.10
CA ALA C 356 -9.66 -14.44 -22.06
C ALA C 356 -10.14 -15.89 -22.09
N PHE C 357 -10.75 -16.35 -20.99
CA PHE C 357 -11.24 -17.72 -20.86
C PHE C 357 -12.73 -17.78 -20.52
N ALA C 358 -13.48 -16.78 -21.05
CA ALA C 358 -14.93 -16.56 -20.90
C ALA C 358 -15.76 -17.74 -21.40
N LYS C 359 -15.38 -18.34 -22.54
CA LYS C 359 -16.12 -19.44 -23.16
C LYS C 359 -15.66 -20.84 -22.71
N ARG C 360 -14.48 -20.93 -22.00
CA ARG C 360 -13.93 -22.20 -21.51
C ARG C 360 -14.89 -22.86 -20.52
N LYS C 361 -15.51 -23.99 -20.97
CA LYS C 361 -16.55 -24.77 -20.30
C LYS C 361 -16.04 -25.71 -19.19
N ILE C 362 -14.72 -25.77 -18.94
CA ILE C 362 -14.20 -26.66 -17.89
C ILE C 362 -13.39 -25.84 -16.90
N VAL C 363 -13.69 -26.00 -15.61
CA VAL C 363 -12.94 -25.35 -14.53
C VAL C 363 -12.22 -26.49 -13.80
N LEU C 364 -10.90 -26.49 -13.93
CA LEU C 364 -10.04 -27.47 -13.31
C LEU C 364 -9.63 -26.92 -11.95
N ARG C 365 -10.21 -27.49 -10.90
CA ARG C 365 -9.96 -27.12 -9.51
C ARG C 365 -8.92 -28.12 -9.00
N ILE C 366 -7.66 -27.66 -8.82
CA ILE C 366 -6.55 -28.51 -8.43
C ILE C 366 -6.12 -28.29 -7.00
N THR C 367 -5.94 -29.39 -6.24
CA THR C 367 -5.43 -29.35 -4.88
C THR C 367 -3.96 -29.75 -4.92
N ILE C 368 -3.11 -28.75 -4.84
CA ILE C 368 -1.66 -28.90 -4.83
C ILE C 368 -1.26 -29.29 -3.40
N PRO C 369 -0.71 -30.50 -3.15
CA PRO C 369 -0.25 -30.80 -1.79
C PRO C 369 1.06 -30.05 -1.44
N LYS C 370 1.31 -29.86 -0.14
CA LYS C 370 2.50 -29.23 0.43
C LYS C 370 3.73 -29.97 -0.12
N GLY C 371 4.72 -29.21 -0.60
CA GLY C 371 5.98 -29.72 -1.14
C GLY C 371 6.06 -29.97 -2.64
N SER C 372 4.98 -29.65 -3.36
CA SER C 372 4.88 -29.83 -4.80
C SER C 372 5.68 -28.77 -5.53
N PRO C 373 6.27 -29.08 -6.72
CA PRO C 373 6.92 -28.02 -7.48
C PRO C 373 5.85 -27.05 -7.95
N GLY C 374 6.19 -25.78 -7.84
CA GLY C 374 5.29 -24.70 -8.22
C GLY C 374 5.75 -23.40 -7.63
N ALA C 375 5.20 -22.31 -8.16
CA ALA C 375 5.54 -20.96 -7.69
C ALA C 375 4.48 -19.98 -8.08
N TYR C 376 4.20 -19.01 -7.20
CA TYR C 376 3.24 -17.94 -7.44
C TYR C 376 3.96 -16.92 -8.32
N LEU C 377 3.76 -17.05 -9.65
CA LEU C 377 4.42 -16.22 -10.66
C LEU C 377 4.07 -14.73 -10.66
N SER C 378 2.94 -14.33 -10.03
CA SER C 378 2.46 -12.94 -9.96
C SER C 378 3.17 -12.09 -8.89
N ALA C 379 4.21 -12.66 -8.26
CA ALA C 379 5.03 -11.99 -7.28
C ALA C 379 6.20 -11.34 -8.01
N ILE C 380 6.30 -11.62 -9.34
CA ILE C 380 7.34 -11.11 -10.25
C ILE C 380 6.66 -10.33 -11.46
N PRO C 381 6.57 -8.98 -11.38
CA PRO C 381 5.95 -8.20 -12.49
C PRO C 381 6.98 -7.84 -13.59
N GLY C 382 6.63 -7.07 -14.65
CA GLY C 382 5.35 -6.45 -14.97
C GLY C 382 4.43 -7.30 -15.80
N TYR C 383 4.37 -8.59 -15.47
CA TYR C 383 3.50 -9.57 -16.11
C TYR C 383 2.13 -9.49 -15.43
N ALA C 384 1.07 -9.96 -16.14
CA ALA C 384 -0.32 -10.00 -15.67
C ALA C 384 -0.45 -10.75 -14.34
N GLY C 385 -1.25 -10.16 -13.46
CA GLY C 385 -1.61 -10.71 -12.16
C GLY C 385 -3.10 -10.51 -12.00
N GLN C 386 -3.98 -11.43 -12.49
CA GLN C 386 -3.90 -12.80 -13.07
C GLN C 386 -3.72 -13.87 -11.99
N TYR C 387 -3.01 -13.51 -10.87
CA TYR C 387 -2.81 -14.33 -9.64
C TYR C 387 -2.36 -15.75 -9.98
N GLN C 388 -1.38 -15.86 -10.90
CA GLN C 388 -0.88 -17.11 -11.42
C GLN C 388 0.07 -17.88 -10.54
N VAL C 389 -0.12 -19.21 -10.56
CA VAL C 389 0.69 -20.25 -9.97
C VAL C 389 1.04 -21.13 -11.20
N LEU C 390 2.35 -21.43 -11.41
CA LEU C 390 2.77 -22.29 -12.51
C LEU C 390 3.17 -23.62 -11.94
N LEU C 391 2.59 -24.69 -12.48
CA LEU C 391 2.85 -26.06 -12.09
C LEU C 391 3.76 -26.71 -13.10
N ASN C 392 4.61 -27.61 -12.62
CA ASN C 392 5.60 -28.29 -13.44
C ASN C 392 5.03 -29.05 -14.60
N HIS C 393 5.80 -29.12 -15.70
CA HIS C 393 5.43 -29.90 -16.88
C HIS C 393 5.47 -31.41 -16.49
N GLY C 394 4.60 -32.20 -17.10
CA GLY C 394 4.52 -33.63 -16.84
C GLY C 394 3.77 -33.99 -15.59
N SER C 395 2.97 -33.03 -15.04
CA SER C 395 2.16 -33.23 -13.84
C SER C 395 0.92 -34.10 -14.13
N LYS C 396 0.55 -34.95 -13.15
CA LYS C 396 -0.60 -35.82 -13.21
C LYS C 396 -1.62 -35.37 -12.18
N PHE C 397 -2.90 -35.25 -12.59
CA PHE C 397 -3.99 -34.83 -11.73
C PHE C 397 -5.02 -35.94 -11.63
N LYS C 398 -5.26 -36.43 -10.42
CA LYS C 398 -6.30 -37.44 -10.17
C LYS C 398 -7.64 -36.70 -10.02
N ILE C 399 -8.59 -36.92 -10.96
CA ILE C 399 -9.94 -36.34 -10.96
C ILE C 399 -10.77 -37.19 -10.00
N ASN C 400 -11.29 -36.59 -8.94
CA ASN C 400 -12.08 -37.30 -7.93
C ASN C 400 -13.58 -37.14 -8.18
N LYS C 401 -14.01 -35.90 -8.45
CA LYS C 401 -15.39 -35.55 -8.65
C LYS C 401 -15.53 -34.50 -9.76
N ILE C 402 -16.64 -34.57 -10.52
CA ILE C 402 -17.02 -33.60 -11.53
C ILE C 402 -18.43 -33.09 -11.17
N ASP C 403 -18.63 -31.76 -11.16
CA ASP C 403 -19.93 -31.13 -10.89
C ASP C 403 -20.25 -30.13 -11.99
N SER C 404 -21.52 -29.94 -12.30
CA SER C 404 -21.91 -28.97 -13.32
C SER C 404 -22.50 -27.74 -12.64
N TYR C 405 -22.64 -26.67 -13.40
CA TYR C 405 -23.23 -25.38 -13.00
C TYR C 405 -23.58 -24.58 -14.23
N LYS C 406 -24.49 -23.62 -14.09
CA LYS C 406 -24.88 -22.79 -15.20
C LYS C 406 -24.26 -21.41 -15.09
N ASP C 407 -23.36 -21.10 -16.03
CA ASP C 407 -22.74 -19.78 -16.17
C ASP C 407 -23.60 -19.09 -17.22
N GLY C 408 -24.76 -18.63 -16.75
CA GLY C 408 -25.80 -18.03 -17.59
C GLY C 408 -26.49 -19.12 -18.37
N THR C 409 -26.44 -19.02 -19.70
CA THR C 409 -27.04 -20.01 -20.61
C THR C 409 -26.15 -21.24 -20.78
N ILE C 410 -24.84 -21.06 -20.62
CA ILE C 410 -23.84 -22.12 -20.78
C ILE C 410 -23.60 -22.95 -19.50
N THR C 411 -23.80 -24.29 -19.61
CA THR C 411 -23.52 -25.24 -18.53
C THR C 411 -22.02 -25.54 -18.59
N LYS C 412 -21.34 -25.35 -17.45
CA LYS C 412 -19.89 -25.56 -17.30
C LYS C 412 -19.58 -26.61 -16.25
N LEU C 413 -18.40 -27.23 -16.32
CA LEU C 413 -18.02 -28.26 -15.35
C LEU C 413 -16.92 -27.83 -14.39
N ILE C 414 -16.99 -28.35 -13.17
CA ILE C 414 -15.98 -28.16 -12.12
C ILE C 414 -15.37 -29.55 -11.89
N VAL C 415 -14.09 -29.68 -12.20
CA VAL C 415 -13.34 -30.93 -12.07
C VAL C 415 -12.44 -30.82 -10.81
N ASP C 416 -12.79 -31.51 -9.70
CA ASP C 416 -12.00 -31.48 -8.46
C ASP C 416 -10.92 -32.53 -8.58
N ALA C 417 -9.70 -32.08 -8.86
CA ALA C 417 -8.54 -32.92 -9.03
C ALA C 417 -7.52 -32.69 -7.95
N THR C 418 -6.63 -33.66 -7.79
CA THR C 418 -5.52 -33.63 -6.84
C THR C 418 -4.24 -33.81 -7.65
N LEU C 419 -3.22 -32.96 -7.39
CA LEU C 419 -1.93 -33.10 -8.04
C LEU C 419 -1.30 -34.36 -7.43
N ILE C 420 -0.92 -35.34 -8.29
CA ILE C 420 -0.33 -36.60 -7.86
C ILE C 420 1.18 -36.45 -7.70
N PRO C 421 1.73 -36.70 -6.47
CA PRO C 421 3.18 -36.60 -6.24
C PRO C 421 3.96 -37.80 -6.80
N THR D 6 11.57 35.28 -1.32
CA THR D 6 12.41 35.06 -2.51
C THR D 6 13.72 34.30 -2.14
N TYR D 7 14.01 33.19 -2.85
CA TYR D 7 15.20 32.36 -2.65
C TYR D 7 16.44 33.01 -3.26
N LYS D 8 17.52 33.10 -2.48
CA LYS D 8 18.81 33.63 -2.88
C LYS D 8 19.61 32.46 -3.48
N ALA D 9 19.95 32.54 -4.77
CA ALA D 9 20.75 31.52 -5.46
C ALA D 9 22.17 31.45 -4.88
N PRO D 10 22.82 30.25 -4.88
CA PRO D 10 24.23 30.19 -4.42
C PRO D 10 25.17 31.04 -5.31
N ILE D 11 24.89 31.10 -6.63
CA ILE D 11 25.64 31.89 -7.61
C ILE D 11 24.60 32.69 -8.42
N GLU D 12 24.51 34.00 -8.14
CA GLU D 12 23.60 34.98 -8.76
C GLU D 12 23.74 35.08 -10.30
N ARG D 13 22.58 35.28 -10.97
CA ARG D 13 22.45 35.43 -12.43
C ARG D 13 21.11 36.07 -12.80
N PRO D 14 20.96 36.71 -14.00
CA PRO D 14 19.61 37.16 -14.40
C PRO D 14 18.80 35.99 -14.99
N GLU D 15 17.56 36.22 -15.40
CA GLU D 15 16.79 35.16 -16.05
C GLU D 15 17.33 34.97 -17.47
N ASP D 16 17.89 36.05 -18.03
CA ASP D 16 18.42 36.08 -19.38
C ASP D 16 19.73 36.85 -19.43
N PHE D 17 20.79 36.22 -19.94
CA PHE D 17 22.10 36.87 -20.09
C PHE D 17 22.16 37.71 -21.35
N LEU D 18 21.17 37.50 -22.26
CA LEU D 18 20.99 38.20 -23.54
C LEU D 18 22.21 37.96 -24.44
N LYS D 19 22.90 39.01 -24.91
CA LYS D 19 24.08 38.88 -25.77
C LYS D 19 25.41 38.74 -25.01
N ASP D 20 25.38 38.95 -23.67
CA ASP D 20 26.55 38.93 -22.78
C ASP D 20 27.17 37.52 -22.60
N LYS D 21 27.95 37.10 -23.63
CA LYS D 21 28.66 35.82 -23.67
C LYS D 21 29.64 35.72 -22.50
N GLU D 22 30.33 36.82 -22.19
CA GLU D 22 31.31 36.92 -21.11
C GLU D 22 30.70 36.55 -19.74
N LYS D 23 29.64 37.24 -19.29
CA LYS D 23 28.99 36.95 -18.00
C LYS D 23 28.29 35.61 -17.98
N ALA D 24 27.65 35.20 -19.12
CA ALA D 24 26.97 33.90 -19.26
C ALA D 24 27.96 32.73 -19.07
N LYS D 25 29.14 32.78 -19.73
CA LYS D 25 30.15 31.73 -19.64
C LYS D 25 30.83 31.71 -18.30
N GLU D 26 30.98 32.88 -17.66
CA GLU D 26 31.55 33.05 -16.33
C GLU D 26 30.65 32.38 -15.30
N TRP D 27 29.33 32.60 -15.40
CA TRP D 27 28.34 31.99 -14.51
C TRP D 27 28.29 30.46 -14.73
N GLU D 28 28.25 30.05 -16.00
CA GLU D 28 28.17 28.67 -16.43
C GLU D 28 29.34 27.85 -15.91
N ARG D 29 30.58 28.44 -15.86
CA ARG D 29 31.79 27.82 -15.35
C ARG D 29 31.75 27.65 -13.83
N LYS D 30 31.34 28.70 -13.10
CA LYS D 30 31.18 28.68 -11.64
C LYS D 30 30.14 27.65 -11.19
N GLU D 31 29.03 27.53 -11.95
CA GLU D 31 27.96 26.60 -11.66
C GLU D 31 28.35 25.18 -11.96
N ALA D 32 29.05 24.96 -13.09
CA ALA D 32 29.53 23.64 -13.51
C ALA D 32 30.40 23.06 -12.42
N GLU D 33 31.23 23.93 -11.82
CA GLU D 33 32.14 23.61 -10.72
C GLU D 33 31.32 23.29 -9.46
N ARG D 34 30.30 24.11 -9.17
CA ARG D 34 29.42 23.96 -8.00
C ARG D 34 28.62 22.66 -8.04
N ILE D 35 28.00 22.36 -9.18
CA ILE D 35 27.18 21.17 -9.35
C ILE D 35 28.06 19.90 -9.37
N GLU D 36 29.28 19.98 -9.94
CA GLU D 36 30.24 18.87 -9.95
C GLU D 36 30.38 18.25 -8.53
N GLN D 37 30.43 19.10 -7.49
CA GLN D 37 30.54 18.73 -6.08
C GLN D 37 29.31 17.98 -5.57
N LYS D 38 28.11 18.35 -6.05
CA LYS D 38 26.82 17.74 -5.70
C LYS D 38 26.59 16.37 -6.39
N LEU D 39 27.28 16.12 -7.54
CA LEU D 39 27.14 14.87 -8.32
C LEU D 39 27.71 13.63 -7.63
N GLU D 40 27.16 12.45 -7.98
CA GLU D 40 27.57 11.11 -7.50
C GLU D 40 28.62 10.53 -8.43
N ARG D 41 29.37 9.49 -7.96
CA ARG D 41 30.42 8.79 -8.73
C ARG D 41 29.86 8.25 -10.07
N SER D 42 28.65 7.63 -10.00
CA SER D 42 27.93 7.04 -11.13
C SER D 42 27.44 8.12 -12.11
N GLU D 43 27.03 9.30 -11.58
CA GLU D 43 26.54 10.46 -12.31
C GLU D 43 27.71 11.12 -13.03
N LYS D 44 28.86 11.32 -12.34
CA LYS D 44 30.07 11.88 -12.93
C LYS D 44 30.51 11.00 -14.09
N GLU D 45 30.54 9.66 -13.86
CA GLU D 45 30.89 8.61 -14.83
C GLU D 45 30.01 8.73 -16.10
N ALA D 46 28.69 8.92 -15.90
CA ALA D 46 27.70 9.11 -16.95
C ALA D 46 27.94 10.41 -17.74
N LEU D 47 28.36 11.49 -17.06
CA LEU D 47 28.66 12.77 -17.69
C LEU D 47 29.89 12.66 -18.59
N GLU D 48 30.82 11.77 -18.22
CA GLU D 48 32.01 11.50 -19.02
C GLU D 48 31.63 10.66 -20.23
N SER D 49 30.68 9.72 -20.05
CA SER D 49 30.21 8.86 -21.14
C SER D 49 29.40 9.66 -22.15
N TYR D 50 28.75 10.74 -21.68
CA TYR D 50 27.98 11.65 -22.52
C TYR D 50 28.89 12.44 -23.44
N LYS D 51 30.02 12.99 -22.93
CA LYS D 51 31.00 13.76 -23.71
C LYS D 51 31.42 13.02 -24.99
N LYS D 52 31.71 11.72 -24.86
CA LYS D 52 32.13 10.87 -25.96
C LYS D 52 31.00 10.53 -26.94
N ASP D 53 29.88 9.98 -26.44
CA ASP D 53 28.77 9.48 -27.27
C ASP D 53 27.47 10.29 -27.15
N SER D 54 27.57 11.63 -27.18
CA SER D 54 26.42 12.53 -27.03
C SER D 54 25.24 12.23 -27.96
N VAL D 55 25.48 11.96 -29.26
CA VAL D 55 24.44 11.74 -30.28
C VAL D 55 23.52 10.51 -29.97
N GLU D 56 24.11 9.33 -29.75
CA GLU D 56 23.40 8.06 -29.48
C GLU D 56 22.69 8.01 -28.13
N ILE D 57 23.32 8.59 -27.07
CA ILE D 57 22.77 8.70 -25.72
C ILE D 57 21.49 9.59 -25.75
N SER D 58 21.56 10.70 -26.52
CA SER D 58 20.46 11.65 -26.71
C SER D 58 19.32 11.07 -27.56
N LYS D 59 19.64 10.36 -28.69
CA LYS D 59 18.67 9.71 -29.56
C LYS D 59 17.88 8.65 -28.76
N TYR D 60 18.58 7.98 -27.81
CA TYR D 60 18.01 6.95 -26.94
C TYR D 60 17.03 7.59 -25.97
N SER D 61 17.43 8.71 -25.30
CA SER D 61 16.57 9.42 -24.35
C SER D 61 15.25 9.96 -24.96
N GLN D 62 15.19 10.10 -26.29
CA GLN D 62 14.01 10.58 -27.01
C GLN D 62 12.91 9.51 -27.12
N THR D 63 13.30 8.25 -27.41
CA THR D 63 12.36 7.15 -27.68
C THR D 63 12.36 6.00 -26.68
N ARG D 64 13.26 6.02 -25.70
CA ARG D 64 13.45 4.96 -24.71
C ARG D 64 12.16 4.39 -24.07
N ASN D 65 11.16 5.27 -23.80
CA ASN D 65 9.88 5.03 -23.12
C ASN D 65 8.75 4.43 -23.98
N TYR D 66 8.99 4.15 -25.27
CA TYR D 66 7.99 3.58 -26.17
C TYR D 66 8.15 2.05 -26.34
N PHE D 67 9.16 1.47 -25.68
CA PHE D 67 9.41 0.03 -25.71
C PHE D 67 8.71 -0.59 -24.49
N TYR D 68 8.74 -1.93 -24.37
CA TYR D 68 8.16 -2.65 -23.23
C TYR D 68 8.91 -2.29 -21.96
N ASP D 69 8.23 -2.38 -20.82
CA ASP D 69 8.82 -2.12 -19.51
C ASP D 69 10.12 -2.90 -19.29
N TYR D 70 10.12 -4.19 -19.72
CA TYR D 70 11.25 -5.11 -19.61
C TYR D 70 12.38 -4.78 -20.58
N GLN D 71 12.03 -4.31 -21.80
CA GLN D 71 13.01 -3.90 -22.82
C GLN D 71 13.76 -2.66 -22.33
N ILE D 72 13.08 -1.81 -21.52
CA ILE D 72 13.66 -0.60 -20.92
C ILE D 72 14.71 -1.02 -19.88
N GLU D 73 14.35 -1.92 -18.92
CA GLU D 73 15.27 -2.41 -17.90
C GLU D 73 16.47 -3.19 -18.48
N ALA D 74 16.27 -3.88 -19.63
CA ALA D 74 17.28 -4.70 -20.32
C ALA D 74 18.24 -3.92 -21.23
N ASN D 75 17.84 -2.71 -21.70
CA ASN D 75 18.68 -1.90 -22.58
C ASN D 75 20.00 -1.50 -21.94
N SER D 76 21.11 -1.67 -22.70
CA SER D 76 22.47 -1.37 -22.26
C SER D 76 22.71 0.13 -22.12
N ARG D 77 21.82 0.95 -22.71
CA ARG D 77 21.88 2.40 -22.68
C ARG D 77 21.10 3.00 -21.52
N GLU D 78 20.18 2.23 -20.92
CA GLU D 78 19.28 2.66 -19.85
C GLU D 78 20.00 3.17 -18.58
N LYS D 79 21.05 2.45 -18.10
CA LYS D 79 21.88 2.83 -16.94
C LYS D 79 22.45 4.22 -17.11
N GLU D 80 23.01 4.51 -18.31
CA GLU D 80 23.58 5.79 -18.71
C GLU D 80 22.49 6.86 -18.71
N TYR D 81 21.30 6.53 -19.25
CA TYR D 81 20.14 7.44 -19.26
C TYR D 81 19.73 7.83 -17.83
N LYS D 82 19.44 6.81 -16.99
CA LYS D 82 19.01 6.96 -15.61
C LYS D 82 19.96 7.84 -14.82
N GLU D 83 21.29 7.61 -14.97
CA GLU D 83 22.37 8.34 -14.28
C GLU D 83 22.51 9.78 -14.74
N LEU D 84 22.45 10.02 -16.07
CA LEU D 84 22.48 11.36 -16.68
C LEU D 84 21.24 12.17 -16.33
N ARG D 85 20.05 11.51 -16.34
CA ARG D 85 18.77 12.06 -15.95
C ARG D 85 18.83 12.50 -14.49
N ASN D 86 19.26 11.61 -13.57
CA ASN D 86 19.44 11.87 -12.13
C ASN D 86 20.36 13.06 -11.87
N ALA D 87 21.45 13.18 -12.66
CA ALA D 87 22.44 14.24 -12.60
C ALA D 87 21.86 15.62 -12.94
N ILE D 88 21.03 15.70 -14.01
CA ILE D 88 20.36 16.94 -14.45
C ILE D 88 19.23 17.31 -13.45
N SER D 89 18.40 16.30 -13.05
CA SER D 89 17.28 16.42 -12.10
C SER D 89 17.73 16.76 -10.68
N LYS D 90 19.04 16.61 -10.40
CA LYS D 90 19.64 16.92 -9.11
C LYS D 90 19.76 18.44 -8.99
N ASN D 91 19.98 19.16 -10.13
CA ASN D 91 20.03 20.62 -10.12
C ASN D 91 18.86 21.27 -10.88
N LYS D 92 17.72 21.40 -10.19
CA LYS D 92 16.53 22.07 -10.72
C LYS D 92 16.70 23.56 -10.43
N ILE D 93 16.51 24.42 -11.46
CA ILE D 93 16.71 25.87 -11.34
C ILE D 93 15.68 26.52 -10.44
N ASP D 94 16.17 27.41 -9.57
CA ASP D 94 15.38 28.15 -8.57
C ASP D 94 14.52 29.27 -9.15
N LYS D 95 14.81 29.66 -10.38
CA LYS D 95 14.09 30.69 -11.11
C LYS D 95 14.20 30.39 -12.60
N PRO D 96 13.35 30.96 -13.50
CA PRO D 96 13.49 30.65 -14.94
C PRO D 96 14.81 31.08 -15.58
N MET D 97 15.11 30.45 -16.72
CA MET D 97 16.30 30.75 -17.47
C MET D 97 15.99 30.68 -18.96
N TYR D 98 16.27 31.76 -19.68
CA TYR D 98 16.10 31.78 -21.12
C TYR D 98 17.36 31.16 -21.73
N VAL D 99 17.14 30.16 -22.58
CA VAL D 99 18.22 29.41 -23.21
C VAL D 99 18.13 29.59 -24.72
N TYR D 100 19.28 29.42 -25.37
CA TYR D 100 19.40 29.62 -26.80
C TYR D 100 19.98 28.40 -27.46
N TYR D 101 19.38 27.98 -28.59
CA TYR D 101 19.86 26.89 -29.40
C TYR D 101 19.34 26.98 -30.83
N PHE D 102 20.17 26.51 -31.78
CA PHE D 102 19.80 26.46 -33.18
C PHE D 102 18.95 25.25 -33.44
N GLU D 103 17.86 25.47 -34.17
CA GLU D 103 16.92 24.43 -34.53
C GLU D 103 16.77 24.41 -36.04
N SER D 104 16.38 23.25 -36.57
CA SER D 104 16.08 23.07 -37.98
C SER D 104 14.61 23.50 -38.10
N PRO D 105 14.20 24.23 -39.16
CA PRO D 105 12.78 24.61 -39.27
C PRO D 105 11.88 23.38 -39.43
N GLU D 106 12.49 22.24 -39.91
CA GLU D 106 11.88 20.93 -40.12
C GLU D 106 11.38 20.32 -38.80
N LYS D 107 11.87 20.81 -37.66
CA LYS D 107 11.47 20.38 -36.32
C LYS D 107 10.02 20.78 -36.03
N PHE D 108 9.53 21.80 -36.76
CA PHE D 108 8.17 22.29 -36.62
C PHE D 108 7.32 22.01 -37.88
N ALA D 109 7.77 21.03 -38.69
CA ALA D 109 7.17 20.58 -39.96
C ALA D 109 7.18 21.68 -41.04
N PHE D 110 8.20 22.57 -40.99
CA PHE D 110 8.44 23.60 -42.00
C PHE D 110 9.42 22.98 -42.99
N ASN D 111 8.86 22.55 -44.12
CA ASN D 111 9.55 21.80 -45.16
C ASN D 111 10.27 22.66 -46.23
N LYS D 112 10.14 24.01 -46.14
CA LYS D 112 10.76 24.98 -47.06
C LYS D 112 12.07 25.54 -46.50
N VAL D 113 12.96 25.98 -47.40
CA VAL D 113 14.25 26.57 -47.03
C VAL D 113 14.05 28.05 -46.68
N ILE D 114 14.29 28.42 -45.39
CA ILE D 114 14.17 29.80 -44.88
C ILE D 114 15.13 30.72 -45.65
N ARG D 115 16.38 30.31 -45.72
CA ARG D 115 17.45 30.92 -46.50
C ARG D 115 18.57 29.91 -46.53
N THR D 116 19.34 29.90 -47.64
CA THR D 116 20.46 29.00 -47.78
C THR D 116 21.58 29.56 -46.90
N GLU D 117 22.60 28.76 -46.58
CA GLU D 117 23.68 29.25 -45.72
C GLU D 117 24.50 30.35 -46.38
N ASN D 118 24.60 30.35 -47.74
CA ASN D 118 25.33 31.37 -48.53
C ASN D 118 24.67 32.74 -48.42
N GLN D 119 23.31 32.75 -48.50
CA GLN D 119 22.47 33.94 -48.42
C GLN D 119 22.53 34.62 -47.04
N ASN D 120 22.37 35.95 -47.04
CA ASN D 120 22.35 36.80 -45.85
C ASN D 120 20.94 37.18 -45.46
N GLU D 121 20.06 37.41 -46.45
CA GLU D 121 18.69 37.83 -46.17
C GLU D 121 17.66 36.72 -46.16
N ILE D 122 16.68 36.86 -45.26
CA ILE D 122 15.52 35.98 -45.17
C ILE D 122 14.40 36.86 -45.71
N SER D 123 13.68 36.39 -46.76
CA SER D 123 12.57 37.16 -47.34
C SER D 123 11.39 37.25 -46.38
N LEU D 124 10.56 38.31 -46.54
CA LEU D 124 9.33 38.53 -45.77
C LEU D 124 8.43 37.33 -46.05
N GLU D 125 8.41 36.86 -47.31
CA GLU D 125 7.64 35.68 -47.76
C GLU D 125 8.00 34.44 -46.92
N LYS D 126 9.30 34.11 -46.79
CA LYS D 126 9.77 32.96 -46.00
C LYS D 126 9.58 33.16 -44.49
N PHE D 127 9.69 34.42 -44.03
CA PHE D 127 9.47 34.78 -42.63
C PHE D 127 7.98 34.56 -42.26
N ASN D 128 7.05 35.07 -43.09
CA ASN D 128 5.60 34.93 -42.88
C ASN D 128 5.09 33.51 -43.02
N GLU D 129 5.67 32.74 -43.96
CA GLU D 129 5.33 31.33 -44.21
C GLU D 129 5.69 30.46 -42.98
N PHE D 130 6.88 30.71 -42.35
CA PHE D 130 7.32 30.02 -41.13
C PHE D 130 6.40 30.37 -39.99
N LYS D 131 6.05 31.67 -39.82
CA LYS D 131 5.14 32.17 -38.77
C LYS D 131 3.81 31.44 -38.86
N GLU D 132 3.33 31.25 -40.09
CA GLU D 132 2.07 30.59 -40.39
C GLU D 132 2.09 29.10 -40.03
N THR D 133 3.26 28.46 -40.15
CA THR D 133 3.44 27.03 -39.88
C THR D 133 3.52 26.70 -38.35
N ILE D 134 4.17 27.57 -37.57
CA ILE D 134 4.42 27.41 -36.13
C ILE D 134 3.37 28.10 -35.20
N GLN D 135 2.47 28.93 -35.77
CA GLN D 135 1.43 29.63 -35.00
C GLN D 135 0.33 28.70 -34.50
N ASN D 136 -0.18 29.00 -33.29
CA ASN D 136 -1.29 28.35 -32.55
C ASN D 136 -1.09 26.83 -32.32
N LYS D 137 0.17 26.37 -32.47
CA LYS D 137 0.53 24.96 -32.30
C LYS D 137 1.39 24.73 -31.06
N LEU D 138 1.41 23.50 -30.59
CA LEU D 138 2.23 23.04 -29.46
C LEU D 138 3.10 21.90 -29.96
N PHE D 139 4.42 22.04 -29.82
CA PHE D 139 5.36 21.01 -30.24
C PHE D 139 6.09 20.38 -29.04
N LYS D 140 6.14 19.05 -28.98
CA LYS D 140 6.81 18.28 -27.94
C LYS D 140 8.31 18.17 -28.20
N GLN D 141 9.13 18.60 -27.23
CA GLN D 141 10.60 18.56 -27.29
C GLN D 141 11.11 17.51 -26.30
N ASP D 142 11.87 16.49 -26.76
CA ASP D 142 12.31 15.42 -25.86
C ASP D 142 13.77 15.02 -26.06
N GLY D 143 14.35 14.45 -25.01
CA GLY D 143 15.71 13.94 -25.03
C GLY D 143 16.76 14.92 -24.58
N PHE D 144 17.92 14.40 -24.14
CA PHE D 144 19.08 15.20 -23.72
C PHE D 144 19.51 16.18 -24.82
N LYS D 145 19.62 17.48 -24.46
CA LYS D 145 20.05 18.51 -25.38
C LYS D 145 21.02 19.49 -24.72
N ASP D 146 22.03 19.88 -25.48
CA ASP D 146 22.99 20.91 -25.11
C ASP D 146 22.38 22.25 -25.51
N ILE D 147 22.42 23.22 -24.60
CA ILE D 147 21.87 24.54 -24.85
C ILE D 147 22.88 25.64 -24.49
N SER D 148 22.66 26.85 -25.02
CA SER D 148 23.50 28.02 -24.72
C SER D 148 22.74 28.96 -23.78
N LEU D 149 23.50 29.73 -22.97
CA LEU D 149 22.97 30.64 -21.98
C LEU D 149 22.99 32.10 -22.41
N TYR D 150 23.46 32.35 -23.64
CA TYR D 150 23.55 33.67 -24.23
C TYR D 150 23.15 33.56 -25.71
N GLU D 151 22.82 34.71 -26.33
CA GLU D 151 22.51 34.80 -27.76
C GLU D 151 23.83 34.72 -28.55
N PRO D 152 23.92 33.74 -29.48
CA PRO D 152 25.15 33.59 -30.28
C PRO D 152 25.52 34.86 -31.04
N GLY D 153 26.82 35.05 -31.21
CA GLY D 153 27.41 36.20 -31.86
C GLY D 153 28.30 35.83 -33.02
N LYS D 154 29.07 36.82 -33.49
CA LYS D 154 29.97 36.73 -34.63
C LYS D 154 30.91 35.51 -34.57
N GLY D 155 31.47 35.26 -33.39
CA GLY D 155 32.43 34.19 -33.16
C GLY D 155 31.87 32.81 -32.97
N ASP D 156 30.61 32.72 -32.50
CA ASP D 156 29.91 31.46 -32.21
C ASP D 156 29.48 30.66 -33.43
N GLU D 157 29.28 29.35 -33.22
CA GLU D 157 28.79 28.47 -34.25
C GLU D 157 27.26 28.63 -34.43
N LYS D 158 26.82 28.99 -35.66
CA LYS D 158 25.42 29.25 -36.03
C LYS D 158 25.01 28.32 -37.19
N PRO D 159 24.70 27.02 -36.89
CA PRO D 159 24.44 26.03 -37.95
C PRO D 159 23.15 26.15 -38.77
N THR D 160 22.12 26.84 -38.26
CA THR D 160 20.84 26.99 -38.96
C THR D 160 20.38 28.46 -38.98
N PRO D 161 19.44 28.87 -39.90
CA PRO D 161 18.96 30.27 -39.86
C PRO D 161 17.89 30.49 -38.79
N LEU D 162 17.61 29.46 -37.95
CA LEU D 162 16.60 29.50 -36.90
C LEU D 162 17.22 29.38 -35.50
N LEU D 163 17.00 30.40 -34.67
CA LEU D 163 17.46 30.42 -33.31
C LEU D 163 16.27 30.35 -32.36
N MET D 164 16.27 29.34 -31.50
CA MET D 164 15.25 29.15 -30.48
C MET D 164 15.69 29.93 -29.25
N HIS D 165 14.77 30.75 -28.73
CA HIS D 165 14.98 31.54 -27.53
C HIS D 165 13.85 31.11 -26.61
N LEU D 166 14.12 30.04 -25.84
CA LEU D 166 13.21 29.31 -24.93
C LEU D 166 13.33 29.68 -23.46
N LYS D 167 12.19 30.01 -22.83
CA LYS D 167 12.16 30.29 -21.41
C LYS D 167 11.93 28.95 -20.71
N LEU D 168 12.95 28.47 -20.02
CA LEU D 168 12.83 27.23 -19.26
C LEU D 168 12.26 27.65 -17.92
N PRO D 169 11.11 27.08 -17.49
CA PRO D 169 10.50 27.53 -16.25
C PRO D 169 11.31 27.17 -15.01
N ARG D 170 10.83 27.62 -13.85
CA ARG D 170 11.41 27.31 -12.58
C ARG D 170 11.28 25.79 -12.33
N ASN D 171 12.31 25.21 -11.67
CA ASN D 171 12.48 23.79 -11.30
C ASN D 171 12.86 22.89 -12.49
N THR D 172 13.24 23.49 -13.63
CA THR D 172 13.75 22.74 -14.77
C THR D 172 15.14 22.25 -14.42
N GLY D 173 15.36 20.95 -14.62
CA GLY D 173 16.66 20.33 -14.45
C GLY D 173 17.65 20.93 -15.43
N MET D 174 18.78 21.38 -14.93
CA MET D 174 19.78 21.99 -15.79
C MET D 174 21.15 21.63 -15.30
N LEU D 175 21.98 21.02 -16.19
CA LEU D 175 23.32 20.54 -15.84
C LEU D 175 24.50 21.25 -16.60
N PRO D 176 25.02 22.42 -16.08
CA PRO D 176 26.21 23.01 -16.70
C PRO D 176 27.41 22.13 -16.34
N TYR D 177 28.29 21.89 -17.32
CA TYR D 177 29.44 21.01 -17.19
C TYR D 177 30.59 21.45 -18.09
N THR D 178 31.78 20.95 -17.80
CA THR D 178 33.00 21.24 -18.56
C THR D 178 33.18 20.16 -19.62
N ASN D 179 33.80 20.56 -20.72
CA ASN D 179 34.15 19.69 -21.84
C ASN D 179 35.40 20.29 -22.41
N THR D 180 36.56 19.68 -22.11
CA THR D 180 37.89 20.16 -22.52
C THR D 180 38.05 21.59 -22.00
N ASN D 181 38.02 22.60 -22.91
CA ASN D 181 38.22 24.00 -22.58
C ASN D 181 36.96 24.84 -22.59
N ASN D 182 35.83 24.19 -22.86
CA ASN D 182 34.53 24.81 -23.01
C ASN D 182 33.57 24.39 -21.92
N VAL D 183 32.47 25.14 -21.78
CA VAL D 183 31.38 24.82 -20.85
C VAL D 183 30.10 24.67 -21.64
N SER D 184 29.29 23.66 -21.29
CA SER D 184 28.00 23.46 -21.90
C SER D 184 26.97 23.19 -20.81
N THR D 185 25.70 23.39 -21.10
CA THR D 185 24.61 23.10 -20.17
C THR D 185 23.74 22.06 -20.86
N LEU D 186 23.49 20.97 -20.16
CA LEU D 186 22.69 19.86 -20.62
C LEU D 186 21.33 19.90 -19.94
N ILE D 187 20.26 19.67 -20.72
CA ILE D 187 18.88 19.60 -20.23
C ILE D 187 18.25 18.29 -20.75
N GLU D 188 17.17 17.82 -20.10
CA GLU D 188 16.52 16.63 -20.58
C GLU D 188 15.37 16.89 -21.55
N GLN D 189 14.87 18.13 -21.60
CA GLN D 189 13.68 18.56 -22.36
C GLN D 189 12.43 17.88 -21.74
N GLY D 190 11.64 17.14 -22.52
CA GLY D 190 10.44 16.46 -22.07
C GLY D 190 9.33 17.42 -21.72
N TYR D 191 8.95 18.28 -22.68
CA TYR D 191 7.90 19.31 -22.52
C TYR D 191 7.31 19.79 -23.85
N SER D 192 6.16 20.49 -23.75
CA SER D 192 5.41 21.14 -24.83
C SER D 192 5.93 22.58 -24.93
N ILE D 193 6.28 23.02 -26.14
CA ILE D 193 6.68 24.40 -26.37
C ILE D 193 5.71 25.07 -27.35
N LYS D 194 5.50 26.38 -27.19
CA LYS D 194 4.74 27.19 -28.13
C LYS D 194 5.65 28.34 -28.52
N ILE D 195 5.64 28.73 -29.79
CA ILE D 195 6.43 29.85 -30.29
C ILE D 195 5.43 30.99 -30.40
N ASP D 196 5.56 31.95 -29.48
CA ASP D 196 4.65 33.10 -29.38
C ASP D 196 4.90 34.19 -30.40
N LYS D 197 6.17 34.52 -30.67
CA LYS D 197 6.54 35.58 -31.63
C LYS D 197 7.82 35.19 -32.31
N ILE D 198 7.94 35.53 -33.61
CA ILE D 198 9.18 35.35 -34.37
C ILE D 198 9.66 36.73 -34.82
N VAL D 199 10.98 36.94 -34.74
CA VAL D 199 11.66 38.18 -35.08
C VAL D 199 12.78 37.85 -36.05
N ARG D 200 12.97 38.72 -37.06
CA ARG D 200 14.06 38.59 -38.01
C ARG D 200 15.22 39.40 -37.42
N ILE D 201 16.19 38.71 -36.83
CA ILE D 201 17.37 39.30 -36.20
C ILE D 201 18.59 39.22 -37.09
N VAL D 202 19.62 40.05 -36.82
CA VAL D 202 20.84 40.01 -37.61
C VAL D 202 22.04 39.69 -36.70
N ILE D 203 22.77 38.60 -37.03
CA ILE D 203 24.02 38.17 -36.37
C ILE D 203 25.09 38.05 -37.46
N ASP D 204 26.14 38.90 -37.37
CA ASP D 204 27.26 38.98 -38.32
C ASP D 204 26.73 39.12 -39.76
N GLY D 205 26.06 40.25 -40.04
CA GLY D 205 25.50 40.62 -41.33
C GLY D 205 24.64 39.58 -42.04
N LYS D 206 24.01 38.71 -41.24
CA LYS D 206 23.13 37.66 -41.71
C LYS D 206 21.84 37.69 -40.93
N HIS D 207 20.71 37.38 -41.61
CA HIS D 207 19.38 37.31 -41.01
C HIS D 207 19.14 35.93 -40.38
N TYR D 208 18.48 35.92 -39.23
CA TYR D 208 18.11 34.73 -38.48
C TYR D 208 16.72 34.93 -37.93
N ILE D 209 15.91 33.87 -37.88
CA ILE D 209 14.59 33.92 -37.27
C ILE D 209 14.81 33.53 -35.80
N LYS D 210 14.58 34.49 -34.87
CA LYS D 210 14.68 34.28 -33.44
C LYS D 210 13.28 33.96 -32.97
N ALA D 211 13.04 32.68 -32.67
CA ALA D 211 11.77 32.16 -32.20
C ALA D 211 11.64 32.31 -30.69
N GLU D 212 10.54 32.96 -30.25
CA GLU D 212 10.25 33.21 -28.84
C GLU D 212 9.38 32.11 -28.28
N ALA D 213 10.04 31.03 -27.84
CA ALA D 213 9.43 29.84 -27.29
C ALA D 213 9.24 29.88 -25.77
N SER D 214 8.13 29.29 -25.31
CA SER D 214 7.79 29.18 -23.90
C SER D 214 7.32 27.77 -23.65
N VAL D 215 7.53 27.29 -22.44
CA VAL D 215 7.10 25.94 -22.06
C VAL D 215 5.66 25.99 -21.54
N VAL D 216 4.77 25.16 -22.13
CA VAL D 216 3.37 25.00 -21.70
C VAL D 216 3.37 23.68 -20.90
N SER D 217 3.37 23.83 -19.57
CA SER D 217 3.46 22.70 -18.62
C SER D 217 2.36 21.68 -18.77
N SER D 218 2.76 20.42 -18.75
CA SER D 218 1.80 19.32 -18.83
C SER D 218 2.36 18.14 -18.06
N LEU D 219 1.50 17.19 -17.75
CA LEU D 219 1.90 15.96 -17.09
C LEU D 219 2.25 14.98 -18.21
N ASP D 220 3.41 14.35 -18.09
CA ASP D 220 3.89 13.37 -19.03
C ASP D 220 4.66 12.34 -18.23
N PHE D 221 4.00 11.23 -17.90
CA PHE D 221 4.54 10.15 -17.08
C PHE D 221 5.44 9.20 -17.89
N LYS D 222 5.20 9.14 -19.23
CA LYS D 222 5.93 8.30 -20.18
C LYS D 222 5.89 6.83 -19.72
N ASP D 223 7.01 6.27 -19.27
CA ASP D 223 7.15 4.89 -18.79
C ASP D 223 6.84 4.77 -17.29
N ASP D 224 6.80 5.90 -16.54
CA ASP D 224 6.50 5.90 -15.11
C ASP D 224 4.99 5.79 -14.89
N VAL D 225 4.48 4.58 -15.16
CA VAL D 225 3.06 4.23 -15.09
C VAL D 225 2.52 4.25 -13.65
N SER D 226 3.42 4.01 -12.66
CA SER D 226 3.18 4.04 -11.21
C SER D 226 2.82 5.46 -10.72
N LYS D 227 3.63 6.48 -11.15
CA LYS D 227 3.45 7.91 -10.83
C LYS D 227 2.15 8.44 -11.42
N GLY D 228 1.82 7.95 -12.61
CA GLY D 228 0.60 8.32 -13.33
C GLY D 228 -0.63 7.70 -12.71
N ASP D 229 -0.49 6.42 -12.27
CA ASP D 229 -1.56 5.68 -11.59
C ASP D 229 -1.89 6.38 -10.29
N SER D 230 -0.87 6.91 -9.59
CA SER D 230 -1.05 7.68 -8.36
C SER D 230 -1.82 8.95 -8.68
N TRP D 231 -1.45 9.66 -9.78
CA TRP D 231 -2.15 10.88 -10.21
C TRP D 231 -3.63 10.62 -10.55
N GLY D 232 -3.86 9.65 -11.43
CA GLY D 232 -5.21 9.31 -11.90
C GLY D 232 -6.16 8.87 -10.82
N LYS D 233 -5.65 8.08 -9.83
CA LYS D 233 -6.43 7.61 -8.68
C LYS D 233 -6.68 8.74 -7.70
N ALA D 234 -5.70 9.63 -7.52
CA ALA D 234 -5.82 10.82 -6.67
C ALA D 234 -6.98 11.74 -7.12
N ASN D 235 -7.20 11.81 -8.44
CA ASN D 235 -8.22 12.64 -9.09
C ASN D 235 -9.53 11.89 -9.44
N TYR D 236 -9.45 10.57 -9.69
CA TYR D 236 -10.60 9.79 -10.13
C TYR D 236 -11.00 8.60 -9.21
N ASN D 237 -10.45 8.49 -7.98
CA ASN D 237 -10.90 7.41 -7.07
C ASN D 237 -12.37 7.61 -6.61
N ASP D 238 -12.87 8.86 -6.70
CA ASP D 238 -14.23 9.23 -6.32
C ASP D 238 -15.17 9.45 -7.53
N TRP D 239 -14.64 9.30 -8.75
CA TRP D 239 -15.38 9.51 -10.00
C TRP D 239 -16.63 8.63 -10.16
N SER D 240 -16.57 7.40 -9.66
CA SER D 240 -17.68 6.45 -9.73
C SER D 240 -18.91 6.98 -8.99
N ASN D 241 -18.71 7.55 -7.77
CA ASN D 241 -19.79 8.09 -6.95
C ASN D 241 -20.31 9.43 -7.46
N LYS D 242 -19.68 10.01 -8.49
CA LYS D 242 -20.11 11.28 -9.08
C LYS D 242 -21.13 11.02 -10.18
N LEU D 243 -21.27 9.75 -10.59
CA LEU D 243 -22.15 9.33 -11.66
C LEU D 243 -23.46 8.72 -11.16
N THR D 244 -24.52 8.84 -11.99
CA THR D 244 -25.84 8.25 -11.73
C THR D 244 -25.67 6.74 -11.91
N PRO D 245 -26.49 5.88 -11.26
CA PRO D 245 -26.32 4.43 -11.43
C PRO D 245 -26.24 3.94 -12.88
N ASN D 246 -27.02 4.58 -13.79
CA ASN D 246 -27.05 4.28 -15.22
C ASN D 246 -25.77 4.69 -15.94
N GLU D 247 -25.20 5.87 -15.60
CA GLU D 247 -23.95 6.37 -16.18
C GLU D 247 -22.83 5.40 -15.85
N LEU D 248 -22.73 4.97 -14.57
CA LEU D 248 -21.73 4.01 -14.14
C LEU D 248 -21.94 2.65 -14.81
N ALA D 249 -23.21 2.18 -14.89
CA ALA D 249 -23.56 0.90 -15.53
C ALA D 249 -23.10 0.85 -16.99
N ASP D 250 -23.36 1.92 -17.76
CA ASP D 250 -22.97 2.05 -19.17
C ASP D 250 -21.46 2.20 -19.38
N VAL D 251 -20.78 2.88 -18.43
CA VAL D 251 -19.32 3.05 -18.40
C VAL D 251 -18.71 1.64 -18.15
N ASN D 252 -19.17 0.92 -17.09
CA ASN D 252 -18.73 -0.43 -16.76
C ASN D 252 -18.93 -1.39 -17.92
N ASP D 253 -20.11 -1.38 -18.56
CA ASP D 253 -20.47 -2.23 -19.71
C ASP D 253 -19.54 -2.00 -20.90
N TYR D 254 -19.24 -0.72 -21.20
CA TYR D 254 -18.35 -0.27 -22.27
C TYR D 254 -16.94 -0.79 -22.02
N MET D 255 -16.43 -0.61 -20.79
CA MET D 255 -15.10 -1.06 -20.36
C MET D 255 -15.00 -2.59 -20.34
N ARG D 256 -16.07 -3.29 -19.97
CA ARG D 256 -16.10 -4.75 -19.88
C ARG D 256 -16.39 -5.47 -21.22
N GLY D 257 -16.24 -4.78 -22.36
CA GLY D 257 -16.39 -5.38 -23.67
C GLY D 257 -17.45 -4.77 -24.58
N GLY D 258 -18.25 -3.85 -24.04
CA GLY D 258 -19.30 -3.17 -24.79
C GLY D 258 -18.74 -2.19 -25.79
N TYR D 259 -17.47 -1.82 -25.62
CA TYR D 259 -16.74 -0.88 -26.47
C TYR D 259 -16.76 -1.25 -27.94
N THR D 260 -16.66 -2.53 -28.28
CA THR D 260 -16.64 -3.03 -29.66
C THR D 260 -17.90 -2.60 -30.44
N ALA D 261 -19.11 -2.98 -29.96
CA ALA D 261 -20.40 -2.65 -30.60
C ALA D 261 -20.63 -1.15 -30.69
N ILE D 262 -20.30 -0.41 -29.60
CA ILE D 262 -20.43 1.05 -29.48
C ILE D 262 -19.51 1.81 -30.46
N ASN D 263 -18.19 1.52 -30.44
CA ASN D 263 -17.22 2.17 -31.31
C ASN D 263 -17.41 1.86 -32.78
N ASN D 264 -17.74 0.59 -33.11
CA ASN D 264 -17.99 0.16 -34.49
C ASN D 264 -19.20 0.89 -35.06
N TYR D 265 -20.26 1.06 -34.23
CA TYR D 265 -21.50 1.78 -34.52
C TYR D 265 -21.20 3.25 -34.77
N LEU D 266 -20.36 3.87 -33.93
CA LEU D 266 -19.93 5.24 -34.10
C LEU D 266 -19.07 5.44 -35.34
N ILE D 267 -18.07 4.55 -35.60
CA ILE D 267 -17.19 4.68 -36.77
C ILE D 267 -17.99 4.51 -38.10
N SER D 268 -18.99 3.61 -38.10
CA SER D 268 -19.82 3.33 -39.27
C SER D 268 -20.91 4.36 -39.50
N ASN D 269 -20.99 5.40 -38.62
CA ASN D 269 -21.99 6.48 -38.65
C ASN D 269 -23.41 5.91 -38.45
N GLY D 270 -23.48 4.86 -37.63
CA GLY D 270 -24.70 4.16 -37.25
C GLY D 270 -25.78 5.05 -36.66
N PRO D 271 -25.48 6.05 -35.78
CA PRO D 271 -26.56 6.91 -35.25
C PRO D 271 -27.43 7.60 -36.31
N VAL D 272 -26.91 7.68 -37.55
CA VAL D 272 -27.53 8.27 -38.74
C VAL D 272 -28.01 7.16 -39.66
N ASN D 273 -27.08 6.29 -40.14
CA ASN D 273 -27.36 5.19 -41.08
C ASN D 273 -28.31 4.11 -40.53
N ASN D 274 -27.97 3.49 -39.38
CA ASN D 274 -28.82 2.47 -38.76
C ASN D 274 -28.97 2.76 -37.26
N PRO D 275 -29.85 3.72 -36.88
CA PRO D 275 -29.94 4.12 -35.47
C PRO D 275 -30.28 3.00 -34.52
N ASN D 276 -29.52 2.92 -33.42
CA ASN D 276 -29.74 1.94 -32.36
C ASN D 276 -29.99 2.76 -31.11
N PRO D 277 -31.27 2.92 -30.72
CA PRO D 277 -31.57 3.73 -29.51
C PRO D 277 -30.93 3.23 -28.21
N GLU D 278 -30.73 1.89 -28.07
CA GLU D 278 -30.12 1.25 -26.89
C GLU D 278 -28.66 1.68 -26.79
N LEU D 279 -27.94 1.71 -27.94
CA LEU D 279 -26.54 2.16 -28.03
C LEU D 279 -26.42 3.67 -27.86
N ASP D 280 -27.38 4.43 -28.44
CA ASP D 280 -27.46 5.89 -28.34
C ASP D 280 -27.56 6.38 -26.89
N SER D 281 -28.34 5.68 -26.07
CA SER D 281 -28.48 5.99 -24.63
C SER D 281 -27.15 5.76 -23.88
N LYS D 282 -26.49 4.63 -24.21
CA LYS D 282 -25.21 4.23 -23.66
C LYS D 282 -24.16 5.29 -23.97
N ILE D 283 -24.09 5.74 -25.24
CA ILE D 283 -23.18 6.77 -25.73
C ILE D 283 -23.40 8.11 -24.98
N THR D 284 -24.68 8.54 -24.85
CA THR D 284 -25.11 9.76 -24.14
C THR D 284 -24.60 9.76 -22.69
N ASN D 285 -24.69 8.59 -22.04
CA ASN D 285 -24.31 8.36 -20.64
C ASN D 285 -22.82 8.34 -20.40
N ILE D 286 -22.05 7.73 -21.32
CA ILE D 286 -20.59 7.66 -21.21
C ILE D 286 -20.03 9.07 -21.45
N GLU D 287 -20.55 9.77 -22.48
CA GLU D 287 -20.13 11.13 -22.79
C GLU D 287 -20.34 12.06 -21.59
N ASN D 288 -21.51 11.99 -20.95
CA ASN D 288 -21.85 12.82 -19.79
C ASN D 288 -20.95 12.50 -18.61
N ALA D 289 -20.68 11.21 -18.37
CA ALA D 289 -19.78 10.69 -17.34
C ALA D 289 -18.35 11.27 -17.51
N LEU D 290 -17.85 11.38 -18.77
CA LEU D 290 -16.52 11.96 -19.09
C LEU D 290 -16.50 13.50 -18.92
N LYS D 291 -17.68 14.14 -18.83
CA LYS D 291 -17.83 15.58 -18.64
C LYS D 291 -18.02 15.98 -17.16
N ARG D 292 -18.23 14.97 -16.26
CA ARG D 292 -18.48 15.18 -14.83
C ARG D 292 -17.27 15.74 -14.13
N GLU D 293 -16.10 15.14 -14.41
CA GLU D 293 -14.84 15.58 -13.85
C GLU D 293 -13.83 15.69 -14.98
N PRO D 294 -13.73 16.87 -15.62
CA PRO D 294 -12.82 17.02 -16.76
C PRO D 294 -11.36 16.90 -16.36
N ILE D 295 -10.46 16.60 -17.34
CA ILE D 295 -9.01 16.47 -17.12
C ILE D 295 -8.51 17.75 -16.42
N PRO D 296 -8.02 17.64 -15.17
CA PRO D 296 -7.77 18.86 -14.38
C PRO D 296 -6.54 19.67 -14.75
N THR D 297 -5.60 19.01 -15.40
CA THR D 297 -4.32 19.62 -15.79
C THR D 297 -3.96 19.18 -17.20
N ASN D 298 -3.04 19.90 -17.86
CA ASN D 298 -2.60 19.52 -19.20
C ASN D 298 -1.91 18.18 -19.03
N LEU D 299 -2.43 17.17 -19.73
CA LEU D 299 -2.04 15.76 -19.60
C LEU D 299 -1.69 15.14 -20.92
N THR D 300 -0.53 14.52 -20.99
CA THR D 300 -0.06 13.83 -22.18
C THR D 300 -0.44 12.35 -22.04
N VAL D 301 -1.19 11.86 -23.02
CA VAL D 301 -1.61 10.46 -23.09
C VAL D 301 -1.07 9.83 -24.35
N TYR D 302 -0.98 8.50 -24.33
CA TYR D 302 -0.44 7.71 -25.44
C TYR D 302 -1.43 6.65 -25.88
N ARG D 303 -1.55 6.54 -27.20
CA ARG D 303 -2.40 5.57 -27.85
C ARG D 303 -1.64 4.77 -28.91
N ARG D 304 -1.72 3.45 -28.85
CA ARG D 304 -1.15 2.59 -29.86
C ARG D 304 -2.21 2.52 -30.93
N SER D 305 -1.96 3.22 -32.05
CA SER D 305 -2.86 3.28 -33.18
C SER D 305 -2.51 2.28 -34.26
N GLY D 306 -3.56 1.77 -34.90
CA GLY D 306 -3.47 0.82 -36.01
C GLY D 306 -3.70 1.50 -37.35
N PRO D 307 -3.63 0.76 -38.49
CA PRO D 307 -3.73 1.40 -39.80
C PRO D 307 -5.07 2.07 -40.17
N GLN D 308 -6.23 1.42 -39.89
CA GLN D 308 -7.58 1.94 -40.22
C GLN D 308 -7.86 3.35 -39.70
N GLU D 309 -7.22 3.74 -38.57
CA GLU D 309 -7.36 5.05 -37.93
C GLU D 309 -6.80 6.19 -38.80
N PHE D 310 -5.88 5.82 -39.73
CA PHE D 310 -5.20 6.71 -40.67
C PHE D 310 -5.50 6.34 -42.15
N GLY D 311 -6.67 5.74 -42.37
CA GLY D 311 -7.18 5.30 -43.67
C GLY D 311 -6.31 4.29 -44.40
N LEU D 312 -5.77 3.32 -43.64
CA LEU D 312 -4.91 2.27 -44.18
C LEU D 312 -5.36 0.89 -43.69
N THR D 313 -4.63 -0.17 -44.12
CA THR D 313 -4.87 -1.56 -43.74
C THR D 313 -3.52 -2.18 -43.38
N LEU D 314 -3.50 -3.40 -42.83
CA LEU D 314 -2.24 -4.08 -42.50
C LEU D 314 -1.48 -4.49 -43.76
N THR D 315 -2.23 -4.81 -44.82
CA THR D 315 -1.74 -5.24 -46.13
C THR D 315 -1.34 -4.02 -47.01
N SER D 316 -1.72 -2.77 -46.59
CA SER D 316 -1.41 -1.53 -47.30
C SER D 316 0.10 -1.26 -47.36
N PRO D 317 0.67 -1.00 -48.57
CA PRO D 317 2.12 -0.79 -48.70
C PRO D 317 2.64 0.49 -48.01
N GLU D 318 1.74 1.47 -47.81
CA GLU D 318 2.00 2.76 -47.16
C GLU D 318 2.21 2.61 -45.64
N TYR D 319 1.77 1.47 -45.06
CA TYR D 319 1.91 1.15 -43.64
C TYR D 319 3.31 0.54 -43.35
N ASP D 320 4.10 0.25 -44.41
CA ASP D 320 5.47 -0.24 -44.25
C ASP D 320 6.43 0.94 -44.06
N PHE D 321 6.58 1.38 -42.81
CA PHE D 321 7.39 2.53 -42.44
C PHE D 321 8.90 2.21 -42.47
N ASN D 322 9.28 1.02 -42.94
CA ASN D 322 10.69 0.66 -43.08
C ASN D 322 11.26 1.25 -44.37
N LYS D 323 10.37 1.62 -45.31
CA LYS D 323 10.69 2.31 -46.55
C LYS D 323 10.45 3.80 -46.25
N LEU D 324 11.52 4.62 -46.35
CA LEU D 324 11.51 6.06 -46.06
C LEU D 324 10.40 6.82 -46.78
N GLU D 325 10.20 6.51 -48.09
CA GLU D 325 9.18 7.12 -48.96
C GLU D 325 7.77 7.10 -48.35
N ASN D 326 7.45 6.06 -47.55
CA ASN D 326 6.17 5.87 -46.87
C ASN D 326 6.02 6.79 -45.66
N ILE D 327 7.15 7.07 -44.93
CA ILE D 327 7.22 7.99 -43.78
C ILE D 327 6.97 9.41 -44.28
N ASP D 328 7.64 9.79 -45.39
CA ASP D 328 7.49 11.10 -46.04
C ASP D 328 6.06 11.30 -46.51
N ALA D 329 5.46 10.25 -47.17
CA ALA D 329 4.08 10.26 -47.69
C ALA D 329 3.07 10.41 -46.54
N PHE D 330 3.30 9.69 -45.41
CA PHE D 330 2.47 9.73 -44.20
C PHE D 330 2.53 11.13 -43.58
N LYS D 331 3.75 11.68 -43.42
CA LYS D 331 4.01 13.02 -42.87
C LYS D 331 3.34 14.10 -43.72
N SER D 332 3.49 14.01 -45.06
CA SER D 332 2.90 14.95 -46.02
C SER D 332 1.38 15.01 -45.83
N LYS D 333 0.73 13.84 -45.79
CA LYS D 333 -0.71 13.67 -45.65
C LYS D 333 -1.26 14.05 -44.25
N TRP D 334 -0.55 13.66 -43.17
CA TRP D 334 -1.05 13.85 -41.81
C TRP D 334 -0.49 15.02 -40.98
N GLU D 335 0.66 15.61 -41.32
CA GLU D 335 1.17 16.76 -40.55
C GLU D 335 0.36 18.05 -40.82
N GLY D 336 -0.10 18.68 -39.74
CA GLY D 336 -0.86 19.93 -39.79
C GLY D 336 -2.33 19.66 -39.93
N GLN D 337 -2.70 18.38 -39.98
CA GLN D 337 -4.05 17.90 -40.14
C GLN D 337 -4.77 17.59 -38.82
N ALA D 338 -6.10 17.72 -38.86
CA ALA D 338 -7.01 17.42 -37.76
C ALA D 338 -7.57 16.04 -38.02
N LEU D 339 -7.36 15.18 -37.05
CA LEU D 339 -7.73 13.77 -37.03
C LEU D 339 -8.98 13.61 -36.13
N SER D 340 -10.14 13.28 -36.74
CA SER D 340 -11.39 13.10 -36.00
C SER D 340 -11.65 11.65 -35.62
N TYR D 341 -12.11 11.43 -34.39
CA TYR D 341 -12.44 10.09 -33.92
C TYR D 341 -13.95 10.00 -33.61
N PRO D 342 -14.77 9.34 -34.46
CA PRO D 342 -16.23 9.26 -34.16
C PRO D 342 -16.58 8.46 -32.91
N ASN D 343 -15.72 7.51 -32.56
CA ASN D 343 -15.77 6.61 -31.42
C ASN D 343 -15.06 7.21 -30.19
N PHE D 344 -15.31 6.64 -29.00
CA PHE D 344 -14.61 7.06 -27.77
C PHE D 344 -13.19 6.55 -27.93
N ILE D 345 -12.20 7.30 -27.43
CA ILE D 345 -10.78 6.97 -27.62
C ILE D 345 -10.14 6.42 -26.35
N PHE D 346 -9.56 5.21 -26.48
CA PHE D 346 -8.75 4.53 -25.45
C PHE D 346 -7.32 5.06 -25.51
N THR D 347 -6.83 5.56 -24.37
CA THR D 347 -5.48 6.06 -24.20
C THR D 347 -4.88 5.52 -22.89
N SER D 348 -3.55 5.67 -22.74
CA SER D 348 -2.81 5.23 -21.58
C SER D 348 -2.00 6.38 -21.06
N ILE D 349 -1.81 6.48 -19.74
CA ILE D 349 -0.92 7.53 -19.22
C ILE D 349 0.52 7.12 -19.49
N GLY D 350 0.70 5.85 -19.87
CA GLY D 350 2.00 5.24 -20.17
C GLY D 350 2.30 5.06 -21.64
N SER D 351 3.50 5.46 -22.04
CA SER D 351 3.99 5.36 -23.41
C SER D 351 4.50 3.97 -23.78
N VAL D 352 4.83 3.12 -22.77
CA VAL D 352 5.35 1.75 -22.95
C VAL D 352 4.50 0.87 -23.88
N ASN D 353 5.18 -0.03 -24.61
CA ASN D 353 4.51 -0.95 -25.53
C ASN D 353 3.71 -1.95 -24.71
N MET D 354 2.60 -2.44 -25.27
CA MET D 354 1.73 -3.40 -24.62
C MET D 354 1.51 -4.60 -25.53
N SER D 355 1.43 -5.80 -24.93
CA SER D 355 1.25 -7.09 -25.60
C SER D 355 0.18 -7.10 -26.70
N ALA D 356 -1.01 -6.53 -26.41
CA ALA D 356 -2.15 -6.45 -27.32
C ALA D 356 -1.93 -5.53 -28.54
N PHE D 357 -0.98 -4.58 -28.46
CA PHE D 357 -0.70 -3.62 -29.53
C PHE D 357 0.73 -3.65 -30.02
N ALA D 358 1.38 -4.80 -29.79
CA ALA D 358 2.77 -5.11 -30.13
C ALA D 358 3.16 -4.75 -31.56
N LYS D 359 2.27 -5.03 -32.52
CA LYS D 359 2.52 -4.78 -33.94
C LYS D 359 2.07 -3.39 -34.41
N ARG D 360 1.27 -2.65 -33.59
CA ARG D 360 0.75 -1.31 -33.94
C ARG D 360 1.90 -0.34 -34.17
N LYS D 361 2.08 0.07 -35.46
CA LYS D 361 3.17 0.92 -35.97
C LYS D 361 2.98 2.43 -35.75
N ILE D 362 1.87 2.85 -35.13
CA ILE D 362 1.64 4.28 -34.88
C ILE D 362 1.42 4.52 -33.39
N VAL D 363 2.16 5.47 -32.82
CA VAL D 363 1.99 5.88 -31.43
C VAL D 363 1.43 7.31 -31.48
N LEU D 364 0.19 7.43 -31.05
CA LEU D 364 -0.53 8.68 -31.01
C LEU D 364 -0.30 9.29 -29.63
N ARG D 365 0.54 10.34 -29.60
CA ARG D 365 0.90 11.05 -28.38
C ARG D 365 0.00 12.28 -28.35
N ILE D 366 -0.98 12.29 -27.43
CA ILE D 366 -1.98 13.33 -27.34
C ILE D 366 -1.79 14.23 -26.13
N THR D 367 -1.85 15.55 -26.34
CA THR D 367 -1.78 16.53 -25.26
C THR D 367 -3.18 17.02 -25.00
N ILE D 368 -3.77 16.48 -23.93
CA ILE D 368 -5.10 16.83 -23.47
C ILE D 368 -4.97 18.15 -22.70
N PRO D 369 -5.57 19.28 -23.16
CA PRO D 369 -5.52 20.49 -22.34
C PRO D 369 -6.46 20.41 -21.11
N LYS D 370 -6.14 21.18 -20.07
CA LYS D 370 -6.91 21.32 -18.83
C LYS D 370 -8.36 21.65 -19.19
N GLY D 371 -9.31 20.92 -18.59
CA GLY D 371 -10.75 21.12 -18.77
C GLY D 371 -11.44 20.30 -19.83
N SER D 372 -10.69 19.40 -20.49
CA SER D 372 -11.19 18.52 -21.54
C SER D 372 -12.02 17.39 -20.96
N PRO D 373 -13.05 16.90 -21.67
CA PRO D 373 -13.77 15.73 -21.16
C PRO D 373 -12.81 14.54 -21.18
N GLY D 374 -12.87 13.77 -20.12
CA GLY D 374 -12.04 12.60 -19.96
C GLY D 374 -12.02 12.16 -18.52
N ALA D 375 -11.55 10.94 -18.29
CA ALA D 375 -11.47 10.36 -16.97
C ALA D 375 -10.48 9.23 -16.95
N TYR D 376 -9.71 9.11 -15.85
CA TYR D 376 -8.78 8.00 -15.62
C TYR D 376 -9.66 6.85 -15.17
N LEU D 377 -9.95 5.92 -16.07
CA LEU D 377 -10.83 4.79 -15.77
C LEU D 377 -10.17 3.69 -14.93
N SER D 378 -8.84 3.68 -14.85
CA SER D 378 -8.10 2.69 -14.07
C SER D 378 -8.23 2.89 -12.55
N ALA D 379 -8.97 3.94 -12.16
CA ALA D 379 -9.29 4.24 -10.76
C ALA D 379 -10.52 3.41 -10.32
N ILE D 380 -11.27 2.85 -11.29
CA ILE D 380 -12.39 1.95 -10.96
C ILE D 380 -11.83 0.50 -11.17
N PRO D 381 -11.64 -0.30 -10.07
CA PRO D 381 -10.99 -1.62 -10.19
C PRO D 381 -11.52 -2.60 -11.24
N GLY D 382 -10.60 -3.44 -11.71
CA GLY D 382 -10.81 -4.43 -12.76
C GLY D 382 -10.27 -3.94 -14.08
N TYR D 383 -10.95 -4.34 -15.18
CA TYR D 383 -10.71 -3.99 -16.59
C TYR D 383 -9.32 -4.33 -17.16
N ALA D 384 -9.35 -5.03 -18.33
CA ALA D 384 -8.22 -5.39 -19.19
C ALA D 384 -7.48 -4.09 -19.49
N GLY D 385 -6.21 -4.07 -19.10
CA GLY D 385 -5.29 -2.94 -19.15
C GLY D 385 -5.27 -1.92 -20.28
N GLN D 386 -4.52 -0.81 -20.08
CA GLN D 386 -3.74 -0.53 -18.86
C GLN D 386 -3.66 0.97 -18.64
N TYR D 387 -3.70 1.39 -17.35
CA TYR D 387 -3.58 2.80 -16.90
C TYR D 387 -4.29 3.76 -17.87
N GLN D 388 -5.56 3.43 -18.19
CA GLN D 388 -6.38 4.11 -19.19
C GLN D 388 -7.14 5.36 -18.77
N VAL D 389 -7.08 6.33 -19.69
CA VAL D 389 -7.80 7.60 -19.72
C VAL D 389 -8.68 7.47 -20.98
N LEU D 390 -10.00 7.62 -20.83
CA LEU D 390 -10.87 7.54 -22.01
C LEU D 390 -11.28 8.96 -22.35
N LEU D 391 -11.19 9.24 -23.65
CA LEU D 391 -11.52 10.52 -24.25
C LEU D 391 -12.85 10.43 -24.96
N ASN D 392 -13.61 11.51 -24.91
CA ASN D 392 -14.93 11.60 -25.51
C ASN D 392 -14.98 11.28 -26.99
N HIS D 393 -16.13 10.74 -27.42
CA HIS D 393 -16.37 10.42 -28.83
C HIS D 393 -16.51 11.76 -29.59
N GLY D 394 -16.07 11.76 -30.84
CA GLY D 394 -16.11 12.95 -31.68
C GLY D 394 -15.00 13.94 -31.45
N SER D 395 -13.92 13.49 -30.77
CA SER D 395 -12.73 14.30 -30.47
C SER D 395 -11.87 14.53 -31.71
N LYS D 396 -11.30 15.73 -31.81
CA LYS D 396 -10.43 16.12 -32.93
C LYS D 396 -9.02 16.33 -32.39
N PHE D 397 -8.01 15.75 -33.07
CA PHE D 397 -6.61 15.87 -32.67
C PHE D 397 -5.82 16.55 -33.76
N LYS D 398 -5.23 17.71 -33.45
CA LYS D 398 -4.38 18.44 -34.40
C LYS D 398 -2.99 17.82 -34.32
N ILE D 399 -2.53 17.16 -35.43
CA ILE D 399 -1.22 16.54 -35.57
C ILE D 399 -0.27 17.71 -35.89
N ASN D 400 0.70 18.00 -34.98
CA ASN D 400 1.65 19.10 -35.10
C ASN D 400 2.95 18.66 -35.76
N LYS D 401 3.44 17.46 -35.40
CA LYS D 401 4.68 16.87 -35.87
C LYS D 401 4.59 15.33 -35.82
N ILE D 402 5.30 14.65 -36.76
CA ILE D 402 5.43 13.19 -36.85
C ILE D 402 6.94 12.84 -36.84
N ASP D 403 7.35 11.86 -36.00
CA ASP D 403 8.73 11.38 -35.90
C ASP D 403 8.77 9.87 -35.99
N SER D 404 9.85 9.32 -36.55
CA SER D 404 10.00 7.86 -36.64
C SER D 404 10.99 7.34 -35.60
N TYR D 405 11.00 6.02 -35.41
CA TYR D 405 11.90 5.27 -34.54
C TYR D 405 11.88 3.79 -34.89
N LYS D 406 12.93 3.06 -34.50
CA LYS D 406 13.03 1.64 -34.75
C LYS D 406 12.73 0.84 -33.49
N ASP D 407 11.62 0.11 -33.50
CA ASP D 407 11.23 -0.81 -32.44
C ASP D 407 11.73 -2.17 -32.94
N GLY D 408 13.05 -2.35 -32.80
CA GLY D 408 13.77 -3.50 -33.29
C GLY D 408 13.91 -3.41 -34.79
N THR D 409 13.35 -4.41 -35.50
CA THR D 409 13.34 -4.49 -36.96
C THR D 409 12.27 -3.58 -37.58
N ILE D 410 11.20 -3.32 -36.84
CA ILE D 410 10.05 -2.52 -37.29
C ILE D 410 10.21 -1.01 -36.98
N THR D 411 10.11 -0.17 -38.04
CA THR D 411 10.10 1.29 -37.90
C THR D 411 8.65 1.70 -37.60
N LYS D 412 8.47 2.52 -36.56
CA LYS D 412 7.17 3.00 -36.09
C LYS D 412 7.14 4.53 -35.96
N LEU D 413 5.95 5.11 -35.94
CA LEU D 413 5.80 6.57 -35.89
C LEU D 413 5.24 7.10 -34.59
N ILE D 414 5.68 8.31 -34.23
CA ILE D 414 5.20 9.04 -33.06
C ILE D 414 4.50 10.27 -33.65
N VAL D 415 3.19 10.35 -33.44
CA VAL D 415 2.35 11.45 -33.91
C VAL D 415 2.06 12.39 -32.71
N ASP D 416 2.66 13.62 -32.75
CA ASP D 416 2.52 14.68 -31.73
C ASP D 416 1.24 15.42 -32.00
N ALA D 417 0.17 15.09 -31.25
CA ALA D 417 -1.12 15.72 -31.44
C ALA D 417 -1.66 16.42 -30.21
N THR D 418 -2.50 17.40 -30.46
CA THR D 418 -3.15 18.19 -29.44
C THR D 418 -4.67 17.94 -29.57
N LEU D 419 -5.34 17.70 -28.43
CA LEU D 419 -6.79 17.54 -28.43
C LEU D 419 -7.34 18.96 -28.67
N ILE D 420 -8.17 19.12 -29.73
CA ILE D 420 -8.76 20.40 -30.12
C ILE D 420 -10.06 20.65 -29.35
N PRO D 421 -10.13 21.75 -28.56
CA PRO D 421 -11.38 22.05 -27.83
C PRO D 421 -12.45 22.72 -28.72
PA NDP E . 9.42 24.78 19.89
O1A NDP E . 10.74 25.25 19.42
O2A NDP E . 8.34 25.61 19.23
O5B NDP E . 9.19 24.88 21.46
C5B NDP E . 10.16 24.43 22.42
C4B NDP E . 10.00 25.32 23.62
O4B NDP E . 9.94 26.70 23.20
C3B NDP E . 8.75 25.04 24.44
O3B NDP E . 9.08 24.86 25.82
C2B NDP E . 7.84 26.24 24.18
O2B NDP E . 7.17 26.65 25.38
C1B NDP E . 8.78 27.35 23.71
N9A NDP E . 8.21 28.21 22.68
C8A NDP E . 7.87 27.86 21.39
N7A NDP E . 7.45 28.87 20.66
C5A NDP E . 7.53 29.96 21.52
C6A NDP E . 7.24 31.33 21.35
N6A NDP E . 6.86 31.87 20.18
N1A NDP E . 7.40 32.14 22.42
C2A NDP E . 7.80 31.61 23.58
N3A NDP E . 8.11 30.34 23.86
C4A NDP E . 7.97 29.56 22.78
O3 NDP E . 9.20 23.26 19.50
PN NDP E . 8.15 22.14 19.96
O1N NDP E . 7.95 22.15 21.42
O2N NDP E . 6.83 22.39 19.23
O5D NDP E . 8.85 20.92 19.28
C5D NDP E . 9.66 19.89 19.88
C4D NDP E . 9.54 18.72 18.92
O4D NDP E . 8.20 18.67 18.39
C3D NDP E . 10.50 18.73 17.72
O3D NDP E . 11.17 17.47 17.57
C2D NDP E . 9.57 19.06 16.53
O2D NDP E . 10.05 18.44 15.34
C1D NDP E . 8.27 18.41 17.00
N1N NDP E . 7.02 18.87 16.35
C2N NDP E . 6.09 19.61 17.05
C3N NDP E . 4.90 20.00 16.55
C7N NDP E . 3.94 20.73 17.45
O7N NDP E . 2.72 20.74 17.20
N7N NDP E . 4.41 21.30 18.55
C4N NDP E . 4.50 19.63 15.14
C5N NDP E . 5.61 18.87 14.46
C6N NDP E . 6.74 18.53 15.05
P2B NDP E . 5.60 26.74 25.40
O1X NDP E . 5.08 25.48 24.77
O2X NDP E . 5.18 26.96 26.87
O3X NDP E . 5.28 27.97 24.58
PA NDP F . 3.17 -2.14 33.17
O1A NDP F . 1.92 -2.68 33.77
O2A NDP F . 4.07 -3.31 32.77
O5B NDP F . 3.99 -1.14 34.09
C5B NDP F . 3.31 -0.10 34.81
C4B NDP F . 3.99 0.04 36.15
O4B NDP F . 4.14 -1.27 36.74
C3B NDP F . 5.37 0.68 36.12
O3B NDP F . 5.53 1.64 37.15
C2B NDP F . 6.32 -0.52 36.27
O2B NDP F . 7.57 -0.21 36.93
C1B NDP F . 5.49 -1.51 37.09
N9A NDP F . 5.82 -2.91 36.80
C8A NDP F . 5.70 -3.55 35.60
N7A NDP F . 6.08 -4.80 35.63
C5A NDP F . 6.47 -5.00 36.94
C6A NDP F . 6.95 -6.14 37.64
N6A NDP F . 7.17 -7.31 37.06
N1A NDP F . 7.22 -6.01 38.96
C2A NDP F . 7.03 -4.82 39.54
N3A NDP F . 6.58 -3.68 38.99
C4A NDP F . 6.31 -3.84 37.68
O3 NDP F . 2.87 -1.24 31.89
PN NDP F . 3.72 -0.32 30.91
O1N NDP F . 4.35 0.78 31.67
O2N NDP F . 4.78 -1.15 30.19
O5D NDP F . 2.60 0.08 29.83
C5D NDP F . 1.95 1.35 29.69
C4D NDP F . 1.42 1.48 28.28
O4D NDP F . 2.41 1.03 27.32
C3D NDP F . 0.13 0.74 27.95
O3D NDP F . -0.73 1.60 27.21
C2D NDP F . 0.61 -0.45 27.14
O2D NDP F . -0.42 -0.90 26.25
C1D NDP F . 1.79 0.17 26.38
N1N NDP F . 2.80 -0.75 25.80
C2N NDP F . 4.02 -0.92 26.39
C3N NDP F . 5.00 -1.69 25.87
C7N NDP F . 6.32 -1.73 26.60
O7N NDP F . 7.39 -1.86 25.97
N7N NDP F . 6.31 -1.63 27.93
C4N NDP F . 4.78 -2.45 24.58
C5N NDP F . 3.41 -2.21 24.04
C6N NDP F . 2.54 -1.41 24.63
P2B NDP F . 8.94 -0.26 36.14
O1X NDP F . 8.63 -0.25 34.64
O2X NDP F . 9.71 1.01 36.63
O3X NDP F . 9.67 -1.52 36.58
PA NDP G . -1.74 -23.24 -22.89
O1A NDP G . -0.45 -22.92 -23.56
O2A NDP G . -1.53 -24.51 -22.05
O5B NDP G . -3.07 -23.33 -23.83
C5B NDP G . -3.01 -22.84 -25.18
C4B NDP G . -3.36 -23.94 -26.15
O4B NDP G . -2.82 -25.21 -25.71
C3B NDP G . -4.87 -24.16 -26.36
O3B NDP G . -5.18 -24.36 -27.73
C2B NDP G . -5.13 -25.39 -25.49
O2B NDP G . -6.29 -26.15 -25.91
C1B NDP G . -3.84 -26.18 -25.61
N9A NDP G . -3.57 -27.08 -24.50
C8A NDP G . -3.35 -26.74 -23.18
N7A NDP G . -3.15 -27.77 -22.39
C5A NDP G . -3.23 -28.86 -23.24
C6A NDP G . -3.13 -30.25 -23.01
N6A NDP G . -2.78 -30.80 -21.84
N1A NDP G . -3.33 -31.08 -24.07
C2A NDP G . -3.60 -30.54 -25.26
N3A NDP G . -3.68 -29.26 -25.60
C4A NDP G . -3.50 -28.46 -24.54
O3 NDP G . -2.14 -22.08 -21.87
PN NDP G . -3.43 -21.18 -21.56
O1N NDP G . -4.25 -20.94 -22.78
O2N NDP G . -4.24 -21.90 -20.48
O5D NDP G . -2.77 -19.89 -20.93
C5D NDP G . -2.26 -18.76 -21.68
C4D NDP G . -2.20 -17.58 -20.74
O4D NDP G . -3.32 -17.64 -19.85
C3D NDP G . -0.97 -17.53 -19.82
O3D NDP G . 0.13 -16.90 -20.46
C2D NDP G . -1.49 -16.71 -18.63
O2D NDP G . -1.28 -15.31 -18.75
C1D NDP G . -3.00 -17.00 -18.63
N1N NDP G . -3.53 -17.78 -17.50
C2N NDP G . -4.42 -18.79 -17.72
C3N NDP G . -4.99 -19.50 -16.73
C7N NDP G . -6.10 -20.42 -17.13
O7N NDP G . -7.17 -20.42 -16.51
N7N NDP G . -5.90 -21.22 -18.18
C4N NDP G . -4.63 -19.26 -15.29
C5N NDP G . -3.64 -18.16 -15.16
C6N NDP G . -3.16 -17.49 -16.20
P2B NDP G . -7.71 -25.86 -25.27
O1X NDP G . -8.09 -24.36 -25.26
O2X NDP G . -8.68 -26.71 -26.11
O3X NDP G . -7.58 -26.44 -23.90
PA NDP H . -10.50 0.52 -30.72
O1A NDP H . -11.29 1.77 -30.55
O2A NDP H . -9.16 0.79 -31.40
O5B NDP H . -11.24 -0.63 -31.60
C5B NDP H . -10.48 -1.65 -32.29
C4B NDP H . -10.66 -1.52 -33.78
O4B NDP H . -11.21 -0.22 -34.12
C3B NDP H . -9.37 -1.67 -34.58
O3B NDP H . -9.51 -2.64 -35.61
C2B NDP H . -9.10 -0.27 -35.12
O2B NDP H . -8.43 -0.30 -36.41
C1B NDP H . -10.49 0.35 -35.20
N9A NDP H . -10.50 1.81 -35.06
C8A NDP H . -10.29 2.54 -33.92
N7A NDP H . -10.44 3.83 -34.07
C5A NDP H . -10.78 3.97 -35.41
C6A NDP H . -11.11 5.09 -36.22
N6A NDP H . -11.18 6.34 -35.75
N1A NDP H . -11.40 4.87 -37.52
C2A NDP H . -11.36 3.62 -37.98
N3A NDP H . -11.08 2.48 -37.32
C4A NDP H . -10.80 2.73 -36.03
O3 NDP H . -10.15 -0.11 -29.30
PN NDP H . -8.80 -0.81 -28.87
O1N NDP H . -8.48 -1.87 -29.86
O2N NDP H . -7.72 0.28 -28.90
O5D NDP H . -8.99 -1.32 -27.35
C5D NDP H . -8.81 -2.69 -26.91
C4D NDP H . -8.36 -2.77 -25.47
O4D NDP H . -7.13 -2.02 -25.27
C3D NDP H . -9.34 -2.28 -24.40
O3D NDP H . -9.37 -3.19 -23.30
C2D NDP H . -8.76 -0.92 -24.03
O2D NDP H . -9.08 -0.50 -22.71
C1D NDP H . -7.27 -1.20 -24.13
N1N NDP H . -6.41 -0.02 -24.26
C2N NDP H . -5.98 0.43 -25.48
C3N NDP H . -5.14 1.46 -25.63
C7N NDP H . -4.55 1.69 -26.99
O7N NDP H . -3.44 2.23 -27.10
N7N NDP H . -5.23 1.28 -28.06
C4N NDP H . -4.68 2.27 -24.45
C5N NDP H . -5.19 1.69 -23.17
C6N NDP H . -5.98 0.64 -23.13
P2B NDP H . -6.83 -0.13 -36.47
O1X NDP H . -6.28 -0.24 -35.07
O2X NDP H . -6.31 -1.23 -37.43
O3X NDP H . -6.62 1.23 -37.09
#